data_1GBD
# 
_entry.id   1GBD 
# 
_audit_conform.dict_name       mmcif_pdbx.dic 
_audit_conform.dict_version    5.398 
_audit_conform.dict_location   http://mmcif.pdb.org/dictionaries/ascii/mmcif_pdbx.dic 
# 
loop_
_database_2.database_id 
_database_2.database_code 
_database_2.pdbx_database_accession 
_database_2.pdbx_DOI 
PDB   1GBD         pdb_00001gbd 10.2210/pdb1gbd/pdb 
WWPDB D_1000173493 ?            ?                   
# 
loop_
_pdbx_audit_revision_history.ordinal 
_pdbx_audit_revision_history.data_content_type 
_pdbx_audit_revision_history.major_revision 
_pdbx_audit_revision_history.minor_revision 
_pdbx_audit_revision_history.revision_date 
1 'Structure model' 1 0 1996-01-29 
2 'Structure model' 1 1 2008-03-24 
3 'Structure model' 1 2 2011-07-13 
4 'Structure model' 1 3 2012-12-12 
5 'Structure model' 1 4 2021-11-03 
6 'Structure model' 1 5 2024-11-06 
# 
_pdbx_audit_revision_details.ordinal             1 
_pdbx_audit_revision_details.revision_ordinal    1 
_pdbx_audit_revision_details.data_content_type   'Structure model' 
_pdbx_audit_revision_details.provider            repository 
_pdbx_audit_revision_details.type                'Initial release' 
_pdbx_audit_revision_details.description         ? 
_pdbx_audit_revision_details.details             ? 
# 
loop_
_pdbx_audit_revision_group.ordinal 
_pdbx_audit_revision_group.revision_ordinal 
_pdbx_audit_revision_group.data_content_type 
_pdbx_audit_revision_group.group 
1  2 'Structure model' 'Version format compliance' 
2  3 'Structure model' 'Atomic model'              
3  3 'Structure model' 'Database references'       
4  3 'Structure model' 'Derived calculations'      
5  3 'Structure model' 'Non-polymer description'   
6  3 'Structure model' 'Structure summary'         
7  3 'Structure model' 'Version format compliance' 
8  4 'Structure model' Other                       
9  5 'Structure model' 'Database references'       
10 5 'Structure model' 'Derived calculations'      
11 5 'Structure model' Other                       
12 6 'Structure model' 'Data collection'           
13 6 'Structure model' 'Structure summary'         
# 
loop_
_pdbx_audit_revision_category.ordinal 
_pdbx_audit_revision_category.revision_ordinal 
_pdbx_audit_revision_category.data_content_type 
_pdbx_audit_revision_category.category 
1 5 'Structure model' database_2                
2 5 'Structure model' pdbx_database_status      
3 5 'Structure model' struct_conn               
4 5 'Structure model' struct_ref_seq            
5 5 'Structure model' struct_ref_seq_dif        
6 6 'Structure model' chem_comp_atom            
7 6 'Structure model' chem_comp_bond            
8 6 'Structure model' pdbx_entry_details        
9 6 'Structure model' pdbx_modification_feature 
# 
loop_
_pdbx_audit_revision_item.ordinal 
_pdbx_audit_revision_item.revision_ordinal 
_pdbx_audit_revision_item.data_content_type 
_pdbx_audit_revision_item.item 
1  5 'Structure model' '_database_2.pdbx_DOI'                         
2  5 'Structure model' '_database_2.pdbx_database_accession'          
3  5 'Structure model' '_pdbx_database_status.process_site'           
4  5 'Structure model' '_struct_conn.pdbx_dist_value'                 
5  5 'Structure model' '_struct_conn.pdbx_leaving_atom_flag'          
6  5 'Structure model' '_struct_conn.ptnr1_auth_asym_id'              
7  5 'Structure model' '_struct_conn.ptnr1_auth_comp_id'              
8  5 'Structure model' '_struct_conn.ptnr1_auth_seq_id'               
9  5 'Structure model' '_struct_conn.ptnr1_label_asym_id'             
10 5 'Structure model' '_struct_conn.ptnr1_label_atom_id'             
11 5 'Structure model' '_struct_conn.ptnr1_label_comp_id'             
12 5 'Structure model' '_struct_conn.ptnr1_label_seq_id'              
13 5 'Structure model' '_struct_conn.ptnr2_auth_asym_id'              
14 5 'Structure model' '_struct_conn.ptnr2_auth_comp_id'              
15 5 'Structure model' '_struct_conn.ptnr2_auth_seq_id'               
16 5 'Structure model' '_struct_conn.ptnr2_label_asym_id'             
17 5 'Structure model' '_struct_conn.ptnr2_label_atom_id'             
18 5 'Structure model' '_struct_conn.ptnr2_label_comp_id'             
19 5 'Structure model' '_struct_conn.ptnr2_label_seq_id'              
20 5 'Structure model' '_struct_ref_seq.db_align_beg'                 
21 5 'Structure model' '_struct_ref_seq.db_align_end'                 
22 5 'Structure model' '_struct_ref_seq_dif.details'                  
23 6 'Structure model' '_pdbx_entry_details.has_protein_modification' 
# 
_pdbx_database_status.status_code                     REL 
_pdbx_database_status.entry_id                        1GBD 
_pdbx_database_status.recvd_initial_deposition_date   1995-09-06 
_pdbx_database_status.deposit_site                    ? 
_pdbx_database_status.process_site                    BNL 
_pdbx_database_status.status_code_sf                  REL 
_pdbx_database_status.status_code_mr                  ? 
_pdbx_database_status.SG_entry                        ? 
_pdbx_database_status.status_code_cs                  ? 
_pdbx_database_status.pdb_format_compatible           Y 
_pdbx_database_status.status_code_nmr_data            ? 
_pdbx_database_status.methods_development_category    ? 
# 
loop_
_audit_author.name 
_audit_author.pdbx_ordinal 
'Mace, J.E.'  1 
'Agard, D.A.' 2 
# 
loop_
_citation.id 
_citation.title 
_citation.journal_abbrev 
_citation.journal_volume 
_citation.page_first 
_citation.page_last 
_citation.year 
_citation.journal_id_ASTM 
_citation.country 
_citation.journal_id_ISSN 
_citation.journal_id_CSD 
_citation.book_publisher 
_citation.pdbx_database_id_PubMed 
_citation.pdbx_database_id_DOI 
primary 
;Kinetic and structural characterization of mutations of glycine 216 in alpha-lytic protease: a new target for engineering substrate specificity.
;
J.Mol.Biol.  254 720   736 1995 JMOBAK UK 0022-2836 0070 ? 7500345 10.1006/jmbi.1995.0650 
1       'Structural Basis for Broad Specificity in Alpha-Lytic Protease' Biochemistry 30  10388 ?   1991 BICHAW US 0006-2960 0033 
? ?       ?                      
2       'Structural Plasticity Broadens the Specificity of an Engineered Protease' Nature       339 191   ?   1989 NATUAS UK 
0028-0836 0006 ? ?       ?                      
3       'Structural Analysis of Specificity: Alpha-Lytic Protease Complexes with Analogues of Reaction Intermediates' Biochemistry 
28  7600  ?   1989 BICHAW US 0006-2960 0033 ? ?       ?                      
4       
'Serine Protease Mechanism: Structure of an Inhibitory Complex of Alpha-Lytic Protease and a Tightly Bound Peptide Boronic Acid' 
Biochemistry 27  7609  ?   1987 BICHAW US 0006-2960 0033 ? ?       ?                      
5       
'Refined Structure of Alpha-Lytic Protease at 1.7 Angstroms Resolution. Analysis of Hydrogen Bonding and Solvent Structure' 
J.Mol.Biol.  184 479   ?   1985 JMOBAK UK 0022-2836 0070 ? ?       ?                      
6       'Molecular Structure of the Alpha-Lytic Protease from Myxobacter 495 at 2.8 Angstroms Resolution' J.Mol.Biol.  131 743   ? 
1979 JMOBAK UK 0022-2836 0070 ? ?       ?                      
# 
loop_
_citation_author.citation_id 
_citation_author.name 
_citation_author.ordinal 
_citation_author.identifier_ORCID 
primary 'Mace, J.E.'       1  ? 
primary 'Agard, D.A.'      2  ? 
1       'Bone, R.'         3  ? 
1       'Fujushige, A.'    4  ? 
1       'Kettner, C.A.'    5  ? 
1       'Agard, D.A.'      6  ? 
2       'Bone, R.'         7  ? 
2       'Silen, J.L.'      8  ? 
2       'Agard, D.A.'      9  ? 
3       'Bone, R.'         10 ? 
3       'Frank, D.'        11 ? 
3       'Kettner, D.'      12 ? 
3       'Agard, D.A.'      13 ? 
4       'Bone, R.'         14 ? 
4       'Shenvi, A.B.'     15 ? 
4       'Kettner, C.A.'    16 ? 
4       'Agard, D.A.'      17 ? 
5       'Fujinaga, M.'     18 ? 
5       'Delbaere, L.T.J.' 19 ? 
5       'Brayer, G.D.'     20 ? 
5       'James, M.N.G.'    21 ? 
6       'Brayer, G.D.'     22 ? 
6       'Delbaere, L.T.J.' 23 ? 
6       'James, M.N.G.'    24 ? 
# 
loop_
_entity.id 
_entity.type 
_entity.src_method 
_entity.pdbx_description 
_entity.formula_weight 
_entity.pdbx_number_of_molecules 
_entity.pdbx_ec 
_entity.pdbx_mutation 
_entity.pdbx_fragment 
_entity.details 
1 polymer     man 'ALPHA-LYTIC PROTEASE'                                             19829.041 1   3.4.21.12 'M190A, G216A' ? ? 
2 polymer     syn 'METHOXYSUCCINYL-ALA-ALA-PRO-PHENYLALANINE BORONIC ACID INHIBITOR' 518.367   1   ?         ?              ? ? 
3 non-polymer syn 'SULFATE ION'                                                      96.063    2   ?         ?              ? ? 
4 water       nat water                                                              18.015    156 ?         ?              ? ? 
# 
loop_
_entity_poly.entity_id 
_entity_poly.type 
_entity_poly.nstd_linkage 
_entity_poly.nstd_monomer 
_entity_poly.pdbx_seq_one_letter_code 
_entity_poly.pdbx_seq_one_letter_code_can 
_entity_poly.pdbx_strand_id 
_entity_poly.pdbx_target_identifier 
1 'polypeptide(L)' no no  
;ANIVGGIEYSINNASLCSVGFSVTRGATKGFVTAGHCGTVNATARIGGAVVGTFAARVFPGNDRAWVSLTSAQTLLPRVA
NGSSFVTVRGSTEAAVGAAVCRSGRTTGYQCGTITAKNVTANYAEGAVRGLTQGNACAGRGDSGGSWITSAGQAQGVMSG
ANVQSNGNNCGIPASQRSSLFERLQPILSQYGLSLVTG
;
;ANIVGGIEYSINNASLCSVGFSVTRGATKGFVTAGHCGTVNATARIGGAVVGTFAARVFPGNDRAWVSLTSAQTLLPRVA
NGSSFVTVRGSTEAAVGAAVCRSGRTTGYQCGTITAKNVTANYAEGAVRGLTQGNACAGRGDSGGSWITSAGQAQGVMSG
ANVQSNGNNCGIPASQRSSLFERLQPILSQYGLSLVTG
;
A ? 
2 'polypeptide(L)' no yes '(MSU)AAP(B2F)' XAAPF P ? 
# 
loop_
_pdbx_entity_nonpoly.entity_id 
_pdbx_entity_nonpoly.name 
_pdbx_entity_nonpoly.comp_id 
3 'SULFATE ION' SO4 
4 water         HOH 
# 
loop_
_entity_poly_seq.entity_id 
_entity_poly_seq.num 
_entity_poly_seq.mon_id 
_entity_poly_seq.hetero 
1 1   ALA n 
1 2   ASN n 
1 3   ILE n 
1 4   VAL n 
1 5   GLY n 
1 6   GLY n 
1 7   ILE n 
1 8   GLU n 
1 9   TYR n 
1 10  SER n 
1 11  ILE n 
1 12  ASN n 
1 13  ASN n 
1 14  ALA n 
1 15  SER n 
1 16  LEU n 
1 17  CYS n 
1 18  SER n 
1 19  VAL n 
1 20  GLY n 
1 21  PHE n 
1 22  SER n 
1 23  VAL n 
1 24  THR n 
1 25  ARG n 
1 26  GLY n 
1 27  ALA n 
1 28  THR n 
1 29  LYS n 
1 30  GLY n 
1 31  PHE n 
1 32  VAL n 
1 33  THR n 
1 34  ALA n 
1 35  GLY n 
1 36  HIS n 
1 37  CYS n 
1 38  GLY n 
1 39  THR n 
1 40  VAL n 
1 41  ASN n 
1 42  ALA n 
1 43  THR n 
1 44  ALA n 
1 45  ARG n 
1 46  ILE n 
1 47  GLY n 
1 48  GLY n 
1 49  ALA n 
1 50  VAL n 
1 51  VAL n 
1 52  GLY n 
1 53  THR n 
1 54  PHE n 
1 55  ALA n 
1 56  ALA n 
1 57  ARG n 
1 58  VAL n 
1 59  PHE n 
1 60  PRO n 
1 61  GLY n 
1 62  ASN n 
1 63  ASP n 
1 64  ARG n 
1 65  ALA n 
1 66  TRP n 
1 67  VAL n 
1 68  SER n 
1 69  LEU n 
1 70  THR n 
1 71  SER n 
1 72  ALA n 
1 73  GLN n 
1 74  THR n 
1 75  LEU n 
1 76  LEU n 
1 77  PRO n 
1 78  ARG n 
1 79  VAL n 
1 80  ALA n 
1 81  ASN n 
1 82  GLY n 
1 83  SER n 
1 84  SER n 
1 85  PHE n 
1 86  VAL n 
1 87  THR n 
1 88  VAL n 
1 89  ARG n 
1 90  GLY n 
1 91  SER n 
1 92  THR n 
1 93  GLU n 
1 94  ALA n 
1 95  ALA n 
1 96  VAL n 
1 97  GLY n 
1 98  ALA n 
1 99  ALA n 
1 100 VAL n 
1 101 CYS n 
1 102 ARG n 
1 103 SER n 
1 104 GLY n 
1 105 ARG n 
1 106 THR n 
1 107 THR n 
1 108 GLY n 
1 109 TYR n 
1 110 GLN n 
1 111 CYS n 
1 112 GLY n 
1 113 THR n 
1 114 ILE n 
1 115 THR n 
1 116 ALA n 
1 117 LYS n 
1 118 ASN n 
1 119 VAL n 
1 120 THR n 
1 121 ALA n 
1 122 ASN n 
1 123 TYR n 
1 124 ALA n 
1 125 GLU n 
1 126 GLY n 
1 127 ALA n 
1 128 VAL n 
1 129 ARG n 
1 130 GLY n 
1 131 LEU n 
1 132 THR n 
1 133 GLN n 
1 134 GLY n 
1 135 ASN n 
1 136 ALA n 
1 137 CYS n 
1 138 ALA n 
1 139 GLY n 
1 140 ARG n 
1 141 GLY n 
1 142 ASP n 
1 143 SER n 
1 144 GLY n 
1 145 GLY n 
1 146 SER n 
1 147 TRP n 
1 148 ILE n 
1 149 THR n 
1 150 SER n 
1 151 ALA n 
1 152 GLY n 
1 153 GLN n 
1 154 ALA n 
1 155 GLN n 
1 156 GLY n 
1 157 VAL n 
1 158 MET n 
1 159 SER n 
1 160 GLY n 
1 161 ALA n 
1 162 ASN n 
1 163 VAL n 
1 164 GLN n 
1 165 SER n 
1 166 ASN n 
1 167 GLY n 
1 168 ASN n 
1 169 ASN n 
1 170 CYS n 
1 171 GLY n 
1 172 ILE n 
1 173 PRO n 
1 174 ALA n 
1 175 SER n 
1 176 GLN n 
1 177 ARG n 
1 178 SER n 
1 179 SER n 
1 180 LEU n 
1 181 PHE n 
1 182 GLU n 
1 183 ARG n 
1 184 LEU n 
1 185 GLN n 
1 186 PRO n 
1 187 ILE n 
1 188 LEU n 
1 189 SER n 
1 190 GLN n 
1 191 TYR n 
1 192 GLY n 
1 193 LEU n 
1 194 SER n 
1 195 LEU n 
1 196 VAL n 
1 197 THR n 
1 198 GLY n 
2 1   MSU n 
2 2   ALA n 
2 3   ALA n 
2 4   PRO n 
2 5   B2F n 
# 
_entity_src_gen.entity_id                          1 
_entity_src_gen.pdbx_src_id                        1 
_entity_src_gen.pdbx_alt_source_flag               sample 
_entity_src_gen.pdbx_seq_type                      ? 
_entity_src_gen.pdbx_beg_seq_num                   ? 
_entity_src_gen.pdbx_end_seq_num                   ? 
_entity_src_gen.gene_src_common_name               ? 
_entity_src_gen.gene_src_genus                     Lysobacter 
_entity_src_gen.pdbx_gene_src_gene                 'ALPHA-LYTIC PROTEASE PREPROENZ' 
_entity_src_gen.gene_src_species                   ? 
_entity_src_gen.gene_src_strain                    495 
_entity_src_gen.gene_src_tissue                    ? 
_entity_src_gen.gene_src_tissue_fraction           ? 
_entity_src_gen.gene_src_details                   ? 
_entity_src_gen.pdbx_gene_src_fragment             ? 
_entity_src_gen.pdbx_gene_src_scientific_name      'Lysobacter enzymogenes' 
_entity_src_gen.pdbx_gene_src_ncbi_taxonomy_id     69 
_entity_src_gen.pdbx_gene_src_variant              ? 
_entity_src_gen.pdbx_gene_src_cell_line            ? 
_entity_src_gen.pdbx_gene_src_atcc                 29487 
_entity_src_gen.pdbx_gene_src_organ                ? 
_entity_src_gen.pdbx_gene_src_organelle            ? 
_entity_src_gen.pdbx_gene_src_cell                 ? 
_entity_src_gen.pdbx_gene_src_cellular_location    ? 
_entity_src_gen.host_org_common_name               ? 
_entity_src_gen.pdbx_host_org_scientific_name      'Escherichia coli' 
_entity_src_gen.pdbx_host_org_ncbi_taxonomy_id     562 
_entity_src_gen.host_org_genus                     Escherichia 
_entity_src_gen.pdbx_host_org_gene                 'ALPHA-LYTIC PROTEASE PREPROENZYME' 
_entity_src_gen.pdbx_host_org_organ                ? 
_entity_src_gen.host_org_species                   ? 
_entity_src_gen.pdbx_host_org_tissue               ? 
_entity_src_gen.pdbx_host_org_tissue_fraction      ? 
_entity_src_gen.pdbx_host_org_strain               ? 
_entity_src_gen.pdbx_host_org_variant              ? 
_entity_src_gen.pdbx_host_org_cell_line            ? 
_entity_src_gen.pdbx_host_org_atcc                 ? 
_entity_src_gen.pdbx_host_org_culture_collection   ? 
_entity_src_gen.pdbx_host_org_cell                 ? 
_entity_src_gen.pdbx_host_org_organelle            ? 
_entity_src_gen.pdbx_host_org_cellular_location    ? 
_entity_src_gen.pdbx_host_org_vector_type          ? 
_entity_src_gen.pdbx_host_org_vector               ? 
_entity_src_gen.host_org_details                   ? 
_entity_src_gen.expression_system_id               ? 
_entity_src_gen.plasmid_name                       'PALP12 (PBR322-DERIVATIVE)' 
_entity_src_gen.plasmid_details                    ? 
_entity_src_gen.pdbx_description                   ? 
# 
loop_
_chem_comp.id 
_chem_comp.type 
_chem_comp.mon_nstd_flag 
_chem_comp.name 
_chem_comp.pdbx_synonyms 
_chem_comp.formula 
_chem_comp.formula_weight 
ALA 'L-peptide linking' y ALANINE                          ? 'C3 H7 N O2'     89.093  
ARG 'L-peptide linking' y ARGININE                         ? 'C6 H15 N4 O2 1' 175.209 
ASN 'L-peptide linking' y ASPARAGINE                       ? 'C4 H8 N2 O3'    132.118 
ASP 'L-peptide linking' y 'ASPARTIC ACID'                  ? 'C4 H7 N O4'     133.103 
B2F peptide-like        n 'PHENYLALANINE BORONIC ACID'     ? 'C8 H12 B N O2'  164.997 
CYS 'L-peptide linking' y CYSTEINE                         ? 'C3 H7 N O2 S'   121.158 
GLN 'L-peptide linking' y GLUTAMINE                        ? 'C5 H10 N2 O3'   146.144 
GLU 'L-peptide linking' y 'GLUTAMIC ACID'                  ? 'C5 H9 N O4'     147.129 
GLY 'peptide linking'   y GLYCINE                          ? 'C2 H5 N O2'     75.067  
HIS 'L-peptide linking' y HISTIDINE                        ? 'C6 H10 N3 O2 1' 156.162 
HOH non-polymer         . WATER                            ? 'H2 O'           18.015  
ILE 'L-peptide linking' y ISOLEUCINE                       ? 'C6 H13 N O2'    131.173 
LEU 'L-peptide linking' y LEUCINE                          ? 'C6 H13 N O2'    131.173 
LYS 'L-peptide linking' y LYSINE                           ? 'C6 H15 N2 O2 1' 147.195 
MET 'L-peptide linking' y METHIONINE                       ? 'C5 H11 N O2 S'  149.211 
MSU non-polymer         . 'SUCCINIC ACID MONOMETHYL ESTER' ? 'C5 H8 O4'       132.115 
PHE 'L-peptide linking' y PHENYLALANINE                    ? 'C9 H11 N O2'    165.189 
PRO 'L-peptide linking' y PROLINE                          ? 'C5 H9 N O2'     115.130 
SER 'L-peptide linking' y SERINE                           ? 'C3 H7 N O3'     105.093 
SO4 non-polymer         . 'SULFATE ION'                    ? 'O4 S -2'        96.063  
THR 'L-peptide linking' y THREONINE                        ? 'C4 H9 N O3'     119.119 
TRP 'L-peptide linking' y TRYPTOPHAN                       ? 'C11 H12 N2 O2'  204.225 
TYR 'L-peptide linking' y TYROSINE                         ? 'C9 H11 N O3'    181.189 
VAL 'L-peptide linking' y VALINE                           ? 'C5 H11 N O2'    117.146 
# 
loop_
_pdbx_poly_seq_scheme.asym_id 
_pdbx_poly_seq_scheme.entity_id 
_pdbx_poly_seq_scheme.seq_id 
_pdbx_poly_seq_scheme.mon_id 
_pdbx_poly_seq_scheme.ndb_seq_num 
_pdbx_poly_seq_scheme.pdb_seq_num 
_pdbx_poly_seq_scheme.auth_seq_num 
_pdbx_poly_seq_scheme.pdb_mon_id 
_pdbx_poly_seq_scheme.auth_mon_id 
_pdbx_poly_seq_scheme.pdb_strand_id 
_pdbx_poly_seq_scheme.pdb_ins_code 
_pdbx_poly_seq_scheme.hetero 
A 1 1   ALA 1   15  15  ALA ALA A A n 
A 1 2   ASN 2   15  15  ASN ASN A B n 
A 1 3   ILE 3   16  16  ILE ILE A . n 
A 1 4   VAL 4   17  17  VAL VAL A . n 
A 1 5   GLY 5   18  18  GLY GLY A . n 
A 1 6   GLY 6   19  19  GLY GLY A . n 
A 1 7   ILE 7   31  31  ILE ILE A . n 
A 1 8   GLU 8   32  32  GLU GLU A . n 
A 1 9   TYR 9   33  33  TYR TYR A . n 
A 1 10  SER 10  34  34  SER SER A . n 
A 1 11  ILE 11  35  35  ILE ILE A . n 
A 1 12  ASN 12  36  36  ASN ASN A . n 
A 1 13  ASN 13  38  38  ASN ASN A . n 
A 1 14  ALA 14  39  39  ALA ALA A . n 
A 1 15  SER 15  40  40  SER SER A . n 
A 1 16  LEU 16  41  41  LEU LEU A . n 
A 1 17  CYS 17  42  42  CYS CYS A . n 
A 1 18  SER 18  43  43  SER SER A . n 
A 1 19  VAL 19  44  44  VAL VAL A . n 
A 1 20  GLY 20  44  44  GLY GLY A A n 
A 1 21  PHE 21  45  45  PHE PHE A . n 
A 1 22  SER 22  46  46  SER SER A . n 
A 1 23  VAL 23  47  47  VAL VAL A . n 
A 1 24  THR 24  48  48  THR THR A . n 
A 1 25  ARG 25  48  48  ARG ARG A A n 
A 1 26  GLY 26  48  48  GLY GLY A B n 
A 1 27  ALA 27  48  48  ALA ALA A C n 
A 1 28  THR 28  49  49  THR THR A . n 
A 1 29  LYS 29  50  50  LYS LYS A . n 
A 1 30  GLY 30  51  51  GLY GLY A . n 
A 1 31  PHE 31  52  52  PHE PHE A . n 
A 1 32  VAL 32  53  53  VAL VAL A . n 
A 1 33  THR 33  54  54  THR THR A . n 
A 1 34  ALA 34  55  55  ALA ALA A . n 
A 1 35  GLY 35  56  56  GLY GLY A . n 
A 1 36  HIS 36  57  57  HIS HIS A . n 
A 1 37  CYS 37  58  58  CYS CYS A . n 
A 1 38  GLY 38  59  59  GLY GLY A . n 
A 1 39  THR 39  59  59  THR THR A A n 
A 1 40  VAL 40  59  59  VAL VAL A B n 
A 1 41  ASN 41  60  60  ASN ASN A . n 
A 1 42  ALA 42  61  61  ALA ALA A . n 
A 1 43  THR 43  62  62  THR THR A . n 
A 1 44  ALA 44  64  64  ALA ALA A . n 
A 1 45  ARG 45  65  65  ARG ARG A . n 
A 1 46  ILE 46  66  66  ILE ILE A . n 
A 1 47  GLY 47  67  67  GLY GLY A . n 
A 1 48  GLY 48  81  81  GLY GLY A . n 
A 1 49  ALA 49  82  82  ALA ALA A . n 
A 1 50  VAL 50  83  83  VAL VAL A . n 
A 1 51  VAL 51  84  84  VAL VAL A . n 
A 1 52  GLY 52  85  85  GLY GLY A . n 
A 1 53  THR 53  87  87  THR THR A . n 
A 1 54  PHE 54  88  88  PHE PHE A . n 
A 1 55  ALA 55  88  88  ALA ALA A A n 
A 1 56  ALA 56  89  89  ALA ALA A . n 
A 1 57  ARG 57  90  90  ARG ARG A . n 
A 1 58  VAL 58  91  91  VAL VAL A . n 
A 1 59  PHE 59  94  94  PHE PHE A . n 
A 1 60  PRO 60  95  95  PRO PRO A . n 
A 1 61  GLY 61  100 100 GLY GLY A . n 
A 1 62  ASN 62  101 101 ASN ASN A . n 
A 1 63  ASP 63  102 102 ASP ASP A . n 
A 1 64  ARG 64  103 103 ARG ARG A . n 
A 1 65  ALA 65  104 104 ALA ALA A . n 
A 1 66  TRP 66  105 105 TRP TRP A . n 
A 1 67  VAL 67  106 106 VAL VAL A . n 
A 1 68  SER 68  107 107 SER SER A . n 
A 1 69  LEU 69  108 108 LEU LEU A . n 
A 1 70  THR 70  109 109 THR THR A . n 
A 1 71  SER 71  110 110 SER SER A . n 
A 1 72  ALA 72  111 111 ALA ALA A . n 
A 1 73  GLN 73  112 112 GLN GLN A . n 
A 1 74  THR 74  113 113 THR THR A . n 
A 1 75  LEU 75  114 114 LEU LEU A . n 
A 1 76  LEU 76  119 119 LEU LEU A . n 
A 1 77  PRO 77  120 120 PRO PRO A . n 
A 1 78  ARG 78  120 120 ARG ARG A A n 
A 1 79  VAL 79  120 120 VAL VAL A B n 
A 1 80  ALA 80  120 120 ALA ALA A C n 
A 1 81  ASN 81  120 120 ASN ASN A D n 
A 1 82  GLY 82  120 120 GLY GLY A E n 
A 1 83  SER 83  120 120 SER SER A G n 
A 1 84  SER 84  120 120 SER SER A H n 
A 1 85  PHE 85  120 120 PHE PHE A I n 
A 1 86  VAL 86  120 120 VAL VAL A J n 
A 1 87  THR 87  120 120 THR THR A K n 
A 1 88  VAL 88  121 121 VAL VAL A . n 
A 1 89  ARG 89  122 122 ARG ARG A . n 
A 1 90  GLY 90  123 123 GLY GLY A . n 
A 1 91  SER 91  124 124 SER SER A . n 
A 1 92  THR 92  125 125 THR THR A . n 
A 1 93  GLU 93  129 129 GLU GLU A . n 
A 1 94  ALA 94  130 130 ALA ALA A . n 
A 1 95  ALA 95  131 131 ALA ALA A . n 
A 1 96  VAL 96  132 132 VAL VAL A . n 
A 1 97  GLY 97  133 133 GLY GLY A . n 
A 1 98  ALA 98  134 134 ALA ALA A . n 
A 1 99  ALA 99  135 135 ALA ALA A . n 
A 1 100 VAL 100 136 136 VAL VAL A . n 
A 1 101 CYS 101 137 137 CYS CYS A . n 
A 1 102 ARG 102 138 138 ARG ARG A . n 
A 1 103 SER 103 139 139 SER SER A . n 
A 1 104 GLY 104 140 140 GLY GLY A . n 
A 1 105 ARG 105 141 141 ARG ARG A . n 
A 1 106 THR 106 142 142 THR THR A . n 
A 1 107 THR 107 143 143 THR THR A . n 
A 1 108 GLY 108 156 156 GLY GLY A . n 
A 1 109 TYR 109 157 157 TYR TYR A . n 
A 1 110 GLN 110 158 158 GLN GLN A . n 
A 1 111 CYS 111 159 159 CYS CYS A . n 
A 1 112 GLY 112 160 160 GLY GLY A . n 
A 1 113 THR 113 161 161 THR THR A . n 
A 1 114 ILE 114 162 162 ILE ILE A . n 
A 1 115 THR 115 163 163 THR THR A . n 
A 1 116 ALA 116 164 164 ALA ALA A . n 
A 1 117 LYS 117 165 165 LYS LYS A . n 
A 1 118 ASN 118 166 166 ASN ASN A . n 
A 1 119 VAL 119 167 167 VAL VAL A . n 
A 1 120 THR 120 168 168 THR THR A . n 
A 1 121 ALA 121 169 169 ALA ALA A . n 
A 1 122 ASN 122 170 170 ASN ASN A . n 
A 1 123 TYR 123 171 171 TYR TYR A . n 
A 1 124 ALA 124 173 173 ALA ALA A . n 
A 1 125 GLU 125 174 174 GLU GLU A . n 
A 1 126 GLY 126 175 175 GLY GLY A . n 
A 1 127 ALA 127 176 176 ALA ALA A . n 
A 1 128 VAL 128 177 177 VAL VAL A . n 
A 1 129 ARG 129 178 178 ARG ARG A . n 
A 1 130 GLY 130 179 179 GLY GLY A . n 
A 1 131 LEU 131 180 180 LEU LEU A . n 
A 1 132 THR 132 181 181 THR THR A . n 
A 1 133 GLN 133 182 182 GLN GLN A . n 
A 1 134 GLY 134 183 183 GLY GLY A . n 
A 1 135 ASN 135 184 184 ASN ASN A . n 
A 1 136 ALA 136 185 185 ALA ALA A . n 
A 1 137 CYS 137 189 189 CYS CYS A . n 
A 1 138 ALA 138 190 190 ALA ALA A . n 
A 1 139 GLY 139 191 191 GLY GLY A . n 
A 1 140 ARG 140 192 192 ARG ARG A . n 
A 1 141 GLY 141 193 193 GLY GLY A . n 
A 1 142 ASP 142 194 194 ASP ASP A . n 
A 1 143 SER 143 195 195 SER SER A . n 
A 1 144 GLY 144 196 196 GLY GLY A . n 
A 1 145 GLY 145 197 197 GLY GLY A . n 
A 1 146 SER 146 198 198 SER SER A . n 
A 1 147 TRP 147 199 199 TRP TRP A . n 
A 1 148 ILE 148 200 200 ILE ILE A . n 
A 1 149 THR 149 201 201 THR THR A . n 
A 1 150 SER 150 201 201 SER SER A A n 
A 1 151 ALA 151 202 202 ALA ALA A . n 
A 1 152 GLY 152 207 207 GLY GLY A . n 
A 1 153 GLN 153 208 208 GLN GLN A . n 
A 1 154 ALA 154 209 209 ALA ALA A . n 
A 1 155 GLN 155 210 210 GLN GLN A . n 
A 1 156 GLY 156 211 211 GLY GLY A . n 
A 1 157 VAL 157 212 212 VAL VAL A . n 
A 1 158 MET 158 213 213 MET MET A . n 
A 1 159 SER 159 214 214 SER SER A . n 
A 1 160 GLY 160 215 215 GLY GLY A . n 
A 1 161 ALA 161 216 216 ALA ALA A . n 
A 1 162 ASN 162 217 217 ASN ASN A . n 
A 1 163 VAL 163 218 218 VAL VAL A . n 
A 1 164 GLN 164 219 219 GLN GLN A . n 
A 1 165 SER 165 219 219 SER SER A A n 
A 1 166 ASN 166 219 219 ASN ASN A B n 
A 1 167 GLY 167 219 219 GLY GLY A C n 
A 1 168 ASN 168 219 219 ASN ASN A D n 
A 1 169 ASN 169 220 220 ASN ASN A . n 
A 1 170 CYS 170 220 220 CYS CYS A A n 
A 1 171 GLY 171 221 221 GLY GLY A . n 
A 1 172 ILE 172 222 222 ILE ILE A . n 
A 1 173 PRO 173 222 222 PRO PRO A A n 
A 1 174 ALA 174 222 222 ALA ALA A B n 
A 1 175 SER 175 222 222 SER SER A C n 
A 1 176 GLN 176 223 223 GLN GLN A . n 
A 1 177 ARG 177 224 224 ARG ARG A . n 
A 1 178 SER 178 225 225 SER SER A . n 
A 1 179 SER 179 226 226 SER SER A . n 
A 1 180 LEU 180 227 227 LEU LEU A . n 
A 1 181 PHE 181 228 228 PHE PHE A . n 
A 1 182 GLU 182 229 229 GLU GLU A . n 
A 1 183 ARG 183 230 230 ARG ARG A . n 
A 1 184 LEU 184 231 231 LEU LEU A . n 
A 1 185 GLN 185 232 232 GLN GLN A . n 
A 1 186 PRO 186 233 233 PRO PRO A . n 
A 1 187 ILE 187 234 234 ILE ILE A . n 
A 1 188 LEU 188 235 235 LEU LEU A . n 
A 1 189 SER 189 236 236 SER SER A . n 
A 1 190 GLN 190 237 237 GLN GLN A . n 
A 1 191 TYR 191 238 238 TYR TYR A . n 
A 1 192 GLY 192 239 239 GLY GLY A . n 
A 1 193 LEU 193 240 240 LEU LEU A . n 
A 1 194 SER 194 241 241 SER SER A . n 
A 1 195 LEU 195 242 242 LEU LEU A . n 
A 1 196 VAL 196 243 243 VAL VAL A . n 
A 1 197 THR 197 244 244 THR THR A . n 
A 1 198 GLY 198 245 245 GLY GLY A . n 
B 2 1   MSU 1   5   ?   ?   ?   P . n 
B 2 2   ALA 2   4   4   ALA ALA P . n 
B 2 3   ALA 3   3   3   ALA ALA P . n 
B 2 4   PRO 4   2   2   PRO PRO P . n 
B 2 5   B2F 5   1   1   B2F B2F P . n 
# 
loop_
_pdbx_nonpoly_scheme.asym_id 
_pdbx_nonpoly_scheme.entity_id 
_pdbx_nonpoly_scheme.mon_id 
_pdbx_nonpoly_scheme.ndb_seq_num 
_pdbx_nonpoly_scheme.pdb_seq_num 
_pdbx_nonpoly_scheme.auth_seq_num 
_pdbx_nonpoly_scheme.pdb_mon_id 
_pdbx_nonpoly_scheme.auth_mon_id 
_pdbx_nonpoly_scheme.pdb_strand_id 
_pdbx_nonpoly_scheme.pdb_ins_code 
C 3 SO4 1   1   1   SO4 SO4 A . 
D 3 SO4 1   2   2   SO4 SO4 A . 
E 4 HOH 1   246 3   HOH HOH A . 
E 4 HOH 2   247 4   HOH HOH A . 
E 4 HOH 3   248 5   HOH HOH A . 
E 4 HOH 4   249 6   HOH HOH A . 
E 4 HOH 5   250 7   HOH HOH A . 
E 4 HOH 6   251 8   HOH HOH A . 
E 4 HOH 7   252 9   HOH HOH A . 
E 4 HOH 8   253 10  HOH HOH A . 
E 4 HOH 9   254 11  HOH HOH A . 
E 4 HOH 10  255 12  HOH HOH A . 
E 4 HOH 11  256 13  HOH HOH A . 
E 4 HOH 12  257 14  HOH HOH A . 
E 4 HOH 13  258 15  HOH HOH A . 
E 4 HOH 14  259 16  HOH HOH A . 
E 4 HOH 15  260 17  HOH HOH A . 
E 4 HOH 16  261 18  HOH HOH A . 
E 4 HOH 17  262 19  HOH HOH A . 
E 4 HOH 18  263 20  HOH HOH A . 
E 4 HOH 19  264 21  HOH HOH A . 
E 4 HOH 20  265 22  HOH HOH A . 
E 4 HOH 21  266 23  HOH HOH A . 
E 4 HOH 22  267 24  HOH HOH A . 
E 4 HOH 23  268 25  HOH HOH A . 
E 4 HOH 24  269 26  HOH HOH A . 
E 4 HOH 25  270 27  HOH HOH A . 
E 4 HOH 26  271 28  HOH HOH A . 
E 4 HOH 27  272 29  HOH HOH A . 
E 4 HOH 28  273 30  HOH HOH A . 
E 4 HOH 29  274 31  HOH HOH A . 
E 4 HOH 30  275 32  HOH HOH A . 
E 4 HOH 31  276 33  HOH HOH A . 
E 4 HOH 32  277 34  HOH HOH A . 
E 4 HOH 33  278 35  HOH HOH A . 
E 4 HOH 34  279 36  HOH HOH A . 
E 4 HOH 35  280 37  HOH HOH A . 
E 4 HOH 36  281 38  HOH HOH A . 
E 4 HOH 37  282 39  HOH HOH A . 
E 4 HOH 38  283 40  HOH HOH A . 
E 4 HOH 39  284 41  HOH HOH A . 
E 4 HOH 40  285 42  HOH HOH A . 
E 4 HOH 41  286 43  HOH HOH A . 
E 4 HOH 42  287 44  HOH HOH A . 
E 4 HOH 43  288 45  HOH HOH A . 
E 4 HOH 44  289 46  HOH HOH A . 
E 4 HOH 45  290 47  HOH HOH A . 
E 4 HOH 46  291 48  HOH HOH A . 
E 4 HOH 47  292 49  HOH HOH A . 
E 4 HOH 48  293 50  HOH HOH A . 
E 4 HOH 49  294 51  HOH HOH A . 
E 4 HOH 50  295 52  HOH HOH A . 
E 4 HOH 51  296 53  HOH HOH A . 
E 4 HOH 52  297 54  HOH HOH A . 
E 4 HOH 53  298 55  HOH HOH A . 
E 4 HOH 54  299 56  HOH HOH A . 
E 4 HOH 55  300 57  HOH HOH A . 
E 4 HOH 56  301 58  HOH HOH A . 
E 4 HOH 57  302 59  HOH HOH A . 
E 4 HOH 58  303 60  HOH HOH A . 
E 4 HOH 59  304 61  HOH HOH A . 
E 4 HOH 60  305 62  HOH HOH A . 
E 4 HOH 61  306 63  HOH HOH A . 
E 4 HOH 62  307 64  HOH HOH A . 
E 4 HOH 63  308 65  HOH HOH A . 
E 4 HOH 64  309 66  HOH HOH A . 
E 4 HOH 65  310 67  HOH HOH A . 
E 4 HOH 66  311 68  HOH HOH A . 
E 4 HOH 67  312 69  HOH HOH A . 
E 4 HOH 68  313 70  HOH HOH A . 
E 4 HOH 69  314 71  HOH HOH A . 
E 4 HOH 70  315 72  HOH HOH A . 
E 4 HOH 71  316 73  HOH HOH A . 
E 4 HOH 72  317 74  HOH HOH A . 
E 4 HOH 73  318 75  HOH HOH A . 
E 4 HOH 74  319 76  HOH HOH A . 
E 4 HOH 75  320 77  HOH HOH A . 
E 4 HOH 76  321 78  HOH HOH A . 
E 4 HOH 77  322 79  HOH HOH A . 
E 4 HOH 78  323 80  HOH HOH A . 
E 4 HOH 79  324 81  HOH HOH A . 
E 4 HOH 80  325 82  HOH HOH A . 
E 4 HOH 81  326 83  HOH HOH A . 
E 4 HOH 82  327 84  HOH HOH A . 
E 4 HOH 83  328 85  HOH HOH A . 
E 4 HOH 84  329 86  HOH HOH A . 
E 4 HOH 85  330 87  HOH HOH A . 
E 4 HOH 86  331 88  HOH HOH A . 
E 4 HOH 87  332 89  HOH HOH A . 
E 4 HOH 88  333 90  HOH HOH A . 
E 4 HOH 89  334 91  HOH HOH A . 
E 4 HOH 90  335 92  HOH HOH A . 
E 4 HOH 91  336 93  HOH HOH A . 
E 4 HOH 92  337 94  HOH HOH A . 
E 4 HOH 93  338 95  HOH HOH A . 
E 4 HOH 94  339 96  HOH HOH A . 
E 4 HOH 95  340 97  HOH HOH A . 
E 4 HOH 96  341 98  HOH HOH A . 
E 4 HOH 97  342 99  HOH HOH A . 
E 4 HOH 98  343 100 HOH HOH A . 
E 4 HOH 99  344 101 HOH HOH A . 
E 4 HOH 100 345 102 HOH HOH A . 
E 4 HOH 101 346 103 HOH HOH A . 
E 4 HOH 102 347 104 HOH HOH A . 
E 4 HOH 103 348 105 HOH HOH A . 
E 4 HOH 104 349 106 HOH HOH A . 
E 4 HOH 105 350 107 HOH HOH A . 
E 4 HOH 106 351 108 HOH HOH A . 
E 4 HOH 107 352 109 HOH HOH A . 
E 4 HOH 108 353 110 HOH HOH A . 
E 4 HOH 109 354 111 HOH HOH A . 
E 4 HOH 110 355 112 HOH HOH A . 
E 4 HOH 111 356 113 HOH HOH A . 
E 4 HOH 112 357 114 HOH HOH A . 
E 4 HOH 113 358 115 HOH HOH A . 
E 4 HOH 114 359 116 HOH HOH A . 
E 4 HOH 115 360 117 HOH HOH A . 
E 4 HOH 116 361 118 HOH HOH A . 
E 4 HOH 117 362 119 HOH HOH A . 
E 4 HOH 118 363 120 HOH HOH A . 
E 4 HOH 119 364 121 HOH HOH A . 
E 4 HOH 120 365 122 HOH HOH A . 
E 4 HOH 121 366 123 HOH HOH A . 
E 4 HOH 122 367 124 HOH HOH A . 
E 4 HOH 123 368 125 HOH HOH A . 
E 4 HOH 124 369 126 HOH HOH A . 
E 4 HOH 125 370 127 HOH HOH A . 
E 4 HOH 126 371 128 HOH HOH A . 
E 4 HOH 127 372 129 HOH HOH A . 
E 4 HOH 128 373 130 HOH HOH A . 
E 4 HOH 129 374 131 HOH HOH A . 
E 4 HOH 130 375 132 HOH HOH A . 
E 4 HOH 131 376 133 HOH HOH A . 
E 4 HOH 132 377 134 HOH HOH A . 
E 4 HOH 133 378 135 HOH HOH A . 
E 4 HOH 134 379 136 HOH HOH A . 
E 4 HOH 135 380 137 HOH HOH A . 
E 4 HOH 136 381 138 HOH HOH A . 
E 4 HOH 137 382 139 HOH HOH A . 
E 4 HOH 138 383 140 HOH HOH A . 
E 4 HOH 139 384 141 HOH HOH A . 
E 4 HOH 140 385 142 HOH HOH A . 
E 4 HOH 141 386 143 HOH HOH A . 
E 4 HOH 142 387 144 HOH HOH A . 
E 4 HOH 143 388 146 HOH HOH A . 
E 4 HOH 144 389 148 HOH HOH A . 
E 4 HOH 145 390 149 HOH HOH A . 
E 4 HOH 146 391 150 HOH HOH A . 
E 4 HOH 147 392 151 HOH HOH A . 
E 4 HOH 148 393 153 HOH HOH A . 
E 4 HOH 149 394 154 HOH HOH A . 
E 4 HOH 150 395 155 HOH HOH A . 
E 4 HOH 151 396 156 HOH HOH A . 
E 4 HOH 152 397 157 HOH HOH A . 
E 4 HOH 153 398 158 HOH HOH A . 
F 4 HOH 1   145 145 HOH HOH P . 
F 4 HOH 2   147 147 HOH HOH P . 
F 4 HOH 3   152 152 HOH HOH P . 
# 
loop_
_software.name 
_software.classification 
_software.version 
_software.citation_id 
_software.pdbx_ordinal 
RIGAKU 'data collection' 'AFC5 CONTROL SOFTWARE' ? 1 
X-PLOR 'model building'  3.1                     ? 2 
X-PLOR refinement        3.1                     ? 3 
RIGAKU 'data reduction'  'AFC5 CONTROL SOFTWARE' ? 4 
X-PLOR phasing           3.1                     ? 5 
# 
_cell.entry_id           1GBD 
_cell.length_a           66.180 
_cell.length_b           66.180 
_cell.length_c           80.040 
_cell.angle_alpha        90.00 
_cell.angle_beta         90.00 
_cell.angle_gamma        120.00 
_cell.Z_PDB              6 
_cell.pdbx_unique_axis   ? 
_cell.length_a_esd       ? 
_cell.length_b_esd       ? 
_cell.length_c_esd       ? 
_cell.angle_alpha_esd    ? 
_cell.angle_beta_esd     ? 
_cell.angle_gamma_esd    ? 
# 
_symmetry.entry_id                         1GBD 
_symmetry.space_group_name_H-M             'P 32 2 1' 
_symmetry.pdbx_full_space_group_name_H-M   ? 
_symmetry.cell_setting                     ? 
_symmetry.Int_Tables_number                154 
_symmetry.space_group_name_Hall            ? 
# 
_exptl.entry_id          1GBD 
_exptl.method            'X-RAY DIFFRACTION' 
_exptl.crystals_number   ? 
# 
_exptl_crystal.id                    1 
_exptl_crystal.density_meas          ? 
_exptl_crystal.density_Matthews      2.49 
_exptl_crystal.density_percent_sol   50.53 
_exptl_crystal.description           ? 
_exptl_crystal.F_000                 ? 
_exptl_crystal.preparation           ? 
# 
_diffrn.id                     1 
_diffrn.ambient_temp           ? 
_diffrn.ambient_temp_details   ? 
_diffrn.crystal_id             1 
# 
_diffrn_detector.diffrn_id              1 
_diffrn_detector.detector               DIFFRACTOMETER 
_diffrn_detector.type                   'RIGAKU AFC-6R' 
_diffrn_detector.pdbx_collection_date   1994-02-16 
_diffrn_detector.details                ? 
# 
_diffrn_radiation.diffrn_id                        1 
_diffrn_radiation.wavelength_id                    1 
_diffrn_radiation.pdbx_monochromatic_or_laue_m_l   M 
_diffrn_radiation.monochromator                    ? 
_diffrn_radiation.pdbx_diffrn_protocol             ? 
_diffrn_radiation.pdbx_scattering_type             x-ray 
# 
_diffrn_radiation_wavelength.id           1 
_diffrn_radiation_wavelength.wavelength   1.5418 
_diffrn_radiation_wavelength.wt           1.0 
# 
_diffrn_source.diffrn_id                   1 
_diffrn_source.source                      ? 
_diffrn_source.type                        ? 
_diffrn_source.pdbx_synchrotron_site       ? 
_diffrn_source.pdbx_synchrotron_beamline   ? 
_diffrn_source.pdbx_wavelength             1.5418 
_diffrn_source.pdbx_wavelength_list        ? 
# 
_reflns.entry_id                     1GBD 
_reflns.observed_criterion_sigma_I   ? 
_reflns.observed_criterion_sigma_F   ? 
_reflns.d_resolution_low             17.5 
_reflns.d_resolution_high            2.20 
_reflns.number_obs                   10431 
_reflns.number_all                   ? 
_reflns.percent_possible_obs         93.0 
_reflns.pdbx_Rmerge_I_obs            ? 
_reflns.pdbx_Rsym_value              ? 
_reflns.pdbx_netI_over_sigmaI        ? 
_reflns.B_iso_Wilson_estimate        ? 
_reflns.pdbx_redundancy              ? 
_reflns.R_free_details               ? 
_reflns.limit_h_max                  ? 
_reflns.limit_h_min                  ? 
_reflns.limit_k_max                  ? 
_reflns.limit_k_min                  ? 
_reflns.limit_l_max                  ? 
_reflns.limit_l_min                  ? 
_reflns.observed_criterion_F_max     ? 
_reflns.observed_criterion_F_min     ? 
_reflns.pdbx_chi_squared             ? 
_reflns.pdbx_scaling_rejects         ? 
_reflns.pdbx_ordinal                 1 
_reflns.pdbx_diffrn_id               1 
# 
_refine.entry_id                                 1GBD 
_refine.ls_number_reflns_obs                     10248 
_refine.ls_number_reflns_all                     ? 
_refine.pdbx_ls_sigma_I                          ? 
_refine.pdbx_ls_sigma_F                          2.0 
_refine.pdbx_data_cutoff_high_absF               ? 
_refine.pdbx_data_cutoff_low_absF                ? 
_refine.pdbx_data_cutoff_high_rms_absF           ? 
_refine.ls_d_res_low                             17.5 
_refine.ls_d_res_high                            2.20 
_refine.ls_percent_reflns_obs                    ? 
_refine.ls_R_factor_obs                          0.144 
_refine.ls_R_factor_all                          ? 
_refine.ls_R_factor_R_work                       0.144 
_refine.ls_R_factor_R_free                       ? 
_refine.ls_R_factor_R_free_error                 ? 
_refine.ls_R_factor_R_free_error_details         ? 
_refine.ls_percent_reflns_R_free                 ? 
_refine.ls_number_reflns_R_free                  ? 
_refine.ls_number_parameters                     ? 
_refine.ls_number_restraints                     ? 
_refine.occupancy_min                            ? 
_refine.occupancy_max                            ? 
_refine.B_iso_mean                               ? 
_refine.aniso_B[1][1]                            ? 
_refine.aniso_B[2][2]                            ? 
_refine.aniso_B[3][3]                            ? 
_refine.aniso_B[1][2]                            ? 
_refine.aniso_B[1][3]                            ? 
_refine.aniso_B[2][3]                            ? 
_refine.solvent_model_details                    ? 
_refine.solvent_model_param_ksol                 ? 
_refine.solvent_model_param_bsol                 ? 
_refine.pdbx_ls_cross_valid_method               ? 
_refine.details                                  
'THE METHOXYSUCCINYL PORTION OF THE INHIBITOR WAS DISORDERED AND NO COORDINATES ARE INCLUDED FOR IT IN THIS ENTRY' 
_refine.pdbx_starting_model                      ? 
_refine.pdbx_method_to_determine_struct          ? 
_refine.pdbx_isotropic_thermal_model             ? 
_refine.pdbx_stereochemistry_target_values       ? 
_refine.pdbx_stereochem_target_val_spec_case     ? 
_refine.pdbx_R_Free_selection_details            ? 
_refine.pdbx_overall_ESU_R_Free                  ? 
_refine.overall_SU_ML                            ? 
_refine.overall_SU_B                             ? 
_refine.pdbx_refine_id                           'X-RAY DIFFRACTION' 
_refine.ls_redundancy_reflns_obs                 ? 
_refine.pdbx_overall_phase_error                 ? 
_refine.B_iso_min                                ? 
_refine.B_iso_max                                ? 
_refine.correlation_coeff_Fo_to_Fc               ? 
_refine.correlation_coeff_Fo_to_Fc_free          ? 
_refine.pdbx_solvent_vdw_probe_radii             ? 
_refine.pdbx_solvent_ion_probe_radii             ? 
_refine.pdbx_solvent_shrinkage_radii             ? 
_refine.overall_SU_R_Cruickshank_DPI             ? 
_refine.overall_SU_R_free                        ? 
_refine.ls_wR_factor_R_free                      ? 
_refine.ls_wR_factor_R_work                      ? 
_refine.overall_FOM_free_R_set                   ? 
_refine.overall_FOM_work_R_set                   ? 
_refine.pdbx_overall_ESU_R                       ? 
_refine.pdbx_diffrn_id                           1 
_refine.pdbx_TLS_residual_ADP_flag               ? 
_refine.pdbx_overall_SU_R_free_Cruickshank_DPI   ? 
_refine.pdbx_overall_SU_R_Blow_DPI               ? 
_refine.pdbx_overall_SU_R_free_Blow_DPI          ? 
# 
_refine_hist.pdbx_refine_id                   'X-RAY DIFFRACTION' 
_refine_hist.cycle_id                         LAST 
_refine_hist.pdbx_number_atoms_protein        1418 
_refine_hist.pdbx_number_atoms_nucleic_acid   0 
_refine_hist.pdbx_number_atoms_ligand         10 
_refine_hist.number_atoms_solvent             156 
_refine_hist.number_atoms_total               1584 
_refine_hist.d_res_high                       2.20 
_refine_hist.d_res_low                        17.5 
# 
loop_
_refine_ls_restr.type 
_refine_ls_restr.dev_ideal 
_refine_ls_restr.dev_ideal_target 
_refine_ls_restr.weight 
_refine_ls_restr.number 
_refine_ls_restr.pdbx_refine_id 
_refine_ls_restr.pdbx_restraint_function 
x_bond_d                0.014 ? ? ? 'X-RAY DIFFRACTION' ? 
x_bond_d_na             ?     ? ? ? 'X-RAY DIFFRACTION' ? 
x_bond_d_prot           ?     ? ? ? 'X-RAY DIFFRACTION' ? 
x_angle_d               ?     ? ? ? 'X-RAY DIFFRACTION' ? 
x_angle_d_na            ?     ? ? ? 'X-RAY DIFFRACTION' ? 
x_angle_d_prot          ?     ? ? ? 'X-RAY DIFFRACTION' ? 
x_angle_deg             2.7   ? ? ? 'X-RAY DIFFRACTION' ? 
x_angle_deg_na          ?     ? ? ? 'X-RAY DIFFRACTION' ? 
x_angle_deg_prot        ?     ? ? ? 'X-RAY DIFFRACTION' ? 
x_dihedral_angle_d      25.9  ? ? ? 'X-RAY DIFFRACTION' ? 
x_dihedral_angle_d_na   ?     ? ? ? 'X-RAY DIFFRACTION' ? 
x_dihedral_angle_d_prot ?     ? ? ? 'X-RAY DIFFRACTION' ? 
x_improper_angle_d      1.12  ? ? ? 'X-RAY DIFFRACTION' ? 
x_improper_angle_d_na   ?     ? ? ? 'X-RAY DIFFRACTION' ? 
x_improper_angle_d_prot ?     ? ? ? 'X-RAY DIFFRACTION' ? 
x_mcbond_it             ?     ? ? ? 'X-RAY DIFFRACTION' ? 
x_mcangle_it            ?     ? ? ? 'X-RAY DIFFRACTION' ? 
x_scbond_it             ?     ? ? ? 'X-RAY DIFFRACTION' ? 
x_scangle_it            ?     ? ? ? 'X-RAY DIFFRACTION' ? 
# 
_struct.entry_id                  1GBD 
_struct.title                     
;ALPHA-LYTIC PROTEASE WITH MET 190 REPLACED BY ALA AND GLY 216 REPLACED BY ALA COMPLEX WITH METHOXYSUCCINYL-ALA-ALA-PRO-PHENYLALANINE BORONIC ACID
;
_struct.pdbx_model_details        ? 
_struct.pdbx_CASP_flag            ? 
_struct.pdbx_model_type_details   ? 
# 
_struct_keywords.entry_id        1GBD 
_struct_keywords.pdbx_keywords   'HYDROLASE/HYDROLASE INHIBITOR' 
_struct_keywords.text            'ACTIVE-SITE MUTATION, SERINE PROTEINASE, HYDROLASE-HYDROLASE INHIBITOR COMPLEX' 
# 
loop_
_struct_asym.id 
_struct_asym.pdbx_blank_PDB_chainid_flag 
_struct_asym.pdbx_modified 
_struct_asym.entity_id 
_struct_asym.details 
A N N 1 ? 
B N N 2 ? 
C N N 3 ? 
D N N 3 ? 
E N N 4 ? 
F N N 4 ? 
# 
loop_
_struct_ref.id 
_struct_ref.db_name 
_struct_ref.db_code 
_struct_ref.entity_id 
_struct_ref.pdbx_db_accession 
_struct_ref.pdbx_align_begin 
_struct_ref.pdbx_seq_one_letter_code 
_struct_ref.pdbx_db_isoform 
1 UNP PRLA_LYSEN 1 P00778 1 
;MYVSNHRSRRVARVSVSCLVAALAAMSCGAALAADQVDPQLKFAMQRDLGIFPTQLPQYLQTEKLARTQAAAIEREFGAQ
FAGSWIERNEDGSFKLVAATSGARKSSTLGGVEVRNVRYSLKQLQSAMEQLDAGANARVKGVSKPLDGVQSWYVDPRSNA
VVVKVDDGATEAGVDFVALSGADSAQVRIESSPGKLQTTANIVGGIEYSINNASLCSVGFSVTRGATKGFVTAGHCGTVN
ATARIGGAVVGTFAARVFPGNDRAWVSLTSAQTLLPRVANGSSFVTVRGSTEAAVGAAVCRSGRTTGYQCGTITAKNVTA
NYAEGAVRGLTQGNACMGRGDSGGSWITSAGQAQGVMSGGNVQSNGNNCGIPASQRSSLFERLQPILSQYGLSLVTG
;
? 
2 PDB 1GBD       2 1GBD   ? '(MSU)AAP(B2F)' ? 
# 
loop_
_struct_ref_seq.align_id 
_struct_ref_seq.ref_id 
_struct_ref_seq.pdbx_PDB_id_code 
_struct_ref_seq.pdbx_strand_id 
_struct_ref_seq.seq_align_beg 
_struct_ref_seq.pdbx_seq_align_beg_ins_code 
_struct_ref_seq.seq_align_end 
_struct_ref_seq.pdbx_seq_align_end_ins_code 
_struct_ref_seq.pdbx_db_accession 
_struct_ref_seq.db_align_beg 
_struct_ref_seq.pdbx_db_align_beg_ins_code 
_struct_ref_seq.db_align_end 
_struct_ref_seq.pdbx_db_align_end_ins_code 
_struct_ref_seq.pdbx_auth_seq_align_beg 
_struct_ref_seq.pdbx_auth_seq_align_end 
1 1 1GBD A 1 A 198 ? P00778 200 ? 397 ? 15 245 
2 2 1GBD P 5 ? 1   ? 1GBD   1   ? 5   ? 1  5   
# 
loop_
_struct_ref_seq_dif.align_id 
_struct_ref_seq_dif.pdbx_pdb_id_code 
_struct_ref_seq_dif.mon_id 
_struct_ref_seq_dif.pdbx_pdb_strand_id 
_struct_ref_seq_dif.seq_num 
_struct_ref_seq_dif.pdbx_pdb_ins_code 
_struct_ref_seq_dif.pdbx_seq_db_name 
_struct_ref_seq_dif.pdbx_seq_db_accession_code 
_struct_ref_seq_dif.db_mon_id 
_struct_ref_seq_dif.pdbx_seq_db_seq_num 
_struct_ref_seq_dif.details 
_struct_ref_seq_dif.pdbx_auth_seq_num 
_struct_ref_seq_dif.pdbx_ordinal 
1 1GBD ALA A 138 ? UNP P00778 MET 337 'engineered mutation' 190 1 
1 1GBD ALA A 161 ? UNP P00778 GLY 360 'engineered mutation' 216 2 
# 
_pdbx_struct_assembly.id                   1 
_pdbx_struct_assembly.details              author_and_software_defined_assembly 
_pdbx_struct_assembly.method_details       PISA 
_pdbx_struct_assembly.oligomeric_details   dimeric 
_pdbx_struct_assembly.oligomeric_count     2 
# 
loop_
_pdbx_struct_assembly_prop.biol_id 
_pdbx_struct_assembly_prop.type 
_pdbx_struct_assembly_prop.value 
_pdbx_struct_assembly_prop.details 
1 'ABSA (A^2)' 1210 ? 
1 MORE         -24  ? 
1 'SSA (A^2)'  7790 ? 
# 
_pdbx_struct_assembly_gen.assembly_id       1 
_pdbx_struct_assembly_gen.oper_expression   1 
_pdbx_struct_assembly_gen.asym_id_list      A,B,C,D,E,F 
# 
_pdbx_struct_oper_list.id                   1 
_pdbx_struct_oper_list.type                 'identity operation' 
_pdbx_struct_oper_list.name                 1_555 
_pdbx_struct_oper_list.symmetry_operation   x,y,z 
_pdbx_struct_oper_list.matrix[1][1]         1.0000000000 
_pdbx_struct_oper_list.matrix[1][2]         0.0000000000 
_pdbx_struct_oper_list.matrix[1][3]         0.0000000000 
_pdbx_struct_oper_list.vector[1]            0.0000000000 
_pdbx_struct_oper_list.matrix[2][1]         0.0000000000 
_pdbx_struct_oper_list.matrix[2][2]         1.0000000000 
_pdbx_struct_oper_list.matrix[2][3]         0.0000000000 
_pdbx_struct_oper_list.vector[2]            0.0000000000 
_pdbx_struct_oper_list.matrix[3][1]         0.0000000000 
_pdbx_struct_oper_list.matrix[3][2]         0.0000000000 
_pdbx_struct_oper_list.matrix[3][3]         1.0000000000 
_pdbx_struct_oper_list.vector[3]            0.0000000000 
# 
_struct_biol.id        1 
_struct_biol.details   ? 
# 
loop_
_struct_conf.conf_type_id 
_struct_conf.id 
_struct_conf.pdbx_PDB_helix_id 
_struct_conf.beg_label_comp_id 
_struct_conf.beg_label_asym_id 
_struct_conf.beg_label_seq_id 
_struct_conf.pdbx_beg_PDB_ins_code 
_struct_conf.end_label_comp_id 
_struct_conf.end_label_asym_id 
_struct_conf.end_label_seq_id 
_struct_conf.pdbx_end_PDB_ins_code 
_struct_conf.beg_auth_comp_id 
_struct_conf.beg_auth_asym_id 
_struct_conf.beg_auth_seq_id 
_struct_conf.end_auth_comp_id 
_struct_conf.end_auth_asym_id 
_struct_conf.end_auth_seq_id 
_struct_conf.pdbx_PDB_helix_class 
_struct_conf.details 
_struct_conf.pdbx_PDB_helix_length 
HELX_P HELX_P1 1 GLY A 35  ? CYS A 37  ? GLY A 56  CYS A 58  5 ? 3 
HELX_P HELX_P2 2 ALA A 174 B GLN A 176 ? ALA A 222 GLN A 223 5 ? 3 
HELX_P HELX_P3 3 LEU A 184 ? TYR A 191 ? LEU A 231 TYR A 238 1 ? 8 
# 
_struct_conf_type.id          HELX_P 
_struct_conf_type.criteria    ? 
_struct_conf_type.reference   ? 
# 
loop_
_struct_conn.id 
_struct_conn.conn_type_id 
_struct_conn.pdbx_leaving_atom_flag 
_struct_conn.pdbx_PDB_id 
_struct_conn.ptnr1_label_asym_id 
_struct_conn.ptnr1_label_comp_id 
_struct_conn.ptnr1_label_seq_id 
_struct_conn.ptnr1_label_atom_id 
_struct_conn.pdbx_ptnr1_label_alt_id 
_struct_conn.pdbx_ptnr1_PDB_ins_code 
_struct_conn.pdbx_ptnr1_standard_comp_id 
_struct_conn.ptnr1_symmetry 
_struct_conn.ptnr2_label_asym_id 
_struct_conn.ptnr2_label_comp_id 
_struct_conn.ptnr2_label_seq_id 
_struct_conn.ptnr2_label_atom_id 
_struct_conn.pdbx_ptnr2_label_alt_id 
_struct_conn.pdbx_ptnr2_PDB_ins_code 
_struct_conn.ptnr1_auth_asym_id 
_struct_conn.ptnr1_auth_comp_id 
_struct_conn.ptnr1_auth_seq_id 
_struct_conn.ptnr2_auth_asym_id 
_struct_conn.ptnr2_auth_comp_id 
_struct_conn.ptnr2_auth_seq_id 
_struct_conn.ptnr2_symmetry 
_struct_conn.pdbx_ptnr3_label_atom_id 
_struct_conn.pdbx_ptnr3_label_seq_id 
_struct_conn.pdbx_ptnr3_label_comp_id 
_struct_conn.pdbx_ptnr3_label_asym_id 
_struct_conn.pdbx_ptnr3_label_alt_id 
_struct_conn.pdbx_ptnr3_PDB_ins_code 
_struct_conn.details 
_struct_conn.pdbx_dist_value 
_struct_conn.pdbx_value_order 
_struct_conn.pdbx_role 
disulf1 disulf ?    ? A CYS 17  SG ? ? ? 1_555 A CYS 37  SG ? ? A CYS 42  A CYS 58  1_555 ? ? ? ? ? ? ? 2.045 ? ? 
disulf2 disulf ?    ? A CYS 101 SG ? ? ? 1_555 A CYS 111 SG ? ? A CYS 137 A CYS 159 1_555 ? ? ? ? ? ? ? 1.990 ? ? 
disulf3 disulf ?    ? A CYS 137 SG ? ? ? 1_555 A CYS 170 SG ? A A CYS 189 A CYS 220 1_555 ? ? ? ? ? ? ? 2.003 ? ? 
covale1 covale none ? A SER 143 OG ? ? ? 1_555 B B2F 5   B  ? ? A SER 195 P B2F 1   1_555 ? ? ? ? ? ? ? 1.383 ? ? 
covale2 covale both ? B B2F 5   N  ? ? ? 1_555 B PRO 4   C  ? ? P B2F 1   P PRO 2   1_555 ? ? ? ? ? ? ? 1.333 ? ? 
# 
loop_
_struct_conn_type.id 
_struct_conn_type.criteria 
_struct_conn_type.reference 
disulf ? ? 
covale ? ? 
# 
loop_
_pdbx_modification_feature.ordinal 
_pdbx_modification_feature.label_comp_id 
_pdbx_modification_feature.label_asym_id 
_pdbx_modification_feature.label_seq_id 
_pdbx_modification_feature.label_alt_id 
_pdbx_modification_feature.modified_residue_label_comp_id 
_pdbx_modification_feature.modified_residue_label_asym_id 
_pdbx_modification_feature.modified_residue_label_seq_id 
_pdbx_modification_feature.modified_residue_label_alt_id 
_pdbx_modification_feature.auth_comp_id 
_pdbx_modification_feature.auth_asym_id 
_pdbx_modification_feature.auth_seq_id 
_pdbx_modification_feature.PDB_ins_code 
_pdbx_modification_feature.symmetry 
_pdbx_modification_feature.modified_residue_auth_comp_id 
_pdbx_modification_feature.modified_residue_auth_asym_id 
_pdbx_modification_feature.modified_residue_auth_seq_id 
_pdbx_modification_feature.modified_residue_PDB_ins_code 
_pdbx_modification_feature.modified_residue_symmetry 
_pdbx_modification_feature.comp_id_linking_atom 
_pdbx_modification_feature.modified_residue_id_linking_atom 
_pdbx_modification_feature.modified_residue_id 
_pdbx_modification_feature.ref_pcm_id 
_pdbx_modification_feature.ref_comp_id 
_pdbx_modification_feature.type 
_pdbx_modification_feature.category 
1 B2F B 5   ? .   . .   . B2F P 1   ? 1_555 .   . .   . .     .  .  PHE 1 B2F None 'Non-standard residue' 
2 CYS A 17  ? CYS A 37  ? CYS A 42  ? 1_555 CYS A 58  ? 1_555 SG SG .   . .   None 'Disulfide bridge'     
3 CYS A 101 ? CYS A 111 ? CYS A 137 ? 1_555 CYS A 159 ? 1_555 SG SG .   . .   None 'Disulfide bridge'     
4 CYS A 137 ? CYS A 170 ? CYS A 189 ? 1_555 CYS A 220 A 1_555 SG SG .   . .   None 'Disulfide bridge'     
5 SER A 143 ? B2F B 5   ? SER A 195 ? 1_555 B2F P 1   ? 1_555 OG B  .   . .   None 'Non-standard linkage' 
# 
_struct_mon_prot_cis.pdbx_id                1 
_struct_mon_prot_cis.label_comp_id          PHE 
_struct_mon_prot_cis.label_seq_id           59 
_struct_mon_prot_cis.label_asym_id          A 
_struct_mon_prot_cis.label_alt_id           . 
_struct_mon_prot_cis.pdbx_PDB_ins_code      ? 
_struct_mon_prot_cis.auth_comp_id           PHE 
_struct_mon_prot_cis.auth_seq_id            94 
_struct_mon_prot_cis.auth_asym_id           A 
_struct_mon_prot_cis.pdbx_label_comp_id_2   PRO 
_struct_mon_prot_cis.pdbx_label_seq_id_2    60 
_struct_mon_prot_cis.pdbx_label_asym_id_2   A 
_struct_mon_prot_cis.pdbx_PDB_ins_code_2    ? 
_struct_mon_prot_cis.pdbx_auth_comp_id_2    PRO 
_struct_mon_prot_cis.pdbx_auth_seq_id_2     95 
_struct_mon_prot_cis.pdbx_auth_asym_id_2    A 
_struct_mon_prot_cis.pdbx_PDB_model_num     1 
_struct_mon_prot_cis.pdbx_omega_angle       -10.60 
# 
loop_
_struct_sheet.id 
_struct_sheet.type 
_struct_sheet.number_strands 
_struct_sheet.details 
A ? 2 ? 
B ? 5 ? 
C ? 2 ? 
D ? 6 ? 
E ? 2 ? 
# 
loop_
_struct_sheet_order.sheet_id 
_struct_sheet_order.range_id_1 
_struct_sheet_order.range_id_2 
_struct_sheet_order.offset 
_struct_sheet_order.sense 
A 1 2 ? anti-parallel 
B 1 2 ? anti-parallel 
B 2 3 ? anti-parallel 
B 3 4 ? anti-parallel 
B 4 5 ? anti-parallel 
C 1 2 ? anti-parallel 
D 1 2 ? anti-parallel 
D 2 3 ? anti-parallel 
D 3 4 ? anti-parallel 
D 4 5 ? anti-parallel 
D 5 6 ? anti-parallel 
E 1 2 ? anti-parallel 
# 
loop_
_struct_sheet_range.sheet_id 
_struct_sheet_range.id 
_struct_sheet_range.beg_label_comp_id 
_struct_sheet_range.beg_label_asym_id 
_struct_sheet_range.beg_label_seq_id 
_struct_sheet_range.pdbx_beg_PDB_ins_code 
_struct_sheet_range.end_label_comp_id 
_struct_sheet_range.end_label_asym_id 
_struct_sheet_range.end_label_seq_id 
_struct_sheet_range.pdbx_end_PDB_ins_code 
_struct_sheet_range.beg_auth_comp_id 
_struct_sheet_range.beg_auth_asym_id 
_struct_sheet_range.beg_auth_seq_id 
_struct_sheet_range.end_auth_comp_id 
_struct_sheet_range.end_auth_asym_id 
_struct_sheet_range.end_auth_seq_id 
A 1 GLU A 8   ? ILE A 11  ? GLU A 32  ILE A 35  
A 2 SER A 15  ? SER A 18  ? SER A 40  SER A 43  
B 1 PHE A 21  ? ARG A 25  A PHE A 45  ARG A 48  
B 2 THR A 28  ? THR A 33  ? THR A 49  THR A 54  
B 3 ARG A 64  ? LEU A 69  ? ARG A 103 LEU A 108 
B 4 ALA A 49  ? VAL A 58  ? ALA A 82  VAL A 91  
B 5 THR A 43  ? ILE A 46  ? THR A 62  ILE A 66  
C 1 ARG A 78  A ASN A 81  D ARG A 120 ASN A 120 
C 2 SER A 84  H THR A 87  K SER A 120 THR A 120 
D 1 GLY A 108 ? THR A 113 ? GLY A 156 THR A 161 
D 2 ALA A 99  ? GLY A 104 ? ALA A 135 GLY A 140 
D 3 SER A 146 ? ILE A 148 ? SER A 198 ILE A 200 
D 4 ALA A 154 ? ALA A 161 ? ALA A 209 ALA A 216 
D 5 SER A 179 ? ARG A 183 ? SER A 226 ARG A 230 
D 6 THR A 132 ? GLY A 134 ? THR A 181 GLY A 183 
E 1 ALA A 121 ? TYR A 123 ? ALA A 169 TYR A 171 
E 2 GLY A 126 ? VAL A 128 ? GLY A 175 VAL A 177 
# 
loop_
_pdbx_struct_sheet_hbond.sheet_id 
_pdbx_struct_sheet_hbond.range_id_1 
_pdbx_struct_sheet_hbond.range_id_2 
_pdbx_struct_sheet_hbond.range_1_label_atom_id 
_pdbx_struct_sheet_hbond.range_1_label_comp_id 
_pdbx_struct_sheet_hbond.range_1_label_asym_id 
_pdbx_struct_sheet_hbond.range_1_label_seq_id 
_pdbx_struct_sheet_hbond.range_1_PDB_ins_code 
_pdbx_struct_sheet_hbond.range_1_auth_atom_id 
_pdbx_struct_sheet_hbond.range_1_auth_comp_id 
_pdbx_struct_sheet_hbond.range_1_auth_asym_id 
_pdbx_struct_sheet_hbond.range_1_auth_seq_id 
_pdbx_struct_sheet_hbond.range_2_label_atom_id 
_pdbx_struct_sheet_hbond.range_2_label_comp_id 
_pdbx_struct_sheet_hbond.range_2_label_asym_id 
_pdbx_struct_sheet_hbond.range_2_label_seq_id 
_pdbx_struct_sheet_hbond.range_2_PDB_ins_code 
_pdbx_struct_sheet_hbond.range_2_auth_atom_id 
_pdbx_struct_sheet_hbond.range_2_auth_comp_id 
_pdbx_struct_sheet_hbond.range_2_auth_asym_id 
_pdbx_struct_sheet_hbond.range_2_auth_seq_id 
A 1 2 O TYR A 9   ? O TYR A 33  N CYS A 17  ? N CYS A 42  
B 1 2 O PHE A 21  ? O PHE A 45  N VAL A 32  ? N VAL A 53  
B 2 3 O LYS A 29  ? O LYS A 50  N LEU A 69  ? N LEU A 108 
B 3 4 O ARG A 64  ? O ARG A 103 N VAL A 58  ? N VAL A 91  
B 4 5 O ALA A 49  ? O ALA A 82  N ILE A 46  ? N ILE A 66  
C 1 2 O VAL A 79  B O VAL A 120 N VAL A 86  J N VAL A 120 
D 1 2 O GLY A 108 ? O GLY A 156 N GLY A 104 ? N GLY A 140 
D 2 3 O CYS A 101 ? O CYS A 137 N ILE A 148 ? N ILE A 200 
D 3 4 O TRP A 147 ? O TRP A 199 N GLY A 156 ? N GLY A 211 
D 4 5 O VAL A 157 ? O VAL A 212 N GLU A 182 ? N GLU A 229 
D 5 6 O SER A 179 ? O SER A 226 N GLY A 134 ? N GLY A 183 
E 1 2 O ALA A 121 ? O ALA A 169 N VAL A 128 ? N VAL A 177 
# 
loop_
_struct_site.id 
_struct_site.pdbx_evidence_code 
_struct_site.pdbx_auth_asym_id 
_struct_site.pdbx_auth_comp_id 
_struct_site.pdbx_auth_seq_id 
_struct_site.pdbx_auth_ins_code 
_struct_site.pdbx_num_residues 
_struct_site.details 
AC1 Software A SO4 1 ? 7  'BINDING SITE FOR RESIDUE SO4 A 1'                                                             
AC2 Software A SO4 2 ? 7  'BINDING SITE FOR RESIDUE SO4 A 2'                                                             
AC3 Software ? ?   ? ? 14 'BINDING SITE FOR CHAIN P OF METHOXYSUCCINYL-ALA-ALA-PRO-PHENYLALANINE BORONIC ACID INHIBITOR' 
# 
loop_
_struct_site_gen.id 
_struct_site_gen.site_id 
_struct_site_gen.pdbx_num_res 
_struct_site_gen.label_comp_id 
_struct_site_gen.label_asym_id 
_struct_site_gen.label_seq_id 
_struct_site_gen.pdbx_auth_ins_code 
_struct_site_gen.auth_comp_id 
_struct_site_gen.auth_asym_id 
_struct_site_gen.auth_seq_id 
_struct_site_gen.label_atom_id 
_struct_site_gen.label_alt_id 
_struct_site_gen.symmetry 
_struct_site_gen.details 
1  AC1 7  SER A 83  G SER A 120 . ? 4_555 ? 
2  AC1 7  SER A 91  ? SER A 124 . ? 5_565 ? 
3  AC1 7  THR A 92  ? THR A 125 . ? 5_565 ? 
4  AC1 7  ARG A 140 ? ARG A 192 . ? 1_555 ? 
5  AC1 7  HOH E .   ? HOH A 254 . ? 5_565 ? 
6  AC1 7  HOH E .   ? HOH A 294 . ? 5_565 ? 
7  AC1 7  HOH E .   ? HOH A 389 . ? 1_555 ? 
8  AC2 7  ALA A 1   A ALA A 15  . ? 3_665 ? 
9  AC2 7  ASN A 2   B ASN A 15  . ? 3_665 ? 
10 AC2 7  ARG A 183 ? ARG A 230 . ? 1_555 ? 
11 AC2 7  PRO A 186 ? PRO A 233 . ? 1_555 ? 
12 AC2 7  HOH E .   ? HOH A 270 . ? 3_665 ? 
13 AC2 7  HOH E .   ? HOH A 281 . ? 1_555 ? 
14 AC2 7  HOH E .   ? HOH A 366 . ? 3_665 ? 
15 AC3 14 HIS A 36  ? HIS A 57  . ? 1_555 ? 
16 AC3 14 ARG A 89  ? ARG A 122 . ? 5_565 ? 
17 AC3 14 TYR A 123 ? TYR A 171 . ? 1_555 ? 
18 AC3 14 ALA A 138 ? ALA A 190 . ? 1_555 ? 
19 AC3 14 GLY A 139 ? GLY A 191 . ? 1_555 ? 
20 AC3 14 GLY A 141 ? GLY A 193 . ? 1_555 ? 
21 AC3 14 ASP A 142 ? ASP A 194 . ? 1_555 ? 
22 AC3 14 SER A 143 ? SER A 195 . ? 1_555 ? 
23 AC3 14 SER A 159 ? SER A 214 . ? 1_555 ? 
24 AC3 14 GLY A 160 ? GLY A 215 . ? 1_555 ? 
25 AC3 14 ALA A 161 ? ALA A 216 . ? 1_555 ? 
26 AC3 14 VAL A 163 ? VAL A 218 . ? 1_555 ? 
27 AC3 14 HOH F .   ? HOH P 145 . ? 1_555 ? 
28 AC3 14 HOH F .   ? HOH P 152 . ? 1_555 ? 
# 
_pdbx_entry_details.entry_id                   1GBD 
_pdbx_entry_details.compound_details           
;INHIBITORY PEPTIDE BORONIC ACIDS ARE PEPTIDE ANALOGS IN WHICH THE C-TERMINAL CARBOXYL GROUP HAS BEEN REPLACED WITH THE BORONIC ACID GROUP (B(OH)2).
;
_pdbx_entry_details.source_details             ? 
_pdbx_entry_details.nonpolymer_details         ? 
_pdbx_entry_details.sequence_details           
;CHAIN A RESIDUE NUMBERING IS DONE BY HOMOLOGY WITH CHYMOTRYPSIN FOR RESIDUES 15A - 245. CHAIN P INHIBITOR NUMBERING IS DONE BY ANALOGY TO PROTEASE SUBSTRATE NOMENCLATURE IN WHICH THE RESIDUE PRIOR TO THE SCISSILE BOND IS THE P1 RESIDUE, THE NEXT TOWARD THE N-TERMINUS IS THE P2 RESIDUE, ETC.
;
_pdbx_entry_details.has_ligand_of_interest     ? 
_pdbx_entry_details.has_protein_modification   Y 
# 
loop_
_pdbx_validate_rmsd_angle.id 
_pdbx_validate_rmsd_angle.PDB_model_num 
_pdbx_validate_rmsd_angle.auth_atom_id_1 
_pdbx_validate_rmsd_angle.auth_asym_id_1 
_pdbx_validate_rmsd_angle.auth_comp_id_1 
_pdbx_validate_rmsd_angle.auth_seq_id_1 
_pdbx_validate_rmsd_angle.PDB_ins_code_1 
_pdbx_validate_rmsd_angle.label_alt_id_1 
_pdbx_validate_rmsd_angle.auth_atom_id_2 
_pdbx_validate_rmsd_angle.auth_asym_id_2 
_pdbx_validate_rmsd_angle.auth_comp_id_2 
_pdbx_validate_rmsd_angle.auth_seq_id_2 
_pdbx_validate_rmsd_angle.PDB_ins_code_2 
_pdbx_validate_rmsd_angle.label_alt_id_2 
_pdbx_validate_rmsd_angle.auth_atom_id_3 
_pdbx_validate_rmsd_angle.auth_asym_id_3 
_pdbx_validate_rmsd_angle.auth_comp_id_3 
_pdbx_validate_rmsd_angle.auth_seq_id_3 
_pdbx_validate_rmsd_angle.PDB_ins_code_3 
_pdbx_validate_rmsd_angle.label_alt_id_3 
_pdbx_validate_rmsd_angle.angle_value 
_pdbx_validate_rmsd_angle.angle_target_value 
_pdbx_validate_rmsd_angle.angle_deviation 
_pdbx_validate_rmsd_angle.angle_standard_deviation 
_pdbx_validate_rmsd_angle.linker_flag 
1  1 NE  A ARG 48  A ? CZ  A ARG 48  A ? NH2 A ARG 48  A ? 114.99 120.30 -5.31 0.50 N 
2  1 NE  A ARG 65  ? ? CZ  A ARG 65  ? ? NH1 A ARG 65  ? ? 124.46 120.30 4.16  0.50 N 
3  1 NE  A ARG 65  ? ? CZ  A ARG 65  ? ? NH2 A ARG 65  ? ? 116.66 120.30 -3.64 0.50 N 
4  1 NE  A ARG 90  ? ? CZ  A ARG 90  ? ? NH1 A ARG 90  ? ? 124.83 120.30 4.53  0.50 N 
5  1 CD1 A TRP 105 ? ? CG  A TRP 105 ? ? CD2 A TRP 105 ? ? 112.20 106.30 5.90  0.80 N 
6  1 CE2 A TRP 105 ? ? CD2 A TRP 105 ? ? CG  A TRP 105 ? ? 101.75 107.30 -5.55 0.80 N 
7  1 NE  A ARG 120 A ? CZ  A ARG 120 A ? NH1 A ARG 120 A ? 124.35 120.30 4.05  0.50 N 
8  1 NE  A ARG 122 ? ? CZ  A ARG 122 ? ? NH1 A ARG 122 ? ? 125.38 120.30 5.08  0.50 N 
9  1 NE  A ARG 122 ? ? CZ  A ARG 122 ? ? NH2 A ARG 122 ? ? 115.75 120.30 -4.55 0.50 N 
10 1 NE  A ARG 178 ? ? CZ  A ARG 178 ? ? NH1 A ARG 178 ? ? 123.39 120.30 3.09  0.50 N 
11 1 NE  A ARG 178 ? ? CZ  A ARG 178 ? ? NH2 A ARG 178 ? ? 116.09 120.30 -4.21 0.50 N 
12 1 CA  A CYS 189 ? ? CB  A CYS 189 ? ? SG  A CYS 189 ? ? 121.06 114.20 6.86  1.10 N 
13 1 CD1 A TRP 199 ? ? CG  A TRP 199 ? ? CD2 A TRP 199 ? ? 111.79 106.30 5.49  0.80 N 
14 1 CE2 A TRP 199 ? ? CD2 A TRP 199 ? ? CG  A TRP 199 ? ? 102.22 107.30 -5.08 0.80 N 
# 
loop_
_pdbx_validate_torsion.id 
_pdbx_validate_torsion.PDB_model_num 
_pdbx_validate_torsion.auth_comp_id 
_pdbx_validate_torsion.auth_asym_id 
_pdbx_validate_torsion.auth_seq_id 
_pdbx_validate_torsion.PDB_ins_code 
_pdbx_validate_torsion.label_alt_id 
_pdbx_validate_torsion.phi 
_pdbx_validate_torsion.psi 
1 1 ALA A 39  ? ? -138.89 -76.57  
2 1 PRO A 95  ? ? -79.32  -151.84 
3 1 PRO A 120 ? ? -74.60  48.04   
# 
_pdbx_molecule_features.prd_id    PRD_000315 
_pdbx_molecule_features.name      O-methylsuccinyl-alanyl-alanyl-prolyl-borophenylalanine 
_pdbx_molecule_features.type      Peptide-like 
_pdbx_molecule_features.class     Inhibitor 
_pdbx_molecule_features.details   ? 
# 
_pdbx_molecule.instance_id   1 
_pdbx_molecule.prd_id        PRD_000315 
_pdbx_molecule.asym_id       B 
# 
_pdbx_struct_mod_residue.id               1 
_pdbx_struct_mod_residue.label_asym_id    B 
_pdbx_struct_mod_residue.label_comp_id    B2F 
_pdbx_struct_mod_residue.label_seq_id     5 
_pdbx_struct_mod_residue.auth_asym_id     P 
_pdbx_struct_mod_residue.auth_comp_id     B2F 
_pdbx_struct_mod_residue.auth_seq_id      1 
_pdbx_struct_mod_residue.PDB_ins_code     ? 
_pdbx_struct_mod_residue.parent_comp_id   PHE 
_pdbx_struct_mod_residue.details          'PHENYLALANINE BORONIC ACID' 
# 
_pdbx_unobs_or_zero_occ_residues.id               1 
_pdbx_unobs_or_zero_occ_residues.PDB_model_num    1 
_pdbx_unobs_or_zero_occ_residues.polymer_flag     Y 
_pdbx_unobs_or_zero_occ_residues.occupancy_flag   1 
_pdbx_unobs_or_zero_occ_residues.auth_asym_id     P 
_pdbx_unobs_or_zero_occ_residues.auth_comp_id     MSU 
_pdbx_unobs_or_zero_occ_residues.auth_seq_id      5 
_pdbx_unobs_or_zero_occ_residues.PDB_ins_code     ? 
_pdbx_unobs_or_zero_occ_residues.label_asym_id    B 
_pdbx_unobs_or_zero_occ_residues.label_comp_id    MSU 
_pdbx_unobs_or_zero_occ_residues.label_seq_id     1 
# 
loop_
_chem_comp_atom.comp_id 
_chem_comp_atom.atom_id 
_chem_comp_atom.type_symbol 
_chem_comp_atom.pdbx_aromatic_flag 
_chem_comp_atom.pdbx_stereo_config 
_chem_comp_atom.pdbx_ordinal 
ALA N    N N N 1   
ALA CA   C N S 2   
ALA C    C N N 3   
ALA O    O N N 4   
ALA CB   C N N 5   
ALA OXT  O N N 6   
ALA H    H N N 7   
ALA H2   H N N 8   
ALA HA   H N N 9   
ALA HB1  H N N 10  
ALA HB2  H N N 11  
ALA HB3  H N N 12  
ALA HXT  H N N 13  
ARG N    N N N 14  
ARG CA   C N S 15  
ARG C    C N N 16  
ARG O    O N N 17  
ARG CB   C N N 18  
ARG CG   C N N 19  
ARG CD   C N N 20  
ARG NE   N N N 21  
ARG CZ   C N N 22  
ARG NH1  N N N 23  
ARG NH2  N N N 24  
ARG OXT  O N N 25  
ARG H    H N N 26  
ARG H2   H N N 27  
ARG HA   H N N 28  
ARG HB2  H N N 29  
ARG HB3  H N N 30  
ARG HG2  H N N 31  
ARG HG3  H N N 32  
ARG HD2  H N N 33  
ARG HD3  H N N 34  
ARG HE   H N N 35  
ARG HH11 H N N 36  
ARG HH12 H N N 37  
ARG HH21 H N N 38  
ARG HH22 H N N 39  
ARG HXT  H N N 40  
ASN N    N N N 41  
ASN CA   C N S 42  
ASN C    C N N 43  
ASN O    O N N 44  
ASN CB   C N N 45  
ASN CG   C N N 46  
ASN OD1  O N N 47  
ASN ND2  N N N 48  
ASN OXT  O N N 49  
ASN H    H N N 50  
ASN H2   H N N 51  
ASN HA   H N N 52  
ASN HB2  H N N 53  
ASN HB3  H N N 54  
ASN HD21 H N N 55  
ASN HD22 H N N 56  
ASN HXT  H N N 57  
ASP N    N N N 58  
ASP CA   C N S 59  
ASP C    C N N 60  
ASP O    O N N 61  
ASP CB   C N N 62  
ASP CG   C N N 63  
ASP OD1  O N N 64  
ASP OD2  O N N 65  
ASP OXT  O N N 66  
ASP H    H N N 67  
ASP H2   H N N 68  
ASP HA   H N N 69  
ASP HB2  H N N 70  
ASP HB3  H N N 71  
ASP HD2  H N N 72  
ASP HXT  H N N 73  
B2F N    N N N 74  
B2F CA   C N R 75  
B2F CB   C N N 76  
B2F CG   C Y N 77  
B2F CD1  C Y N 78  
B2F CD2  C Y N 79  
B2F CE1  C Y N 80  
B2F CE2  C Y N 81  
B2F CZ   C Y N 82  
B2F B    B N N 83  
B2F O1   O N N 84  
B2F O2   O N N 85  
B2F H    H N N 86  
B2F H2   H N N 87  
B2F HA   H N N 88  
B2F HB1  H N N 89  
B2F HB2  H N N 90  
B2F HD1  H N N 91  
B2F HD2  H N N 92  
B2F HE1  H N N 93  
B2F HE2  H N N 94  
B2F HZ   H N N 95  
B2F HO1  H N N 96  
B2F HO2  H N N 97  
CYS N    N N N 98  
CYS CA   C N R 99  
CYS C    C N N 100 
CYS O    O N N 101 
CYS CB   C N N 102 
CYS SG   S N N 103 
CYS OXT  O N N 104 
CYS H    H N N 105 
CYS H2   H N N 106 
CYS HA   H N N 107 
CYS HB2  H N N 108 
CYS HB3  H N N 109 
CYS HG   H N N 110 
CYS HXT  H N N 111 
GLN N    N N N 112 
GLN CA   C N S 113 
GLN C    C N N 114 
GLN O    O N N 115 
GLN CB   C N N 116 
GLN CG   C N N 117 
GLN CD   C N N 118 
GLN OE1  O N N 119 
GLN NE2  N N N 120 
GLN OXT  O N N 121 
GLN H    H N N 122 
GLN H2   H N N 123 
GLN HA   H N N 124 
GLN HB2  H N N 125 
GLN HB3  H N N 126 
GLN HG2  H N N 127 
GLN HG3  H N N 128 
GLN HE21 H N N 129 
GLN HE22 H N N 130 
GLN HXT  H N N 131 
GLU N    N N N 132 
GLU CA   C N S 133 
GLU C    C N N 134 
GLU O    O N N 135 
GLU CB   C N N 136 
GLU CG   C N N 137 
GLU CD   C N N 138 
GLU OE1  O N N 139 
GLU OE2  O N N 140 
GLU OXT  O N N 141 
GLU H    H N N 142 
GLU H2   H N N 143 
GLU HA   H N N 144 
GLU HB2  H N N 145 
GLU HB3  H N N 146 
GLU HG2  H N N 147 
GLU HG3  H N N 148 
GLU HE2  H N N 149 
GLU HXT  H N N 150 
GLY N    N N N 151 
GLY CA   C N N 152 
GLY C    C N N 153 
GLY O    O N N 154 
GLY OXT  O N N 155 
GLY H    H N N 156 
GLY H2   H N N 157 
GLY HA2  H N N 158 
GLY HA3  H N N 159 
GLY HXT  H N N 160 
HIS N    N N N 161 
HIS CA   C N S 162 
HIS C    C N N 163 
HIS O    O N N 164 
HIS CB   C N N 165 
HIS CG   C Y N 166 
HIS ND1  N Y N 167 
HIS CD2  C Y N 168 
HIS CE1  C Y N 169 
HIS NE2  N Y N 170 
HIS OXT  O N N 171 
HIS H    H N N 172 
HIS H2   H N N 173 
HIS HA   H N N 174 
HIS HB2  H N N 175 
HIS HB3  H N N 176 
HIS HD1  H N N 177 
HIS HD2  H N N 178 
HIS HE1  H N N 179 
HIS HE2  H N N 180 
HIS HXT  H N N 181 
HOH O    O N N 182 
HOH H1   H N N 183 
HOH H2   H N N 184 
ILE N    N N N 185 
ILE CA   C N S 186 
ILE C    C N N 187 
ILE O    O N N 188 
ILE CB   C N S 189 
ILE CG1  C N N 190 
ILE CG2  C N N 191 
ILE CD1  C N N 192 
ILE OXT  O N N 193 
ILE H    H N N 194 
ILE H2   H N N 195 
ILE HA   H N N 196 
ILE HB   H N N 197 
ILE HG12 H N N 198 
ILE HG13 H N N 199 
ILE HG21 H N N 200 
ILE HG22 H N N 201 
ILE HG23 H N N 202 
ILE HD11 H N N 203 
ILE HD12 H N N 204 
ILE HD13 H N N 205 
ILE HXT  H N N 206 
LEU N    N N N 207 
LEU CA   C N S 208 
LEU C    C N N 209 
LEU O    O N N 210 
LEU CB   C N N 211 
LEU CG   C N N 212 
LEU CD1  C N N 213 
LEU CD2  C N N 214 
LEU OXT  O N N 215 
LEU H    H N N 216 
LEU H2   H N N 217 
LEU HA   H N N 218 
LEU HB2  H N N 219 
LEU HB3  H N N 220 
LEU HG   H N N 221 
LEU HD11 H N N 222 
LEU HD12 H N N 223 
LEU HD13 H N N 224 
LEU HD21 H N N 225 
LEU HD22 H N N 226 
LEU HD23 H N N 227 
LEU HXT  H N N 228 
LYS N    N N N 229 
LYS CA   C N S 230 
LYS C    C N N 231 
LYS O    O N N 232 
LYS CB   C N N 233 
LYS CG   C N N 234 
LYS CD   C N N 235 
LYS CE   C N N 236 
LYS NZ   N N N 237 
LYS OXT  O N N 238 
LYS H    H N N 239 
LYS H2   H N N 240 
LYS HA   H N N 241 
LYS HB2  H N N 242 
LYS HB3  H N N 243 
LYS HG2  H N N 244 
LYS HG3  H N N 245 
LYS HD2  H N N 246 
LYS HD3  H N N 247 
LYS HE2  H N N 248 
LYS HE3  H N N 249 
LYS HZ1  H N N 250 
LYS HZ2  H N N 251 
LYS HZ3  H N N 252 
LYS HXT  H N N 253 
MET N    N N N 254 
MET CA   C N S 255 
MET C    C N N 256 
MET O    O N N 257 
MET CB   C N N 258 
MET CG   C N N 259 
MET SD   S N N 260 
MET CE   C N N 261 
MET OXT  O N N 262 
MET H    H N N 263 
MET H2   H N N 264 
MET HA   H N N 265 
MET HB2  H N N 266 
MET HB3  H N N 267 
MET HG2  H N N 268 
MET HG3  H N N 269 
MET HE1  H N N 270 
MET HE2  H N N 271 
MET HE3  H N N 272 
MET HXT  H N N 273 
MSU C1   C N N 274 
MSU O1   O N N 275 
MSU C2   C N N 276 
MSU C3   C N N 277 
MSU C4   C N N 278 
MSU OT1  O N N 279 
MSU OT2  O N N 280 
MSU CT   C N N 281 
MSU OXT  O N N 282 
MSU H21  H N N 283 
MSU H22  H N N 284 
MSU H31  H N N 285 
MSU H32  H N N 286 
MSU HT1  H N N 287 
MSU HT2  H N N 288 
MSU HT3  H N N 289 
MSU HXT  H N N 290 
PHE N    N N N 291 
PHE CA   C N S 292 
PHE C    C N N 293 
PHE O    O N N 294 
PHE CB   C N N 295 
PHE CG   C Y N 296 
PHE CD1  C Y N 297 
PHE CD2  C Y N 298 
PHE CE1  C Y N 299 
PHE CE2  C Y N 300 
PHE CZ   C Y N 301 
PHE OXT  O N N 302 
PHE H    H N N 303 
PHE H2   H N N 304 
PHE HA   H N N 305 
PHE HB2  H N N 306 
PHE HB3  H N N 307 
PHE HD1  H N N 308 
PHE HD2  H N N 309 
PHE HE1  H N N 310 
PHE HE2  H N N 311 
PHE HZ   H N N 312 
PHE HXT  H N N 313 
PRO N    N N N 314 
PRO CA   C N S 315 
PRO C    C N N 316 
PRO O    O N N 317 
PRO CB   C N N 318 
PRO CG   C N N 319 
PRO CD   C N N 320 
PRO OXT  O N N 321 
PRO H    H N N 322 
PRO HA   H N N 323 
PRO HB2  H N N 324 
PRO HB3  H N N 325 
PRO HG2  H N N 326 
PRO HG3  H N N 327 
PRO HD2  H N N 328 
PRO HD3  H N N 329 
PRO HXT  H N N 330 
SER N    N N N 331 
SER CA   C N S 332 
SER C    C N N 333 
SER O    O N N 334 
SER CB   C N N 335 
SER OG   O N N 336 
SER OXT  O N N 337 
SER H    H N N 338 
SER H2   H N N 339 
SER HA   H N N 340 
SER HB2  H N N 341 
SER HB3  H N N 342 
SER HG   H N N 343 
SER HXT  H N N 344 
SO4 S    S N N 345 
SO4 O1   O N N 346 
SO4 O2   O N N 347 
SO4 O3   O N N 348 
SO4 O4   O N N 349 
THR N    N N N 350 
THR CA   C N S 351 
THR C    C N N 352 
THR O    O N N 353 
THR CB   C N R 354 
THR OG1  O N N 355 
THR CG2  C N N 356 
THR OXT  O N N 357 
THR H    H N N 358 
THR H2   H N N 359 
THR HA   H N N 360 
THR HB   H N N 361 
THR HG1  H N N 362 
THR HG21 H N N 363 
THR HG22 H N N 364 
THR HG23 H N N 365 
THR HXT  H N N 366 
TRP N    N N N 367 
TRP CA   C N S 368 
TRP C    C N N 369 
TRP O    O N N 370 
TRP CB   C N N 371 
TRP CG   C Y N 372 
TRP CD1  C Y N 373 
TRP CD2  C Y N 374 
TRP NE1  N Y N 375 
TRP CE2  C Y N 376 
TRP CE3  C Y N 377 
TRP CZ2  C Y N 378 
TRP CZ3  C Y N 379 
TRP CH2  C Y N 380 
TRP OXT  O N N 381 
TRP H    H N N 382 
TRP H2   H N N 383 
TRP HA   H N N 384 
TRP HB2  H N N 385 
TRP HB3  H N N 386 
TRP HD1  H N N 387 
TRP HE1  H N N 388 
TRP HE3  H N N 389 
TRP HZ2  H N N 390 
TRP HZ3  H N N 391 
TRP HH2  H N N 392 
TRP HXT  H N N 393 
TYR N    N N N 394 
TYR CA   C N S 395 
TYR C    C N N 396 
TYR O    O N N 397 
TYR CB   C N N 398 
TYR CG   C Y N 399 
TYR CD1  C Y N 400 
TYR CD2  C Y N 401 
TYR CE1  C Y N 402 
TYR CE2  C Y N 403 
TYR CZ   C Y N 404 
TYR OH   O N N 405 
TYR OXT  O N N 406 
TYR H    H N N 407 
TYR H2   H N N 408 
TYR HA   H N N 409 
TYR HB2  H N N 410 
TYR HB3  H N N 411 
TYR HD1  H N N 412 
TYR HD2  H N N 413 
TYR HE1  H N N 414 
TYR HE2  H N N 415 
TYR HH   H N N 416 
TYR HXT  H N N 417 
VAL N    N N N 418 
VAL CA   C N S 419 
VAL C    C N N 420 
VAL O    O N N 421 
VAL CB   C N N 422 
VAL CG1  C N N 423 
VAL CG2  C N N 424 
VAL OXT  O N N 425 
VAL H    H N N 426 
VAL H2   H N N 427 
VAL HA   H N N 428 
VAL HB   H N N 429 
VAL HG11 H N N 430 
VAL HG12 H N N 431 
VAL HG13 H N N 432 
VAL HG21 H N N 433 
VAL HG22 H N N 434 
VAL HG23 H N N 435 
VAL HXT  H N N 436 
# 
loop_
_chem_comp_bond.comp_id 
_chem_comp_bond.atom_id_1 
_chem_comp_bond.atom_id_2 
_chem_comp_bond.value_order 
_chem_comp_bond.pdbx_aromatic_flag 
_chem_comp_bond.pdbx_stereo_config 
_chem_comp_bond.pdbx_ordinal 
ALA N   CA   sing N N 1   
ALA N   H    sing N N 2   
ALA N   H2   sing N N 3   
ALA CA  C    sing N N 4   
ALA CA  CB   sing N N 5   
ALA CA  HA   sing N N 6   
ALA C   O    doub N N 7   
ALA C   OXT  sing N N 8   
ALA CB  HB1  sing N N 9   
ALA CB  HB2  sing N N 10  
ALA CB  HB3  sing N N 11  
ALA OXT HXT  sing N N 12  
ARG N   CA   sing N N 13  
ARG N   H    sing N N 14  
ARG N   H2   sing N N 15  
ARG CA  C    sing N N 16  
ARG CA  CB   sing N N 17  
ARG CA  HA   sing N N 18  
ARG C   O    doub N N 19  
ARG C   OXT  sing N N 20  
ARG CB  CG   sing N N 21  
ARG CB  HB2  sing N N 22  
ARG CB  HB3  sing N N 23  
ARG CG  CD   sing N N 24  
ARG CG  HG2  sing N N 25  
ARG CG  HG3  sing N N 26  
ARG CD  NE   sing N N 27  
ARG CD  HD2  sing N N 28  
ARG CD  HD3  sing N N 29  
ARG NE  CZ   sing N N 30  
ARG NE  HE   sing N N 31  
ARG CZ  NH1  sing N N 32  
ARG CZ  NH2  doub N N 33  
ARG NH1 HH11 sing N N 34  
ARG NH1 HH12 sing N N 35  
ARG NH2 HH21 sing N N 36  
ARG NH2 HH22 sing N N 37  
ARG OXT HXT  sing N N 38  
ASN N   CA   sing N N 39  
ASN N   H    sing N N 40  
ASN N   H2   sing N N 41  
ASN CA  C    sing N N 42  
ASN CA  CB   sing N N 43  
ASN CA  HA   sing N N 44  
ASN C   O    doub N N 45  
ASN C   OXT  sing N N 46  
ASN CB  CG   sing N N 47  
ASN CB  HB2  sing N N 48  
ASN CB  HB3  sing N N 49  
ASN CG  OD1  doub N N 50  
ASN CG  ND2  sing N N 51  
ASN ND2 HD21 sing N N 52  
ASN ND2 HD22 sing N N 53  
ASN OXT HXT  sing N N 54  
ASP N   CA   sing N N 55  
ASP N   H    sing N N 56  
ASP N   H2   sing N N 57  
ASP CA  C    sing N N 58  
ASP CA  CB   sing N N 59  
ASP CA  HA   sing N N 60  
ASP C   O    doub N N 61  
ASP C   OXT  sing N N 62  
ASP CB  CG   sing N N 63  
ASP CB  HB2  sing N N 64  
ASP CB  HB3  sing N N 65  
ASP CG  OD1  doub N N 66  
ASP CG  OD2  sing N N 67  
ASP OD2 HD2  sing N N 68  
ASP OXT HXT  sing N N 69  
B2F N   CA   sing N N 70  
B2F N   H    sing N N 71  
B2F N   H2   sing N N 72  
B2F CA  CB   sing N N 73  
B2F CA  B    sing N N 74  
B2F CA  HA   sing N N 75  
B2F CB  CG   sing N N 76  
B2F CB  HB1  sing N N 77  
B2F CB  HB2  sing N N 78  
B2F CG  CD1  doub Y N 79  
B2F CG  CD2  sing Y N 80  
B2F CD1 CE1  sing Y N 81  
B2F CD1 HD1  sing N N 82  
B2F CD2 CE2  doub Y N 83  
B2F CD2 HD2  sing N N 84  
B2F CE1 CZ   doub Y N 85  
B2F CE1 HE1  sing N N 86  
B2F CE2 CZ   sing Y N 87  
B2F CE2 HE2  sing N N 88  
B2F CZ  HZ   sing N N 89  
B2F B   O1   sing N N 90  
B2F B   O2   sing N N 91  
B2F O1  HO1  sing N N 92  
B2F O2  HO2  sing N N 93  
CYS N   CA   sing N N 94  
CYS N   H    sing N N 95  
CYS N   H2   sing N N 96  
CYS CA  C    sing N N 97  
CYS CA  CB   sing N N 98  
CYS CA  HA   sing N N 99  
CYS C   O    doub N N 100 
CYS C   OXT  sing N N 101 
CYS CB  SG   sing N N 102 
CYS CB  HB2  sing N N 103 
CYS CB  HB3  sing N N 104 
CYS SG  HG   sing N N 105 
CYS OXT HXT  sing N N 106 
GLN N   CA   sing N N 107 
GLN N   H    sing N N 108 
GLN N   H2   sing N N 109 
GLN CA  C    sing N N 110 
GLN CA  CB   sing N N 111 
GLN CA  HA   sing N N 112 
GLN C   O    doub N N 113 
GLN C   OXT  sing N N 114 
GLN CB  CG   sing N N 115 
GLN CB  HB2  sing N N 116 
GLN CB  HB3  sing N N 117 
GLN CG  CD   sing N N 118 
GLN CG  HG2  sing N N 119 
GLN CG  HG3  sing N N 120 
GLN CD  OE1  doub N N 121 
GLN CD  NE2  sing N N 122 
GLN NE2 HE21 sing N N 123 
GLN NE2 HE22 sing N N 124 
GLN OXT HXT  sing N N 125 
GLU N   CA   sing N N 126 
GLU N   H    sing N N 127 
GLU N   H2   sing N N 128 
GLU CA  C    sing N N 129 
GLU CA  CB   sing N N 130 
GLU CA  HA   sing N N 131 
GLU C   O    doub N N 132 
GLU C   OXT  sing N N 133 
GLU CB  CG   sing N N 134 
GLU CB  HB2  sing N N 135 
GLU CB  HB3  sing N N 136 
GLU CG  CD   sing N N 137 
GLU CG  HG2  sing N N 138 
GLU CG  HG3  sing N N 139 
GLU CD  OE1  doub N N 140 
GLU CD  OE2  sing N N 141 
GLU OE2 HE2  sing N N 142 
GLU OXT HXT  sing N N 143 
GLY N   CA   sing N N 144 
GLY N   H    sing N N 145 
GLY N   H2   sing N N 146 
GLY CA  C    sing N N 147 
GLY CA  HA2  sing N N 148 
GLY CA  HA3  sing N N 149 
GLY C   O    doub N N 150 
GLY C   OXT  sing N N 151 
GLY OXT HXT  sing N N 152 
HIS N   CA   sing N N 153 
HIS N   H    sing N N 154 
HIS N   H2   sing N N 155 
HIS CA  C    sing N N 156 
HIS CA  CB   sing N N 157 
HIS CA  HA   sing N N 158 
HIS C   O    doub N N 159 
HIS C   OXT  sing N N 160 
HIS CB  CG   sing N N 161 
HIS CB  HB2  sing N N 162 
HIS CB  HB3  sing N N 163 
HIS CG  ND1  sing Y N 164 
HIS CG  CD2  doub Y N 165 
HIS ND1 CE1  doub Y N 166 
HIS ND1 HD1  sing N N 167 
HIS CD2 NE2  sing Y N 168 
HIS CD2 HD2  sing N N 169 
HIS CE1 NE2  sing Y N 170 
HIS CE1 HE1  sing N N 171 
HIS NE2 HE2  sing N N 172 
HIS OXT HXT  sing N N 173 
HOH O   H1   sing N N 174 
HOH O   H2   sing N N 175 
ILE N   CA   sing N N 176 
ILE N   H    sing N N 177 
ILE N   H2   sing N N 178 
ILE CA  C    sing N N 179 
ILE CA  CB   sing N N 180 
ILE CA  HA   sing N N 181 
ILE C   O    doub N N 182 
ILE C   OXT  sing N N 183 
ILE CB  CG1  sing N N 184 
ILE CB  CG2  sing N N 185 
ILE CB  HB   sing N N 186 
ILE CG1 CD1  sing N N 187 
ILE CG1 HG12 sing N N 188 
ILE CG1 HG13 sing N N 189 
ILE CG2 HG21 sing N N 190 
ILE CG2 HG22 sing N N 191 
ILE CG2 HG23 sing N N 192 
ILE CD1 HD11 sing N N 193 
ILE CD1 HD12 sing N N 194 
ILE CD1 HD13 sing N N 195 
ILE OXT HXT  sing N N 196 
LEU N   CA   sing N N 197 
LEU N   H    sing N N 198 
LEU N   H2   sing N N 199 
LEU CA  C    sing N N 200 
LEU CA  CB   sing N N 201 
LEU CA  HA   sing N N 202 
LEU C   O    doub N N 203 
LEU C   OXT  sing N N 204 
LEU CB  CG   sing N N 205 
LEU CB  HB2  sing N N 206 
LEU CB  HB3  sing N N 207 
LEU CG  CD1  sing N N 208 
LEU CG  CD2  sing N N 209 
LEU CG  HG   sing N N 210 
LEU CD1 HD11 sing N N 211 
LEU CD1 HD12 sing N N 212 
LEU CD1 HD13 sing N N 213 
LEU CD2 HD21 sing N N 214 
LEU CD2 HD22 sing N N 215 
LEU CD2 HD23 sing N N 216 
LEU OXT HXT  sing N N 217 
LYS N   CA   sing N N 218 
LYS N   H    sing N N 219 
LYS N   H2   sing N N 220 
LYS CA  C    sing N N 221 
LYS CA  CB   sing N N 222 
LYS CA  HA   sing N N 223 
LYS C   O    doub N N 224 
LYS C   OXT  sing N N 225 
LYS CB  CG   sing N N 226 
LYS CB  HB2  sing N N 227 
LYS CB  HB3  sing N N 228 
LYS CG  CD   sing N N 229 
LYS CG  HG2  sing N N 230 
LYS CG  HG3  sing N N 231 
LYS CD  CE   sing N N 232 
LYS CD  HD2  sing N N 233 
LYS CD  HD3  sing N N 234 
LYS CE  NZ   sing N N 235 
LYS CE  HE2  sing N N 236 
LYS CE  HE3  sing N N 237 
LYS NZ  HZ1  sing N N 238 
LYS NZ  HZ2  sing N N 239 
LYS NZ  HZ3  sing N N 240 
LYS OXT HXT  sing N N 241 
MET N   CA   sing N N 242 
MET N   H    sing N N 243 
MET N   H2   sing N N 244 
MET CA  C    sing N N 245 
MET CA  CB   sing N N 246 
MET CA  HA   sing N N 247 
MET C   O    doub N N 248 
MET C   OXT  sing N N 249 
MET CB  CG   sing N N 250 
MET CB  HB2  sing N N 251 
MET CB  HB3  sing N N 252 
MET CG  SD   sing N N 253 
MET CG  HG2  sing N N 254 
MET CG  HG3  sing N N 255 
MET SD  CE   sing N N 256 
MET CE  HE1  sing N N 257 
MET CE  HE2  sing N N 258 
MET CE  HE3  sing N N 259 
MET OXT HXT  sing N N 260 
MSU C1  O1   doub N N 261 
MSU C1  C2   sing N N 262 
MSU C1  OXT  sing N N 263 
MSU C2  C3   sing N N 264 
MSU C2  H21  sing N N 265 
MSU C2  H22  sing N N 266 
MSU C3  C4   sing N N 267 
MSU C3  H31  sing N N 268 
MSU C3  H32  sing N N 269 
MSU C4  OT1  doub N N 270 
MSU C4  OT2  sing N N 271 
MSU OT2 CT   sing N N 272 
MSU CT  HT1  sing N N 273 
MSU CT  HT2  sing N N 274 
MSU CT  HT3  sing N N 275 
MSU OXT HXT  sing N N 276 
PHE N   CA   sing N N 277 
PHE N   H    sing N N 278 
PHE N   H2   sing N N 279 
PHE CA  C    sing N N 280 
PHE CA  CB   sing N N 281 
PHE CA  HA   sing N N 282 
PHE C   O    doub N N 283 
PHE C   OXT  sing N N 284 
PHE CB  CG   sing N N 285 
PHE CB  HB2  sing N N 286 
PHE CB  HB3  sing N N 287 
PHE CG  CD1  doub Y N 288 
PHE CG  CD2  sing Y N 289 
PHE CD1 CE1  sing Y N 290 
PHE CD1 HD1  sing N N 291 
PHE CD2 CE2  doub Y N 292 
PHE CD2 HD2  sing N N 293 
PHE CE1 CZ   doub Y N 294 
PHE CE1 HE1  sing N N 295 
PHE CE2 CZ   sing Y N 296 
PHE CE2 HE2  sing N N 297 
PHE CZ  HZ   sing N N 298 
PHE OXT HXT  sing N N 299 
PRO N   CA   sing N N 300 
PRO N   CD   sing N N 301 
PRO N   H    sing N N 302 
PRO CA  C    sing N N 303 
PRO CA  CB   sing N N 304 
PRO CA  HA   sing N N 305 
PRO C   O    doub N N 306 
PRO C   OXT  sing N N 307 
PRO CB  CG   sing N N 308 
PRO CB  HB2  sing N N 309 
PRO CB  HB3  sing N N 310 
PRO CG  CD   sing N N 311 
PRO CG  HG2  sing N N 312 
PRO CG  HG3  sing N N 313 
PRO CD  HD2  sing N N 314 
PRO CD  HD3  sing N N 315 
PRO OXT HXT  sing N N 316 
SER N   CA   sing N N 317 
SER N   H    sing N N 318 
SER N   H2   sing N N 319 
SER CA  C    sing N N 320 
SER CA  CB   sing N N 321 
SER CA  HA   sing N N 322 
SER C   O    doub N N 323 
SER C   OXT  sing N N 324 
SER CB  OG   sing N N 325 
SER CB  HB2  sing N N 326 
SER CB  HB3  sing N N 327 
SER OG  HG   sing N N 328 
SER OXT HXT  sing N N 329 
SO4 S   O1   doub N N 330 
SO4 S   O2   doub N N 331 
SO4 S   O3   sing N N 332 
SO4 S   O4   sing N N 333 
THR N   CA   sing N N 334 
THR N   H    sing N N 335 
THR N   H2   sing N N 336 
THR CA  C    sing N N 337 
THR CA  CB   sing N N 338 
THR CA  HA   sing N N 339 
THR C   O    doub N N 340 
THR C   OXT  sing N N 341 
THR CB  OG1  sing N N 342 
THR CB  CG2  sing N N 343 
THR CB  HB   sing N N 344 
THR OG1 HG1  sing N N 345 
THR CG2 HG21 sing N N 346 
THR CG2 HG22 sing N N 347 
THR CG2 HG23 sing N N 348 
THR OXT HXT  sing N N 349 
TRP N   CA   sing N N 350 
TRP N   H    sing N N 351 
TRP N   H2   sing N N 352 
TRP CA  C    sing N N 353 
TRP CA  CB   sing N N 354 
TRP CA  HA   sing N N 355 
TRP C   O    doub N N 356 
TRP C   OXT  sing N N 357 
TRP CB  CG   sing N N 358 
TRP CB  HB2  sing N N 359 
TRP CB  HB3  sing N N 360 
TRP CG  CD1  doub Y N 361 
TRP CG  CD2  sing Y N 362 
TRP CD1 NE1  sing Y N 363 
TRP CD1 HD1  sing N N 364 
TRP CD2 CE2  doub Y N 365 
TRP CD2 CE3  sing Y N 366 
TRP NE1 CE2  sing Y N 367 
TRP NE1 HE1  sing N N 368 
TRP CE2 CZ2  sing Y N 369 
TRP CE3 CZ3  doub Y N 370 
TRP CE3 HE3  sing N N 371 
TRP CZ2 CH2  doub Y N 372 
TRP CZ2 HZ2  sing N N 373 
TRP CZ3 CH2  sing Y N 374 
TRP CZ3 HZ3  sing N N 375 
TRP CH2 HH2  sing N N 376 
TRP OXT HXT  sing N N 377 
TYR N   CA   sing N N 378 
TYR N   H    sing N N 379 
TYR N   H2   sing N N 380 
TYR CA  C    sing N N 381 
TYR CA  CB   sing N N 382 
TYR CA  HA   sing N N 383 
TYR C   O    doub N N 384 
TYR C   OXT  sing N N 385 
TYR CB  CG   sing N N 386 
TYR CB  HB2  sing N N 387 
TYR CB  HB3  sing N N 388 
TYR CG  CD1  doub Y N 389 
TYR CG  CD2  sing Y N 390 
TYR CD1 CE1  sing Y N 391 
TYR CD1 HD1  sing N N 392 
TYR CD2 CE2  doub Y N 393 
TYR CD2 HD2  sing N N 394 
TYR CE1 CZ   doub Y N 395 
TYR CE1 HE1  sing N N 396 
TYR CE2 CZ   sing Y N 397 
TYR CE2 HE2  sing N N 398 
TYR CZ  OH   sing N N 399 
TYR OH  HH   sing N N 400 
TYR OXT HXT  sing N N 401 
VAL N   CA   sing N N 402 
VAL N   H    sing N N 403 
VAL N   H2   sing N N 404 
VAL CA  C    sing N N 405 
VAL CA  CB   sing N N 406 
VAL CA  HA   sing N N 407 
VAL C   O    doub N N 408 
VAL C   OXT  sing N N 409 
VAL CB  CG1  sing N N 410 
VAL CB  CG2  sing N N 411 
VAL CB  HB   sing N N 412 
VAL CG1 HG11 sing N N 413 
VAL CG1 HG12 sing N N 414 
VAL CG1 HG13 sing N N 415 
VAL CG2 HG21 sing N N 416 
VAL CG2 HG22 sing N N 417 
VAL CG2 HG23 sing N N 418 
VAL OXT HXT  sing N N 419 
# 
_atom_sites.entry_id                    1GBD 
_atom_sites.fract_transf_matrix[1][1]   -0.00966057 
_atom_sites.fract_transf_matrix[1][2]   0.01439002 
_atom_sites.fract_transf_matrix[1][3]   -0.00200528 
_atom_sites.fract_transf_matrix[2][1]   -0.00982349 
_atom_sites.fract_transf_matrix[2][2]   0.00582144 
_atom_sites.fract_transf_matrix[2][3]   0.01319252 
_atom_sites.fract_transf_matrix[3][1]   0.00954986 
_atom_sites.fract_transf_matrix[3][2]   0.00697333 
_atom_sites.fract_transf_matrix[3][3]   0.00403396 
_atom_sites.fract_transf_vector[1]      0.597134 
_atom_sites.fract_transf_vector[2]      0.483285 
_atom_sites.fract_transf_vector[3]      0.183754 
# 
_atom_sites_footnote.id     1 
_atom_sites_footnote.text   ? 
# 
loop_
_atom_type.symbol 
B 
C 
N 
O 
S 
# 
loop_
_atom_site.group_PDB 
_atom_site.id 
_atom_site.type_symbol 
_atom_site.label_atom_id 
_atom_site.label_alt_id 
_atom_site.label_comp_id 
_atom_site.label_asym_id 
_atom_site.label_entity_id 
_atom_site.label_seq_id 
_atom_site.pdbx_PDB_ins_code 
_atom_site.Cartn_x 
_atom_site.Cartn_y 
_atom_site.Cartn_z 
_atom_site.occupancy 
_atom_site.B_iso_or_equiv 
_atom_site.pdbx_formal_charge 
_atom_site.auth_seq_id 
_atom_site.auth_comp_id 
_atom_site.auth_asym_id 
_atom_site.auth_atom_id 
_atom_site.pdbx_PDB_model_num 
ATOM   1    N N   . ALA A 1 1   A 4.119   -10.797 -14.965 1.00 10.66 ? 15  ALA A N   1 
ATOM   2    C CA  . ALA A 1 1   A 2.913   -10.659 -14.186 1.00 8.59  ? 15  ALA A CA  1 
ATOM   3    C C   . ALA A 1 1   A 2.441   -9.265  -14.529 1.00 8.98  ? 15  ALA A C   1 
ATOM   4    O O   . ALA A 1 1   A 3.247   -8.389  -14.902 1.00 8.86  ? 15  ALA A O   1 
ATOM   5    C CB  . ALA A 1 1   A 3.204   -10.733 -12.686 1.00 6.45  ? 15  ALA A CB  1 
ATOM   6    N N   . ASN A 1 2   B 1.130   -9.084  -14.486 1.00 9.57  ? 15  ASN A N   1 
ATOM   7    C CA  . ASN A 1 2   B 0.535   -7.768  -14.642 1.00 9.09  ? 15  ASN A CA  1 
ATOM   8    C C   . ASN A 1 2   B 0.516   -7.154  -13.265 1.00 8.86  ? 15  ASN A C   1 
ATOM   9    O O   . ASN A 1 2   B 0.085   -7.774  -12.293 1.00 7.16  ? 15  ASN A O   1 
ATOM   10   C CB  . ASN A 1 2   B -0.873  -7.912  -15.203 1.00 7.98  ? 15  ASN A CB  1 
ATOM   11   C CG  . ASN A 1 2   B -0.808  -8.191  -16.700 1.00 9.18  ? 15  ASN A CG  1 
ATOM   12   O OD1 . ASN A 1 2   B 0.272   -8.404  -17.270 1.00 11.49 ? 15  ASN A OD1 1 
ATOM   13   N ND2 . ASN A 1 2   B -1.903  -8.168  -17.439 1.00 8.53  ? 15  ASN A ND2 1 
ATOM   14   N N   . ILE A 1 3   ? 1.015   -5.936  -13.138 1.00 9.17  ? 16  ILE A N   1 
ATOM   15   C CA  . ILE A 1 3   ? 1.169   -5.286  -11.840 1.00 8.79  ? 16  ILE A CA  1 
ATOM   16   C C   . ILE A 1 3   ? -0.035  -4.376  -11.708 1.00 8.44  ? 16  ILE A C   1 
ATOM   17   O O   . ILE A 1 3   ? -0.184  -3.435  -12.495 1.00 8.10  ? 16  ILE A O   1 
ATOM   18   C CB  . ILE A 1 3   ? 2.504   -4.478  -11.809 1.00 7.36  ? 16  ILE A CB  1 
ATOM   19   C CG1 . ILE A 1 3   ? 3.686   -5.395  -12.127 1.00 7.85  ? 16  ILE A CG1 1 
ATOM   20   C CG2 . ILE A 1 3   ? 2.660   -3.817  -10.456 1.00 5.84  ? 16  ILE A CG2 1 
ATOM   21   C CD1 . ILE A 1 3   ? 3.865   -6.704  -11.314 1.00 6.86  ? 16  ILE A CD1 1 
ATOM   22   N N   . VAL A 1 4   ? -0.858  -4.711  -10.711 1.00 7.79  ? 17  VAL A N   1 
ATOM   23   C CA  . VAL A 1 4   ? -2.130  -4.086  -10.405 1.00 8.35  ? 17  VAL A CA  1 
ATOM   24   C C   . VAL A 1 4   ? -2.096  -3.779  -8.905  1.00 8.56  ? 17  VAL A C   1 
ATOM   25   O O   . VAL A 1 4   ? -1.643  -4.630  -8.114  1.00 10.48 ? 17  VAL A O   1 
ATOM   26   C CB  . VAL A 1 4   ? -3.253  -5.115  -10.761 1.00 9.89  ? 17  VAL A CB  1 
ATOM   27   C CG1 . VAL A 1 4   ? -4.599  -4.581  -10.348 1.00 11.63 ? 17  VAL A CG1 1 
ATOM   28   C CG2 . VAL A 1 4   ? -3.310  -5.367  -12.252 1.00 12.48 ? 17  VAL A CG2 1 
ATOM   29   N N   . GLY A 1 5   ? -2.531  -2.596  -8.465  1.00 8.10  ? 18  GLY A N   1 
ATOM   30   C CA  . GLY A 1 5   ? -2.579  -2.242  -7.060  1.00 6.73  ? 18  GLY A CA  1 
ATOM   31   C C   . GLY A 1 5   ? -3.470  -3.226  -6.328  1.00 8.23  ? 18  GLY A C   1 
ATOM   32   O O   . GLY A 1 5   ? -4.505  -3.632  -6.864  1.00 6.67  ? 18  GLY A O   1 
ATOM   33   N N   . GLY A 1 6   ? -3.054  -3.727  -5.178  1.00 8.46  ? 19  GLY A N   1 
ATOM   34   C CA  . GLY A 1 6   ? -3.887  -4.553  -4.352  1.00 8.81  ? 19  GLY A CA  1 
ATOM   35   C C   . GLY A 1 6   ? -3.589  -6.033  -4.422  1.00 9.43  ? 19  GLY A C   1 
ATOM   36   O O   . GLY A 1 6   ? -4.112  -6.776  -3.571  1.00 9.26  ? 19  GLY A O   1 
ATOM   37   N N   . ILE A 1 7   ? -2.798  -6.506  -5.400  1.00 9.77  ? 31  ILE A N   1 
ATOM   38   C CA  . ILE A 1 7   ? -2.607  -7.948  -5.536  1.00 8.98  ? 31  ILE A CA  1 
ATOM   39   C C   . ILE A 1 7   ? -1.506  -8.426  -4.610  1.00 9.31  ? 31  ILE A C   1 
ATOM   40   O O   . ILE A 1 7   ? -0.692  -7.625  -4.133  1.00 8.88  ? 31  ILE A O   1 
ATOM   41   C CB  . ILE A 1 7   ? -2.291  -8.344  -7.020  1.00 10.12 ? 31  ILE A CB  1 
ATOM   42   C CG1 . ILE A 1 7   ? -1.011  -7.723  -7.545  1.00 11.50 ? 31  ILE A CG1 1 
ATOM   43   C CG2 . ILE A 1 7   ? -3.437  -7.845  -7.894  1.00 8.19  ? 31  ILE A CG2 1 
ATOM   44   C CD1 . ILE A 1 7   ? -0.629  -8.263  -8.939  1.00 12.40 ? 31  ILE A CD1 1 
ATOM   45   N N   . GLU A 1 8   ? -1.503  -9.718  -4.296  1.00 8.83  ? 32  GLU A N   1 
ATOM   46   C CA  . GLU A 1 8   ? -0.554  -10.348 -3.408  1.00 7.24  ? 32  GLU A CA  1 
ATOM   47   C C   . GLU A 1 8   ? 0.811   -10.497 -4.045  1.00 7.35  ? 32  GLU A C   1 
ATOM   48   O O   . GLU A 1 8   ? 0.927   -10.747 -5.252  1.00 6.68  ? 32  GLU A O   1 
ATOM   49   C CB  . GLU A 1 8   ? -1.053  -11.711 -3.073  1.00 7.23  ? 32  GLU A CB  1 
ATOM   50   C CG  . GLU A 1 8   ? -0.184  -12.537 -2.164  1.00 7.10  ? 32  GLU A CG  1 
ATOM   51   C CD  . GLU A 1 8   ? -0.815  -13.900 -1.944  1.00 11.89 ? 32  GLU A CD  1 
ATOM   52   O OE1 . GLU A 1 8   ? -1.873  -14.000 -1.327  1.00 14.90 ? 32  GLU A OE1 1 
ATOM   53   O OE2 . GLU A 1 8   ? -0.262  -14.890 -2.408  1.00 15.37 ? 32  GLU A OE2 1 
ATOM   54   N N   . TYR A 1 9   ? 1.856   -10.378 -3.234  1.00 7.87  ? 33  TYR A N   1 
ATOM   55   C CA  . TYR A 1 9   ? 3.192   -10.761 -3.648  1.00 5.57  ? 33  TYR A CA  1 
ATOM   56   C C   . TYR A 1 9   ? 3.855   -11.287 -2.373  1.00 6.23  ? 33  TYR A C   1 
ATOM   57   O O   . TYR A 1 9   ? 3.449   -10.919 -1.262  1.00 5.47  ? 33  TYR A O   1 
ATOM   58   C CB  . TYR A 1 9   ? 3.938   -9.544  -4.254  1.00 4.50  ? 33  TYR A CB  1 
ATOM   59   C CG  . TYR A 1 9   ? 4.398   -8.467  -3.302  1.00 4.11  ? 33  TYR A CG  1 
ATOM   60   C CD1 . TYR A 1 9   ? 3.530   -7.430  -2.932  1.00 5.69  ? 33  TYR A CD1 1 
ATOM   61   C CD2 . TYR A 1 9   ? 5.698   -8.520  -2.806  1.00 5.35  ? 33  TYR A CD2 1 
ATOM   62   C CE1 . TYR A 1 9   ? 3.964   -6.435  -2.050  1.00 3.84  ? 33  TYR A CE1 1 
ATOM   63   C CE2 . TYR A 1 9   ? 6.136   -7.525  -1.921  1.00 4.66  ? 33  TYR A CE2 1 
ATOM   64   C CZ  . TYR A 1 9   ? 5.257   -6.505  -1.552  1.00 6.11  ? 33  TYR A CZ  1 
ATOM   65   O OH  . TYR A 1 9   ? 5.662   -5.581  -0.626  1.00 8.84  ? 33  TYR A OH  1 
ATOM   66   N N   . SER A 1 10  ? 4.857   -12.164 -2.464  1.00 6.69  ? 34  SER A N   1 
ATOM   67   C CA  . SER A 1 10  ? 5.569   -12.686 -1.310  1.00 7.21  ? 34  SER A CA  1 
ATOM   68   C C   . SER A 1 10  ? 6.962   -12.092 -1.295  1.00 8.82  ? 34  SER A C   1 
ATOM   69   O O   . SER A 1 10  ? 7.508   -11.685 -2.352  1.00 8.54  ? 34  SER A O   1 
ATOM   70   C CB  . SER A 1 10  ? 5.708   -14.192 -1.379  1.00 9.38  ? 34  SER A CB  1 
ATOM   71   O OG  . SER A 1 10  ? 6.380   -14.598 -2.569  1.00 11.02 ? 34  SER A OG  1 
ATOM   72   N N   . ILE A 1 11  ? 7.540   -12.104 -0.086  1.00 7.72  ? 35  ILE A N   1 
ATOM   73   C CA  . ILE A 1 11  ? 8.856   -11.547 0.131   1.00 8.04  ? 35  ILE A CA  1 
ATOM   74   C C   . ILE A 1 11  ? 9.669   -12.703 0.682   1.00 8.46  ? 35  ILE A C   1 
ATOM   75   O O   . ILE A 1 11  ? 9.305   -13.323 1.693   1.00 7.53  ? 35  ILE A O   1 
ATOM   76   C CB  . ILE A 1 11  ? 8.838   -10.371 1.160   1.00 8.16  ? 35  ILE A CB  1 
ATOM   77   C CG1 . ILE A 1 11  ? 7.898   -9.237  0.759   1.00 4.93  ? 35  ILE A CG1 1 
ATOM   78   C CG2 . ILE A 1 11  ? 10.270  -9.825  1.255   1.00 7.43  ? 35  ILE A CG2 1 
ATOM   79   C CD1 . ILE A 1 11  ? 6.425   -9.429  1.214   1.00 5.89  ? 35  ILE A CD1 1 
ATOM   80   N N   . ASN A 1 12  ? 10.729  -13.027 -0.048  1.00 9.79  ? 36  ASN A N   1 
ATOM   81   C CA  . ASN A 1 12  ? 11.663  -14.086 0.266   1.00 11.17 ? 36  ASN A CA  1 
ATOM   82   C C   . ASN A 1 12  ? 11.021  -15.414 0.587   1.00 12.16 ? 36  ASN A C   1 
ATOM   83   O O   . ASN A 1 12  ? 11.393  -16.112 1.542   1.00 11.15 ? 36  ASN A O   1 
ATOM   84   C CB  . ASN A 1 12  ? 12.505  -13.651 1.437   1.00 13.91 ? 36  ASN A CB  1 
ATOM   85   C CG  . ASN A 1 12  ? 13.533  -12.629 1.017   1.00 17.35 ? 36  ASN A CG  1 
ATOM   86   O OD1 . ASN A 1 12  ? 13.860  -12.485 -0.161  1.00 17.83 ? 36  ASN A OD1 1 
ATOM   87   N ND2 . ASN A 1 12  ? 14.061  -11.863 1.961   1.00 19.37 ? 36  ASN A ND2 1 
ATOM   88   N N   . ASN A 1 13  ? 9.985   -15.735 -0.176  1.00 13.03 ? 38  ASN A N   1 
ATOM   89   C CA  . ASN A 1 13  ? 9.221   -16.950 0.006   1.00 13.90 ? 38  ASN A CA  1 
ATOM   90   C C   . ASN A 1 13  ? 8.592   -17.114 1.370   1.00 14.60 ? 38  ASN A C   1 
ATOM   91   O O   . ASN A 1 13  ? 8.351   -18.249 1.801   1.00 15.02 ? 38  ASN A O   1 
ATOM   92   C CB  . ASN A 1 13  ? 10.090  -18.162 -0.239  1.00 16.22 ? 38  ASN A CB  1 
ATOM   93   C CG  . ASN A 1 13  ? 10.062  -18.533 -1.689  1.00 18.86 ? 38  ASN A CG  1 
ATOM   94   O OD1 . ASN A 1 13  ? 9.018   -18.464 -2.346  1.00 18.91 ? 38  ASN A OD1 1 
ATOM   95   N ND2 . ASN A 1 13  ? 11.207  -18.960 -2.202  1.00 18.81 ? 38  ASN A ND2 1 
ATOM   96   N N   . ALA A 1 14  ? 8.288   -16.003 2.055   1.00 13.77 ? 39  ALA A N   1 
ATOM   97   C CA  . ALA A 1 14  ? 7.755   -16.069 3.413   1.00 14.26 ? 39  ALA A CA  1 
ATOM   98   C C   . ALA A 1 14  ? 6.627   -15.080 3.707   1.00 13.43 ? 39  ALA A C   1 
ATOM   99   O O   . ALA A 1 14  ? 5.490   -15.526 3.744   1.00 14.50 ? 39  ALA A O   1 
ATOM   100  C CB  . ALA A 1 14  ? 8.887   -15.842 4.438   1.00 11.72 ? 39  ALA A CB  1 
ATOM   101  N N   . SER A 1 15  ? 6.781   -13.781 3.932   1.00 12.97 ? 40  SER A N   1 
ATOM   102  C CA  . SER A 1 15  ? 5.663   -12.901 4.192   1.00 11.24 ? 40  SER A CA  1 
ATOM   103  C C   . SER A 1 15  ? 4.948   -12.593 2.903   1.00 8.93  ? 40  SER A C   1 
ATOM   104  O O   . SER A 1 15  ? 5.481   -12.764 1.815   1.00 5.72  ? 40  SER A O   1 
ATOM   105  C CB  . SER A 1 15  ? 6.159   -11.605 4.797   1.00 13.17 ? 40  SER A CB  1 
ATOM   106  O OG  . SER A 1 15  ? 6.808   -11.901 6.028   1.00 17.70 ? 40  SER A OG  1 
ATOM   107  N N   . LEU A 1 16  ? 3.729   -12.138 3.091   1.00 8.94  ? 41  LEU A N   1 
ATOM   108  C CA  . LEU A 1 16  ? 2.863   -11.699 2.029   1.00 9.31  ? 41  LEU A CA  1 
ATOM   109  C C   . LEU A 1 16  ? 2.580   -10.240 2.285   1.00 7.77  ? 41  LEU A C   1 
ATOM   110  O O   . LEU A 1 16  ? 2.482   -9.798  3.432   1.00 8.66  ? 41  LEU A O   1 
ATOM   111  C CB  . LEU A 1 16  ? 1.545   -12.463 2.059   1.00 7.02  ? 41  LEU A CB  1 
ATOM   112  C CG  . LEU A 1 16  ? 1.622   -13.972 1.881   1.00 9.64  ? 41  LEU A CG  1 
ATOM   113  C CD1 . LEU A 1 16  ? 0.216   -14.570 1.899   1.00 7.00  ? 41  LEU A CD1 1 
ATOM   114  C CD2 . LEU A 1 16  ? 2.311   -14.283 0.570   1.00 8.73  ? 41  LEU A CD2 1 
ATOM   115  N N   . CYS A 1 17  ? 2.525   -9.479  1.228   1.00 6.91  ? 42  CYS A N   1 
ATOM   116  C CA  . CYS A 1 17  ? 2.034   -8.111  1.280   1.00 7.15  ? 42  CYS A CA  1 
ATOM   117  C C   . CYS A 1 17  ? 1.213   -7.840  0.008   1.00 6.60  ? 42  CYS A C   1 
ATOM   118  O O   . CYS A 1 17  ? 0.982   -8.740  -0.813  1.00 5.51  ? 42  CYS A O   1 
ATOM   119  C CB  . CYS A 1 17  ? 3.208   -7.149  1.380   1.00 6.00  ? 42  CYS A CB  1 
ATOM   120  S SG  . CYS A 1 17  ? 3.708   -6.912  3.101   1.00 7.86  ? 42  CYS A SG  1 
ATOM   121  N N   . SER A 1 18  ? 0.757   -6.622  -0.218  1.00 5.35  ? 43  SER A N   1 
ATOM   122  C CA  . SER A 1 18  ? -0.059  -6.293  -1.365  1.00 5.61  ? 43  SER A CA  1 
ATOM   123  C C   . SER A 1 18  ? 0.675   -5.179  -2.111  1.00 6.00  ? 43  SER A C   1 
ATOM   124  O O   . SER A 1 18  ? 1.399   -4.400  -1.497  1.00 5.74  ? 43  SER A O   1 
ATOM   125  C CB  . SER A 1 18  ? -1.407  -5.789  -0.905  1.00 5.30  ? 43  SER A CB  1 
ATOM   126  O OG  . SER A 1 18  ? -2.055  -6.676  -0.023  1.00 6.01  ? 43  SER A OG  1 
ATOM   127  N N   . VAL A 1 19  ? 0.533   -5.126  -3.435  1.00 5.72  ? 44  VAL A N   1 
ATOM   128  C CA  . VAL A 1 19  ? 1.111   -4.128  -4.302  1.00 5.42  ? 44  VAL A CA  1 
ATOM   129  C C   . VAL A 1 19  ? 0.390   -2.817  -4.059  1.00 5.04  ? 44  VAL A C   1 
ATOM   130  O O   . VAL A 1 19  ? -0.824  -2.814  -3.881  1.00 5.08  ? 44  VAL A O   1 
ATOM   131  C CB  . VAL A 1 19  ? 0.947   -4.623  -5.751  1.00 5.77  ? 44  VAL A CB  1 
ATOM   132  C CG1 . VAL A 1 19  ? 1.418   -3.570  -6.720  1.00 3.71  ? 44  VAL A CG1 1 
ATOM   133  C CG2 . VAL A 1 19  ? 1.779   -5.887  -5.962  1.00 4.90  ? 44  VAL A CG2 1 
ATOM   134  N N   . GLY A 1 20  A 1.120   -1.722  -3.990  1.00 4.55  ? 44  GLY A N   1 
ATOM   135  C CA  . GLY A 1 20  A 0.523   -0.428  -3.787  1.00 3.02  ? 44  GLY A CA  1 
ATOM   136  C C   . GLY A 1 20  A 0.250   0.184   -5.129  1.00 3.79  ? 44  GLY A C   1 
ATOM   137  O O   . GLY A 1 20  A -0.909  0.236   -5.489  1.00 4.03  ? 44  GLY A O   1 
ATOM   138  N N   . PHE A 1 21  ? 1.224   0.655   -5.903  1.00 3.77  ? 45  PHE A N   1 
ATOM   139  C CA  . PHE A 1 21  ? 1.017   1.302   -7.212  1.00 5.36  ? 45  PHE A CA  1 
ATOM   140  C C   . PHE A 1 21  ? 2.173   1.087   -8.176  1.00 5.63  ? 45  PHE A C   1 
ATOM   141  O O   . PHE A 1 21  ? 3.319   1.044   -7.713  1.00 6.79  ? 45  PHE A O   1 
ATOM   142  C CB  . PHE A 1 21  ? 0.878   2.837   -7.140  1.00 5.27  ? 45  PHE A CB  1 
ATOM   143  C CG  . PHE A 1 21  ? -0.297  3.279   -6.291  1.00 6.29  ? 45  PHE A CG  1 
ATOM   144  C CD1 . PHE A 1 21  ? -1.595  3.277   -6.836  1.00 4.17  ? 45  PHE A CD1 1 
ATOM   145  C CD2 . PHE A 1 21  ? -0.074  3.620   -4.954  1.00 5.78  ? 45  PHE A CD2 1 
ATOM   146  C CE1 . PHE A 1 21  ? -2.670  3.609   -6.022  1.00 4.26  ? 45  PHE A CE1 1 
ATOM   147  C CE2 . PHE A 1 21  ? -1.162  3.954   -4.144  1.00 4.99  ? 45  PHE A CE2 1 
ATOM   148  C CZ  . PHE A 1 21  ? -2.453  3.946   -4.679  1.00 5.00  ? 45  PHE A CZ  1 
ATOM   149  N N   . SER A 1 22  ? 1.914   0.890   -9.470  1.00 6.34  ? 46  SER A N   1 
ATOM   150  C CA  . SER A 1 22  ? 2.900   0.857   -10.526 1.00 6.76  ? 46  SER A CA  1 
ATOM   151  C C   . SER A 1 22  ? 3.490   2.251   -10.668 1.00 8.05  ? 46  SER A C   1 
ATOM   152  O O   . SER A 1 22  ? 2.757   3.258   -10.702 1.00 6.89  ? 46  SER A O   1 
ATOM   153  C CB  . SER A 1 22  ? 2.278   0.522   -11.852 1.00 7.50  ? 46  SER A CB  1 
ATOM   154  O OG  . SER A 1 22  ? 1.643   -0.741  -11.812 1.00 10.66 ? 46  SER A OG  1 
ATOM   155  N N   . VAL A 1 23  ? 4.813   2.288   -10.764 1.00 6.63  ? 47  VAL A N   1 
ATOM   156  C CA  . VAL A 1 23  ? 5.575   3.506   -10.933 1.00 6.52  ? 47  VAL A CA  1 
ATOM   157  C C   . VAL A 1 23  ? 6.759   3.201   -11.862 1.00 9.18  ? 47  VAL A C   1 
ATOM   158  O O   . VAL A 1 23  ? 7.124   2.034   -12.132 1.00 7.43  ? 47  VAL A O   1 
ATOM   159  C CB  . VAL A 1 23  ? 6.170   4.047   -9.586  1.00 6.23  ? 47  VAL A CB  1 
ATOM   160  C CG1 . VAL A 1 23  ? 5.045   4.374   -8.608  1.00 3.18  ? 47  VAL A CG1 1 
ATOM   161  C CG2 . VAL A 1 23  ? 7.151   3.031   -8.976  1.00 4.76  ? 47  VAL A CG2 1 
ATOM   162  N N   . THR A 1 24  ? 7.380   4.257   -12.360 1.00 9.01  ? 48  THR A N   1 
ATOM   163  C CA  . THR A 1 24  ? 8.617   4.114   -13.089 1.00 10.38 ? 48  THR A CA  1 
ATOM   164  C C   . THR A 1 24  ? 9.677   5.044   -12.491 1.00 11.69 ? 48  THR A C   1 
ATOM   165  O O   . THR A 1 24  ? 9.363   6.063   -11.841 1.00 10.91 ? 48  THR A O   1 
ATOM   166  C CB  . THR A 1 24  ? 8.419   4.458   -14.583 1.00 12.06 ? 48  THR A CB  1 
ATOM   167  O OG1 . THR A 1 24  ? 7.797   5.745   -14.664 1.00 13.78 ? 48  THR A OG1 1 
ATOM   168  C CG2 . THR A 1 24  ? 7.567   3.423   -15.300 1.00 12.05 ? 48  THR A CG2 1 
ATOM   169  N N   . ARG A 1 25  A 10.949  4.681   -12.680 1.00 12.50 ? 48  ARG A N   1 
ATOM   170  C CA  . ARG A 1 25  A 12.057  5.546   -12.366 1.00 13.40 ? 48  ARG A CA  1 
ATOM   171  C C   . ARG A 1 25  A 12.954  5.489   -13.590 1.00 11.00 ? 48  ARG A C   1 
ATOM   172  O O   . ARG A 1 25  A 13.805  4.614   -13.767 1.00 11.62 ? 48  ARG A O   1 
ATOM   173  C CB  . ARG A 1 25  A 12.760  5.032   -11.147 1.00 17.69 ? 48  ARG A CB  1 
ATOM   174  C CG  . ARG A 1 25  A 13.613  6.166   -10.676 1.00 23.37 ? 48  ARG A CG  1 
ATOM   175  C CD  . ARG A 1 25  A 14.925  5.530   -10.411 1.00 30.84 ? 48  ARG A CD  1 
ATOM   176  N NE  . ARG A 1 25  A 15.301  5.859   -9.067  1.00 37.12 ? 48  ARG A NE  1 
ATOM   177  C CZ  . ARG A 1 25  A 16.449  5.479   -8.530  1.00 40.06 ? 48  ARG A CZ  1 
ATOM   178  N NH1 . ARG A 1 25  A 17.352  4.737   -9.190  1.00 39.94 ? 48  ARG A NH1 1 
ATOM   179  N NH2 . ARG A 1 25  A 16.638  5.870   -7.274  1.00 42.77 ? 48  ARG A NH2 1 
ATOM   180  N N   . GLY A 1 26  B 12.708  6.415   -14.497 1.00 11.05 ? 48  GLY A N   1 
ATOM   181  C CA  . GLY A 1 26  B 13.399  6.443   -15.759 1.00 10.23 ? 48  GLY A CA  1 
ATOM   182  C C   . GLY A 1 26  B 12.874  5.206   -16.451 1.00 11.64 ? 48  GLY A C   1 
ATOM   183  O O   . GLY A 1 26  B 11.701  4.853   -16.316 1.00 11.43 ? 48  GLY A O   1 
ATOM   184  N N   . ALA A 1 27  C 13.748  4.469   -17.097 1.00 11.42 ? 48  ALA A N   1 
ATOM   185  C CA  . ALA A 1 27  C 13.412  3.223   -17.749 1.00 11.69 ? 48  ALA A CA  1 
ATOM   186  C C   . ALA A 1 27  C 13.150  2.088   -16.750 1.00 13.11 ? 48  ALA A C   1 
ATOM   187  O O   . ALA A 1 27  C 12.906  0.955   -17.162 1.00 15.05 ? 48  ALA A O   1 
ATOM   188  C CB  . ALA A 1 27  C 14.569  2.837   -18.648 1.00 11.65 ? 48  ALA A CB  1 
ATOM   189  N N   . THR A 1 28  ? 13.246  2.239   -15.434 1.00 13.17 ? 49  THR A N   1 
ATOM   190  C CA  . THR A 1 28  ? 13.004  1.124   -14.537 1.00 12.26 ? 49  THR A CA  1 
ATOM   191  C C   . THR A 1 28  ? 11.537  1.069   -14.152 1.00 11.62 ? 49  THR A C   1 
ATOM   192  O O   . THR A 1 28  ? 10.916  2.101   -13.898 1.00 11.85 ? 49  THR A O   1 
ATOM   193  C CB  . THR A 1 28  ? 13.880  1.293   -13.289 1.00 12.79 ? 49  THR A CB  1 
ATOM   194  O OG1 . THR A 1 28  ? 15.181  1.543   -13.813 1.00 15.20 ? 49  THR A OG1 1 
ATOM   195  C CG2 . THR A 1 28  ? 13.903  0.090   -12.360 1.00 10.35 ? 49  THR A CG2 1 
ATOM   196  N N   . LYS A 1 29  ? 10.989  -0.135  -14.112 1.00 10.23 ? 50  LYS A N   1 
ATOM   197  C CA  . LYS A 1 29  ? 9.619   -0.406  -13.714 1.00 10.79 ? 50  LYS A CA  1 
ATOM   198  C C   . LYS A 1 29  ? 9.635   -0.740  -12.236 1.00 10.40 ? 50  LYS A C   1 
ATOM   199  O O   . LYS A 1 29  ? 10.576  -1.382  -11.755 1.00 10.26 ? 50  LYS A O   1 
ATOM   200  C CB  . LYS A 1 29  ? 9.062   -1.628  -14.447 1.00 11.89 ? 50  LYS A CB  1 
ATOM   201  C CG  . LYS A 1 29  ? 9.039   -1.418  -15.947 1.00 12.56 ? 50  LYS A CG  1 
ATOM   202  C CD  . LYS A 1 29  ? 8.657   -2.699  -16.630 1.00 13.98 ? 50  LYS A CD  1 
ATOM   203  C CE  . LYS A 1 29  ? 8.465   -2.326  -18.086 1.00 16.28 ? 50  LYS A CE  1 
ATOM   204  N NZ  . LYS A 1 29  ? 7.901   -3.438  -18.843 1.00 17.62 ? 50  LYS A NZ  1 
ATOM   205  N N   . GLY A 1 30  ? 8.621   -0.398  -11.477 1.00 9.96  ? 51  GLY A N   1 
ATOM   206  C CA  . GLY A 1 30  ? 8.584   -0.798  -10.094 1.00 8.99  ? 51  GLY A CA  1 
ATOM   207  C C   . GLY A 1 30  ? 7.187   -0.631  -9.529  1.00 8.22  ? 51  GLY A C   1 
ATOM   208  O O   . GLY A 1 30  ? 6.238   -0.266  -10.232 1.00 7.74  ? 51  GLY A O   1 
ATOM   209  N N   . PHE A 1 31  ? 7.031   -0.991  -8.271  1.00 7.06  ? 52  PHE A N   1 
ATOM   210  C CA  . PHE A 1 31  ? 5.828   -0.629  -7.570  1.00 6.97  ? 52  PHE A CA  1 
ATOM   211  C C   . PHE A 1 31  ? 6.202   -0.180  -6.160  1.00 6.25  ? 52  PHE A C   1 
ATOM   212  O O   . PHE A 1 31  ? 7.215   -0.628  -5.610  1.00 5.69  ? 52  PHE A O   1 
ATOM   213  C CB  . PHE A 1 31  ? 4.845   -1.821  -7.533  1.00 6.13  ? 52  PHE A CB  1 
ATOM   214  C CG  . PHE A 1 31  ? 5.259   -3.074  -6.768  1.00 6.44  ? 52  PHE A CG  1 
ATOM   215  C CD1 . PHE A 1 31  ? 5.120   -3.143  -5.378  1.00 4.72  ? 52  PHE A CD1 1 
ATOM   216  C CD2 . PHE A 1 31  ? 5.724   -4.181  -7.479  1.00 6.24  ? 52  PHE A CD2 1 
ATOM   217  C CE1 . PHE A 1 31  ? 5.437   -4.316  -4.704  1.00 2.48  ? 52  PHE A CE1 1 
ATOM   218  C CE2 . PHE A 1 31  ? 6.034   -5.351  -6.795  1.00 7.33  ? 52  PHE A CE2 1 
ATOM   219  C CZ  . PHE A 1 31  ? 5.892   -5.414  -5.408  1.00 5.74  ? 52  PHE A CZ  1 
ATOM   220  N N   . VAL A 1 32  ? 5.421   0.738   -5.609  1.00 6.04  ? 53  VAL A N   1 
ATOM   221  C CA  . VAL A 1 32  ? 5.547   1.198   -4.246  1.00 6.05  ? 53  VAL A CA  1 
ATOM   222  C C   . VAL A 1 32  ? 4.739   0.284   -3.357  1.00 6.72  ? 53  VAL A C   1 
ATOM   223  O O   . VAL A 1 32  ? 3.699   -0.228  -3.806  1.00 5.39  ? 53  VAL A O   1 
ATOM   224  C CB  . VAL A 1 32  ? 5.034   2.656   -4.075  1.00 7.34  ? 53  VAL A CB  1 
ATOM   225  C CG1 . VAL A 1 32  ? 5.986   3.524   -4.859  1.00 6.79  ? 53  VAL A CG1 1 
ATOM   226  C CG2 . VAL A 1 32  ? 3.666   2.927   -4.670  1.00 7.93  ? 53  VAL A CG2 1 
ATOM   227  N N   . THR A 1 33  ? 5.222   0.080   -2.124  1.00 6.33  ? 54  THR A N   1 
ATOM   228  C CA  . THR A 1 33  ? 4.632   -0.806  -1.154  1.00 5.98  ? 54  THR A CA  1 
ATOM   229  C C   . THR A 1 33  ? 5.075   -0.348  0.221   1.00 6.67  ? 54  THR A C   1 
ATOM   230  O O   . THR A 1 33  ? 5.710   0.698   0.349   1.00 7.17  ? 54  THR A O   1 
ATOM   231  C CB  . THR A 1 33  ? 5.087   -2.258  -1.443  1.00 8.38  ? 54  THR A CB  1 
ATOM   232  O OG1 . THR A 1 33  ? 4.177   -3.094  -0.704  1.00 8.22  ? 54  THR A OG1 1 
ATOM   233  C CG2 . THR A 1 33  ? 6.566   -2.510  -1.119  1.00 3.92  ? 54  THR A CG2 1 
ATOM   234  N N   . ALA A 1 34  ? 4.779   -1.068  1.291   1.00 6.90  ? 55  ALA A N   1 
ATOM   235  C CA  . ALA A 1 34  ? 5.131   -0.640  2.639   1.00 6.64  ? 55  ALA A CA  1 
ATOM   236  C C   . ALA A 1 34  ? 6.547   -1.078  2.950   1.00 6.78  ? 55  ALA A C   1 
ATOM   237  O O   . ALA A 1 34  ? 6.962   -2.155  2.530   1.00 5.97  ? 55  ALA A O   1 
ATOM   238  C CB  . ALA A 1 34  ? 4.214   -1.273  3.680   1.00 5.97  ? 55  ALA A CB  1 
ATOM   239  N N   . GLY A 1 35  ? 7.287   -0.276  3.737   1.00 7.62  ? 56  GLY A N   1 
ATOM   240  C CA  . GLY A 1 35  ? 8.680   -0.542  4.087   1.00 6.74  ? 56  GLY A CA  1 
ATOM   241  C C   . GLY A 1 35  ? 8.840   -1.756  4.963   1.00 6.71  ? 56  GLY A C   1 
ATOM   242  O O   . GLY A 1 35  ? 9.767   -2.521  4.811   1.00 5.48  ? 56  GLY A O   1 
ATOM   243  N N   . HIS A 1 36  ? 7.886   -2.013  5.848   1.00 8.48  ? 57  HIS A N   1 
ATOM   244  C CA  . HIS A 1 36  ? 7.989   -3.138  6.750   1.00 8.91  ? 57  HIS A CA  1 
ATOM   245  C C   . HIS A 1 36  ? 7.796   -4.431  5.995   1.00 9.44  ? 57  HIS A C   1 
ATOM   246  O O   . HIS A 1 36  ? 8.054   -5.464  6.609   1.00 11.68 ? 57  HIS A O   1 
ATOM   247  C CB  . HIS A 1 36  ? 6.956   -3.041  7.874   1.00 6.97  ? 57  HIS A CB  1 
ATOM   248  C CG  . HIS A 1 36  ? 5.484   -3.278  7.568   1.00 9.90  ? 57  HIS A CG  1 
ATOM   249  N ND1 . HIS A 1 36  ? 4.518   -2.369  7.377   1.00 10.83 ? 57  HIS A ND1 1 
ATOM   250  C CD2 . HIS A 1 36  ? 4.887   -4.521  7.484   1.00 10.06 ? 57  HIS A CD2 1 
ATOM   251  C CE1 . HIS A 1 36  ? 3.385   -2.990  7.180   1.00 8.41  ? 57  HIS A CE1 1 
ATOM   252  N NE2 . HIS A 1 36  ? 3.620   -4.272  7.249   1.00 11.83 ? 57  HIS A NE2 1 
ATOM   253  N N   . CYS A 1 37  ? 7.326   -4.440  4.739   1.00 7.93  ? 58  CYS A N   1 
ATOM   254  C CA  . CYS A 1 37  ? 7.165   -5.698  4.016   1.00 9.44  ? 58  CYS A CA  1 
ATOM   255  C C   . CYS A 1 37  ? 8.478   -6.420  3.673   1.00 10.75 ? 58  CYS A C   1 
ATOM   256  O O   . CYS A 1 37  ? 8.503   -7.654  3.554   1.00 11.14 ? 58  CYS A O   1 
ATOM   257  C CB  . CYS A 1 37  ? 6.381   -5.465  2.705   1.00 9.18  ? 58  CYS A CB  1 
ATOM   258  S SG  . CYS A 1 37  ? 4.641   -5.093  3.050   1.00 10.25 ? 58  CYS A SG  1 
ATOM   259  N N   . GLY A 1 38  ? 9.604   -5.727  3.490   1.00 11.65 ? 59  GLY A N   1 
ATOM   260  C CA  . GLY A 1 38  ? 10.847  -6.394  3.147   1.00 12.54 ? 59  GLY A CA  1 
ATOM   261  C C   . GLY A 1 38  ? 12.038  -5.483  3.327   1.00 12.18 ? 59  GLY A C   1 
ATOM   262  O O   . GLY A 1 38  ? 11.872  -4.283  3.494   1.00 13.15 ? 59  GLY A O   1 
ATOM   263  N N   . THR A 1 39  A 13.236  -6.011  3.301   1.00 11.66 ? 59  THR A N   1 
ATOM   264  C CA  . THR A 1 39  A 14.439  -5.231  3.437   1.00 12.80 ? 59  THR A CA  1 
ATOM   265  C C   . THR A 1 39  A 14.966  -5.112  2.046   1.00 12.46 ? 59  THR A C   1 
ATOM   266  O O   . THR A 1 39  A 14.597  -5.887  1.159   1.00 11.15 ? 59  THR A O   1 
ATOM   267  C CB  . THR A 1 39  A 15.424  -5.986  4.311   1.00 15.34 ? 59  THR A CB  1 
ATOM   268  O OG1 . THR A 1 39  A 15.280  -7.377  4.011   1.00 17.24 ? 59  THR A OG1 1 
ATOM   269  C CG2 . THR A 1 39  A 15.145  -5.780  5.779   1.00 17.08 ? 59  THR A CG2 1 
ATOM   270  N N   . VAL A 1 40  B 15.914  -4.205  1.879   1.00 12.86 ? 59  VAL A N   1 
ATOM   271  C CA  . VAL A 1 40  B 16.541  -3.987  0.601   1.00 13.47 ? 59  VAL A CA  1 
ATOM   272  C C   . VAL A 1 40  B 17.109  -5.294  0.101   1.00 14.19 ? 59  VAL A C   1 
ATOM   273  O O   . VAL A 1 40  B 17.588  -6.099  0.890   1.00 15.38 ? 59  VAL A O   1 
ATOM   274  C CB  . VAL A 1 40  B 17.617  -2.926  0.776   1.00 14.91 ? 59  VAL A CB  1 
ATOM   275  C CG1 . VAL A 1 40  B 18.444  -2.718  -0.503  1.00 15.19 ? 59  VAL A CG1 1 
ATOM   276  C CG2 . VAL A 1 40  B 16.889  -1.611  1.101   1.00 15.87 ? 59  VAL A CG2 1 
ATOM   277  N N   . ASN A 1 41  ? 16.928  -5.527  -1.185  1.00 14.42 ? 60  ASN A N   1 
ATOM   278  C CA  . ASN A 1 41  ? 17.307  -6.697  -1.948  1.00 15.53 ? 60  ASN A CA  1 
ATOM   279  C C   . ASN A 1 41  ? 16.503  -7.926  -1.663  1.00 13.68 ? 60  ASN A C   1 
ATOM   280  O O   . ASN A 1 41  ? 16.854  -8.970  -2.203  1.00 13.17 ? 60  ASN A O   1 
ATOM   281  C CB  . ASN A 1 41  ? 18.756  -7.128  -1.758  1.00 20.29 ? 60  ASN A CB  1 
ATOM   282  C CG  . ASN A 1 41  ? 19.726  -6.047  -2.169  1.00 25.63 ? 60  ASN A CG  1 
ATOM   283  O OD1 . ASN A 1 41  ? 20.588  -5.684  -1.379  1.00 30.56 ? 60  ASN A OD1 1 
ATOM   284  N ND2 . ASN A 1 41  ? 19.641  -5.437  -3.344  1.00 27.19 ? 60  ASN A ND2 1 
ATOM   285  N N   . ALA A 1 42  ? 15.464  -7.871  -0.829  1.00 12.86 ? 61  ALA A N   1 
ATOM   286  C CA  . ALA A 1 42  ? 14.565  -9.011  -0.660  1.00 12.14 ? 61  ALA A CA  1 
ATOM   287  C C   . ALA A 1 42  ? 13.852  -9.310  -1.989  1.00 12.34 ? 61  ALA A C   1 
ATOM   288  O O   . ALA A 1 42  ? 13.567  -8.397  -2.780  1.00 12.37 ? 61  ALA A O   1 
ATOM   289  C CB  . ALA A 1 42  ? 13.516  -8.689  0.404   1.00 11.26 ? 61  ALA A CB  1 
ATOM   290  N N   . THR A 1 43  ? 13.612  -10.583 -2.291  1.00 12.44 ? 62  THR A N   1 
ATOM   291  C CA  . THR A 1 43  ? 13.010  -11.024 -3.530  1.00 12.62 ? 62  THR A CA  1 
ATOM   292  C C   . THR A 1 43  ? 11.497  -11.033 -3.461  1.00 12.68 ? 62  THR A C   1 
ATOM   293  O O   . THR A 1 43  ? 10.876  -11.621 -2.564  1.00 12.37 ? 62  THR A O   1 
ATOM   294  C CB  . THR A 1 43  ? 13.534  -12.424 -3.839  1.00 14.15 ? 62  THR A CB  1 
ATOM   295  O OG1 . THR A 1 43  ? 14.957  -12.381 -3.836  1.00 15.97 ? 62  THR A OG1 1 
ATOM   296  C CG2 . THR A 1 43  ? 13.027  -12.911 -5.179  1.00 14.90 ? 62  THR A CG2 1 
ATOM   297  N N   . ALA A 1 44  ? 10.910  -10.390 -4.456  1.00 12.82 ? 64  ALA A N   1 
ATOM   298  C CA  . ALA A 1 44  ? 9.467   -10.282 -4.539  1.00 13.17 ? 64  ALA A CA  1 
ATOM   299  C C   . ALA A 1 44  ? 8.968   -11.304 -5.541  1.00 13.24 ? 64  ALA A C   1 
ATOM   300  O O   . ALA A 1 44  ? 9.515   -11.398 -6.643  1.00 13.70 ? 64  ALA A O   1 
ATOM   301  C CB  . ALA A 1 44  ? 9.049   -8.894  -5.027  1.00 11.75 ? 64  ALA A CB  1 
ATOM   302  N N   . ARG A 1 45  ? 7.957   -12.093 -5.212  1.00 13.69 ? 65  ARG A N   1 
ATOM   303  C CA  . ARG A 1 45  ? 7.385   -13.047 -6.145  1.00 13.93 ? 65  ARG A CA  1 
ATOM   304  C C   . ARG A 1 45  ? 5.921   -12.789 -6.303  1.00 13.67 ? 65  ARG A C   1 
ATOM   305  O O   . ARG A 1 45  ? 5.234   -12.420 -5.351  1.00 12.09 ? 65  ARG A O   1 
ATOM   306  C CB  . ARG A 1 45  ? 7.515   -14.482 -5.669  1.00 13.65 ? 65  ARG A CB  1 
ATOM   307  C CG  . ARG A 1 45  ? 8.941   -14.938 -5.783  1.00 13.58 ? 65  ARG A CG  1 
ATOM   308  C CD  . ARG A 1 45  ? 9.034   -16.305 -5.151  1.00 16.37 ? 65  ARG A CD  1 
ATOM   309  N NE  . ARG A 1 45  ? 10.362  -16.858 -5.348  1.00 16.51 ? 65  ARG A NE  1 
ATOM   310  C CZ  . ARG A 1 45  ? 11.400  -16.568 -4.565  1.00 17.46 ? 65  ARG A CZ  1 
ATOM   311  N NH1 . ARG A 1 45  ? 11.346  -15.749 -3.514  1.00 16.79 ? 65  ARG A NH1 1 
ATOM   312  N NH2 . ARG A 1 45  ? 12.551  -17.120 -4.882  1.00 20.14 ? 65  ARG A NH2 1 
ATOM   313  N N   . ILE A 1 46  ? 5.425   -12.969 -7.511  1.00 15.36 ? 66  ILE A N   1 
ATOM   314  C CA  . ILE A 1 46  ? 3.996   -12.893 -7.773  1.00 15.03 ? 66  ILE A CA  1 
ATOM   315  C C   . ILE A 1 46  ? 3.638   -14.168 -8.516  1.00 16.81 ? 66  ILE A C   1 
ATOM   316  O O   . ILE A 1 46  ? 4.099   -14.454 -9.625  1.00 15.70 ? 66  ILE A O   1 
ATOM   317  C CB  . ILE A 1 46  ? 3.607   -11.686 -8.642  1.00 13.67 ? 66  ILE A CB  1 
ATOM   318  C CG1 . ILE A 1 46  ? 3.857   -10.416 -7.840  1.00 12.93 ? 66  ILE A CG1 1 
ATOM   319  C CG2 . ILE A 1 46  ? 2.130   -11.801 -9.081  1.00 11.44 ? 66  ILE A CG2 1 
ATOM   320  C CD1 . ILE A 1 46  ? 3.607   -9.125  -8.609  1.00 13.81 ? 66  ILE A CD1 1 
ATOM   321  N N   . GLY A 1 47  ? 2.825   -14.944 -7.814  1.00 18.45 ? 67  GLY A N   1 
ATOM   322  C CA  . GLY A 1 47  ? 2.278   -16.192 -8.293  1.00 19.40 ? 67  GLY A CA  1 
ATOM   323  C C   . GLY A 1 47  ? 3.377   -17.202 -8.500  1.00 20.87 ? 67  GLY A C   1 
ATOM   324  O O   . GLY A 1 47  ? 3.411   -17.883 -9.528  1.00 21.32 ? 67  GLY A O   1 
ATOM   325  N N   . GLY A 1 48  ? 4.310   -17.252 -7.553  1.00 21.35 ? 81  GLY A N   1 
ATOM   326  C CA  . GLY A 1 48  ? 5.422   -18.164 -7.658  1.00 22.33 ? 81  GLY A CA  1 
ATOM   327  C C   . GLY A 1 48  ? 6.615   -17.663 -8.470  1.00 22.62 ? 81  GLY A C   1 
ATOM   328  O O   . GLY A 1 48  ? 7.708   -18.208 -8.261  1.00 25.95 ? 81  GLY A O   1 
ATOM   329  N N   . ALA A 1 49  ? 6.510   -16.683 -9.380  1.00 20.72 ? 82  ALA A N   1 
ATOM   330  C CA  . ALA A 1 49  ? 7.666   -16.183 -10.126 1.00 18.72 ? 82  ALA A CA  1 
ATOM   331  C C   . ALA A 1 49  ? 8.244   -14.893 -9.559  1.00 16.66 ? 82  ALA A C   1 
ATOM   332  O O   . ALA A 1 49  ? 7.537   -14.010 -9.058  1.00 15.37 ? 82  ALA A O   1 
ATOM   333  C CB  . ALA A 1 49  ? 7.326   -15.876 -11.576 1.00 18.66 ? 82  ALA A CB  1 
ATOM   334  N N   . VAL A 1 50  ? 9.569   -14.807 -9.651  1.00 15.30 ? 83  VAL A N   1 
ATOM   335  C CA  . VAL A 1 50  ? 10.331  -13.650 -9.202  1.00 13.84 ? 83  VAL A CA  1 
ATOM   336  C C   . VAL A 1 50  ? 9.970   -12.483 -10.118 1.00 12.28 ? 83  VAL A C   1 
ATOM   337  O O   . VAL A 1 50  ? 9.958   -12.637 -11.338 1.00 11.05 ? 83  VAL A O   1 
ATOM   338  C CB  . VAL A 1 50  ? 11.832  -13.977 -9.289  1.00 13.30 ? 83  VAL A CB  1 
ATOM   339  C CG1 . VAL A 1 50  ? 12.676  -12.760 -8.934  1.00 12.15 ? 83  VAL A CG1 1 
ATOM   340  C CG2 . VAL A 1 50  ? 12.117  -15.134 -8.348  1.00 11.74 ? 83  VAL A CG2 1 
ATOM   341  N N   . VAL A 1 51  ? 9.568   -11.358 -9.557  1.00 10.69 ? 84  VAL A N   1 
ATOM   342  C CA  . VAL A 1 51  ? 9.222   -10.215 -10.368 1.00 10.25 ? 84  VAL A CA  1 
ATOM   343  C C   . VAL A 1 51  ? 10.232  -9.096  -10.149 1.00 11.20 ? 84  VAL A C   1 
ATOM   344  O O   . VAL A 1 51  ? 10.366  -8.260  -11.036 1.00 11.76 ? 84  VAL A O   1 
ATOM   345  C CB  . VAL A 1 51  ? 7.779   -9.724  -10.048 1.00 9.11  ? 84  VAL A CB  1 
ATOM   346  C CG1 . VAL A 1 51  ? 6.854   -10.850 -10.490 1.00 10.04 ? 84  VAL A CG1 1 
ATOM   347  C CG2 . VAL A 1 51  ? 7.554   -9.372  -8.592  1.00 7.11  ? 84  VAL A CG2 1 
ATOM   348  N N   . GLY A 1 52  ? 10.976  -9.045  -9.044  1.00 11.05 ? 85  GLY A N   1 
ATOM   349  C CA  . GLY A 1 52  ? 11.953  -8.006  -8.822  1.00 11.91 ? 85  GLY A CA  1 
ATOM   350  C C   . GLY A 1 52  ? 12.496  -8.084  -7.406  1.00 13.09 ? 85  GLY A C   1 
ATOM   351  O O   . GLY A 1 52  ? 12.353  -9.091  -6.702  1.00 13.70 ? 85  GLY A O   1 
ATOM   352  N N   . THR A 1 53  ? 13.117  -7.018  -6.941  1.00 13.83 ? 87  THR A N   1 
ATOM   353  C CA  . THR A 1 53  ? 13.693  -6.973  -5.614  1.00 14.20 ? 87  THR A CA  1 
ATOM   354  C C   . THR A 1 53  ? 13.446  -5.602  -4.972  1.00 13.73 ? 87  THR A C   1 
ATOM   355  O O   . THR A 1 53  ? 13.292  -4.592  -5.690  1.00 11.55 ? 87  THR A O   1 
ATOM   356  C CB  . THR A 1 53  ? 15.244  -7.244  -5.674  1.00 16.55 ? 87  THR A CB  1 
ATOM   357  O OG1 . THR A 1 53  ? 15.838  -6.388  -6.641  1.00 16.98 ? 87  THR A OG1 1 
ATOM   358  C CG2 . THR A 1 53  ? 15.554  -8.680  -6.074  1.00 18.86 ? 87  THR A CG2 1 
ATOM   359  N N   . PHE A 1 54  ? 13.441  -5.547  -3.625  1.00 11.56 ? 88  PHE A N   1 
ATOM   360  C CA  . PHE A 1 54  ? 13.290  -4.322  -2.869  1.00 10.66 ? 88  PHE A CA  1 
ATOM   361  C C   . PHE A 1 54  ? 14.479  -3.407  -3.168  1.00 12.50 ? 88  PHE A C   1 
ATOM   362  O O   . PHE A 1 54  ? 15.615  -3.811  -2.918  1.00 11.99 ? 88  PHE A O   1 
ATOM   363  C CB  . PHE A 1 54  ? 13.253  -4.649  -1.398  1.00 9.21  ? 88  PHE A CB  1 
ATOM   364  C CG  . PHE A 1 54  ? 11.842  -4.934  -0.964  1.00 8.09  ? 88  PHE A CG  1 
ATOM   365  C CD1 . PHE A 1 54  ? 11.239  -6.148  -1.317  1.00 7.92  ? 88  PHE A CD1 1 
ATOM   366  C CD2 . PHE A 1 54  ? 11.138  -3.952  -0.270  1.00 7.81  ? 88  PHE A CD2 1 
ATOM   367  C CE1 . PHE A 1 54  ? 9.905   -6.382  -0.981  1.00 8.24  ? 88  PHE A CE1 1 
ATOM   368  C CE2 . PHE A 1 54  ? 9.803   -4.198  0.061   1.00 7.82  ? 88  PHE A CE2 1 
ATOM   369  C CZ  . PHE A 1 54  ? 9.189   -5.401  -0.292  1.00 7.71  ? 88  PHE A CZ  1 
ATOM   370  N N   . ALA A 1 55  A 14.263  -2.199  -3.691  1.00 12.05 ? 88  ALA A N   1 
ATOM   371  C CA  . ALA A 1 55  A 15.340  -1.332  -4.082  1.00 11.81 ? 88  ALA A CA  1 
ATOM   372  C C   . ALA A 1 55  A 15.685  -0.402  -2.949  1.00 12.47 ? 88  ALA A C   1 
ATOM   373  O O   . ALA A 1 55  A 16.839  -0.039  -2.746  1.00 15.40 ? 88  ALA A O   1 
ATOM   374  C CB  . ALA A 1 55  A 14.904  -0.530  -5.243  1.00 11.58 ? 88  ALA A CB  1 
ATOM   375  N N   . ALA A 1 56  ? 14.708  0.025   -2.178  1.00 12.56 ? 89  ALA A N   1 
ATOM   376  C CA  . ALA A 1 56  ? 14.926  0.938   -1.077  1.00 12.56 ? 89  ALA A CA  1 
ATOM   377  C C   . ALA A 1 56  ? 13.738  0.813   -0.167  1.00 13.87 ? 89  ALA A C   1 
ATOM   378  O O   . ALA A 1 56  ? 12.662  0.387   -0.638  1.00 14.14 ? 89  ALA A O   1 
ATOM   379  C CB  . ALA A 1 56  ? 14.950  2.362   -1.535  1.00 12.46 ? 89  ALA A CB  1 
ATOM   380  N N   . ARG A 1 57  ? 13.927  1.142   1.114   1.00 12.59 ? 90  ARG A N   1 
ATOM   381  C CA  . ARG A 1 57  ? 12.820  1.182   2.059   1.00 12.18 ? 90  ARG A CA  1 
ATOM   382  C C   . ARG A 1 57  ? 13.169  2.016   3.269   1.00 11.83 ? 90  ARG A C   1 
ATOM   383  O O   . ARG A 1 57  ? 14.341  2.347   3.463   1.00 11.71 ? 90  ARG A O   1 
ATOM   384  C CB  . ARG A 1 57  ? 12.435  -0.239  2.509   1.00 12.77 ? 90  ARG A CB  1 
ATOM   385  C CG  . ARG A 1 57  ? 13.489  -1.174  3.051   1.00 15.73 ? 90  ARG A CG  1 
ATOM   386  C CD  . ARG A 1 57  ? 13.666  -1.126  4.584   1.00 18.30 ? 90  ARG A CD  1 
ATOM   387  N NE  . ARG A 1 57  ? 12.692  -1.945  5.260   1.00 19.99 ? 90  ARG A NE  1 
ATOM   388  C CZ  . ARG A 1 57  ? 12.923  -2.613  6.390   1.00 20.85 ? 90  ARG A CZ  1 
ATOM   389  N NH1 . ARG A 1 57  ? 14.064  -2.605  7.051   1.00 22.36 ? 90  ARG A NH1 1 
ATOM   390  N NH2 . ARG A 1 57  ? 11.944  -3.323  6.890   1.00 22.20 ? 90  ARG A NH2 1 
ATOM   391  N N   . VAL A 1 58  ? 12.206  2.454   4.063   1.00 10.85 ? 91  VAL A N   1 
ATOM   392  C CA  . VAL A 1 58  ? 12.457  3.148   5.308   1.00 9.55  ? 91  VAL A CA  1 
ATOM   393  C C   . VAL A 1 58  ? 11.337  2.592   6.165   1.00 10.55 ? 91  VAL A C   1 
ATOM   394  O O   . VAL A 1 58  ? 10.144  2.736   5.831   1.00 9.01  ? 91  VAL A O   1 
ATOM   395  C CB  . VAL A 1 58  ? 12.268  4.673   5.226   1.00 10.76 ? 91  VAL A CB  1 
ATOM   396  C CG1 . VAL A 1 58  ? 12.656  5.217   6.582   1.00 9.46  ? 91  VAL A CG1 1 
ATOM   397  C CG2 . VAL A 1 58  ? 13.105  5.324   4.118   1.00 9.87  ? 91  VAL A CG2 1 
ATOM   398  N N   . PHE A 1 59  ? 11.749  1.962   7.242   1.00 8.83  ? 94  PHE A N   1 
ATOM   399  C CA  . PHE A 1 59  ? 10.837  1.458   8.240   1.00 10.02 ? 94  PHE A CA  1 
ATOM   400  C C   . PHE A 1 59  ? 11.719  1.198   9.448   1.00 10.74 ? 94  PHE A C   1 
ATOM   401  O O   . PHE A 1 59  ? 12.792  0.611   9.257   1.00 10.22 ? 94  PHE A O   1 
ATOM   402  C CB  . PHE A 1 59  ? 10.200  0.140   7.834   1.00 8.01  ? 94  PHE A CB  1 
ATOM   403  C CG  . PHE A 1 59  ? 9.323   -0.430  8.937   1.00 9.94  ? 94  PHE A CG  1 
ATOM   404  C CD1 . PHE A 1 59  ? 8.083   0.145   9.221   1.00 8.06  ? 94  PHE A CD1 1 
ATOM   405  C CD2 . PHE A 1 59  ? 9.769   -1.524  9.704   1.00 10.18 ? 94  PHE A CD2 1 
ATOM   406  C CE1 . PHE A 1 59  ? 7.304   -0.365  10.265  1.00 7.19  ? 94  PHE A CE1 1 
ATOM   407  C CE2 . PHE A 1 59  ? 8.972   -2.017  10.743  1.00 7.91  ? 94  PHE A CE2 1 
ATOM   408  C CZ  . PHE A 1 59  ? 7.741   -1.439  11.030  1.00 5.41  ? 94  PHE A CZ  1 
ATOM   409  N N   . PRO A 1 60  ? 11.351  1.547   10.690  1.00 10.65 ? 95  PRO A N   1 
ATOM   410  C CA  . PRO A 1 60  ? 10.214  2.386   11.053  1.00 10.07 ? 95  PRO A CA  1 
ATOM   411  C C   . PRO A 1 60  ? 10.556  3.862   10.851  1.00 9.48  ? 95  PRO A C   1 
ATOM   412  O O   . PRO A 1 60  ? 11.407  4.129   10.010  1.00 10.23 ? 95  PRO A O   1 
ATOM   413  C CB  . PRO A 1 60  ? 9.929   1.982   12.492  1.00 10.53 ? 95  PRO A CB  1 
ATOM   414  C CG  . PRO A 1 60  ? 11.312  1.785   13.049  1.00 9.81  ? 95  PRO A CG  1 
ATOM   415  C CD  . PRO A 1 60  ? 11.953  0.995   11.907  1.00 11.89 ? 95  PRO A CD  1 
ATOM   416  N N   . GLY A 1 61  ? 10.003  4.848   11.554  1.00 8.88  ? 100 GLY A N   1 
ATOM   417  C CA  . GLY A 1 61  ? 10.205  6.254   11.248  1.00 9.67  ? 100 GLY A CA  1 
ATOM   418  C C   . GLY A 1 61  ? 9.101   6.597   10.247  1.00 10.34 ? 100 GLY A C   1 
ATOM   419  O O   . GLY A 1 61  ? 8.061   7.197   10.551  1.00 9.87  ? 100 GLY A O   1 
ATOM   420  N N   . ASN A 1 62  ? 9.331   6.073   9.052   1.00 10.42 ? 101 ASN A N   1 
ATOM   421  C CA  . ASN A 1 62  ? 8.358   6.111   7.952   1.00 11.75 ? 101 ASN A CA  1 
ATOM   422  C C   . ASN A 1 62  ? 8.003   4.647   7.673   1.00 11.25 ? 101 ASN A C   1 
ATOM   423  O O   . ASN A 1 62  ? 8.491   3.730   8.357   1.00 11.34 ? 101 ASN A O   1 
ATOM   424  C CB  . ASN A 1 62  ? 8.957   6.694   6.671   1.00 10.75 ? 101 ASN A CB  1 
ATOM   425  C CG  . ASN A 1 62  ? 9.520   8.107   6.831   1.00 14.27 ? 101 ASN A CG  1 
ATOM   426  O OD1 . ASN A 1 62  ? 8.881   9.044   7.333   1.00 13.59 ? 101 ASN A OD1 1 
ATOM   427  N ND2 . ASN A 1 62  ? 10.760  8.291   6.408   1.00 14.23 ? 101 ASN A ND2 1 
ATOM   428  N N   . ASP A 1 63  ? 7.172   4.370   6.679   1.00 10.84 ? 102 ASP A N   1 
ATOM   429  C CA  . ASP A 1 63  ? 6.884   3.001   6.317   1.00 9.25  ? 102 ASP A CA  1 
ATOM   430  C C   . ASP A 1 63  ? 6.695   2.997   4.803   1.00 8.19  ? 102 ASP A C   1 
ATOM   431  O O   . ASP A 1 63  ? 5.577   3.011   4.300   1.00 7.15  ? 102 ASP A O   1 
ATOM   432  C CB  . ASP A 1 63  ? 5.612   2.530   7.048   1.00 7.50  ? 102 ASP A CB  1 
ATOM   433  C CG  . ASP A 1 63  ? 5.401   1.017   6.964   1.00 10.78 ? 102 ASP A CG  1 
ATOM   434  O OD1 . ASP A 1 63  ? 6.216   0.310   6.372   1.00 10.21 ? 102 ASP A OD1 1 
ATOM   435  O OD2 . ASP A 1 63  ? 4.409   0.522   7.488   1.00 9.95  ? 102 ASP A OD2 1 
ATOM   436  N N   . ARG A 1 64  ? 7.769   2.890   4.034   1.00 8.45  ? 103 ARG A N   1 
ATOM   437  C CA  . ARG A 1 64  ? 7.683   3.000   2.579   1.00 9.13  ? 103 ARG A CA  1 
ATOM   438  C C   . ARG A 1 64  ? 8.769   2.161   1.926   1.00 9.08  ? 103 ARG A C   1 
ATOM   439  O O   . ARG A 1 64  ? 9.819   1.932   2.536   1.00 8.28  ? 103 ARG A O   1 
ATOM   440  C CB  . ARG A 1 64  ? 7.855   4.472   2.144   1.00 7.54  ? 103 ARG A CB  1 
ATOM   441  C CG  . ARG A 1 64  ? 9.214   5.097   2.586   1.00 8.92  ? 103 ARG A CG  1 
ATOM   442  C CD  . ARG A 1 64  ? 9.346   6.585   2.302   1.00 7.29  ? 103 ARG A CD  1 
ATOM   443  N NE  . ARG A 1 64  ? 8.362   7.306   3.090   1.00 7.66  ? 103 ARG A NE  1 
ATOM   444  C CZ  . ARG A 1 64  ? 8.425   8.597   3.317   1.00 6.16  ? 103 ARG A CZ  1 
ATOM   445  N NH1 . ARG A 1 64  ? 9.391   9.356   2.840   1.00 7.33  ? 103 ARG A NH1 1 
ATOM   446  N NH2 . ARG A 1 64  ? 7.494   9.120   4.051   1.00 4.79  ? 103 ARG A NH2 1 
ATOM   447  N N   . ALA A 1 65  ? 8.538   1.706   0.709   1.00 8.50  ? 104 ALA A N   1 
ATOM   448  C CA  . ALA A 1 65  ? 9.508   0.951   -0.059  1.00 7.17  ? 104 ALA A CA  1 
ATOM   449  C C   . ALA A 1 65  ? 9.107   1.007   -1.541  1.00 6.34  ? 104 ALA A C   1 
ATOM   450  O O   . ALA A 1 65  ? 7.981   1.424   -1.882  1.00 7.60  ? 104 ALA A O   1 
ATOM   451  C CB  . ALA A 1 65  ? 9.515   -0.508  0.405   1.00 3.01  ? 104 ALA A CB  1 
ATOM   452  N N   . TRP A 1 66  ? 10.003  0.668   -2.454  1.00 5.38  ? 105 TRP A N   1 
ATOM   453  C CA  . TRP A 1 66  ? 9.629   0.443   -3.840  1.00 6.01  ? 105 TRP A CA  1 
ATOM   454  C C   . TRP A 1 66  ? 10.512  -0.729  -4.259  1.00 7.27  ? 105 TRP A C   1 
ATOM   455  O O   . TRP A 1 66  ? 11.615  -0.970  -3.735  1.00 8.05  ? 105 TRP A O   1 
ATOM   456  C CB  . TRP A 1 66  ? 9.865   1.697   -4.716  1.00 5.59  ? 105 TRP A CB  1 
ATOM   457  C CG  . TRP A 1 66  ? 11.284  2.025   -5.171  1.00 9.56  ? 105 TRP A CG  1 
ATOM   458  C CD1 . TRP A 1 66  ? 12.200  2.642   -4.355  1.00 9.21  ? 105 TRP A CD1 1 
ATOM   459  C CD2 . TRP A 1 66  ? 11.792  1.770   -6.418  1.00 9.61  ? 105 TRP A CD2 1 
ATOM   460  N NE1 . TRP A 1 66  ? 13.274  2.781   -5.089  1.00 9.30  ? 105 TRP A NE1 1 
ATOM   461  C CE2 . TRP A 1 66  ? 13.085  2.283   -6.309  1.00 8.75  ? 105 TRP A CE2 1 
ATOM   462  C CE3 . TRP A 1 66  ? 11.357  1.186   -7.604  1.00 10.82 ? 105 TRP A CE3 1 
ATOM   463  C CZ2 . TRP A 1 66  ? 13.975  2.232   -7.370  1.00 8.53  ? 105 TRP A CZ2 1 
ATOM   464  C CZ3 . TRP A 1 66  ? 12.260  1.129   -8.670  1.00 11.09 ? 105 TRP A CZ3 1 
ATOM   465  C CH2 . TRP A 1 66  ? 13.550  1.644   -8.556  1.00 8.66  ? 105 TRP A CH2 1 
ATOM   466  N N   . VAL A 1 67  ? 9.960   -1.536  -5.151  1.00 8.55  ? 106 VAL A N   1 
ATOM   467  C CA  . VAL A 1 67  ? 10.496  -2.798  -5.622  1.00 8.32  ? 106 VAL A CA  1 
ATOM   468  C C   . VAL A 1 67  ? 10.769  -2.552  -7.082  1.00 10.00 ? 106 VAL A C   1 
ATOM   469  O O   . VAL A 1 67  ? 9.850   -2.105  -7.792  1.00 8.88  ? 106 VAL A O   1 
ATOM   470  C CB  . VAL A 1 67  ? 9.416   -3.901  -5.471  1.00 7.59  ? 106 VAL A CB  1 
ATOM   471  C CG1 . VAL A 1 67  ? 9.883   -5.235  -5.998  1.00 6.97  ? 106 VAL A CG1 1 
ATOM   472  C CG2 . VAL A 1 67  ? 9.068   -4.026  -3.996  1.00 8.87  ? 106 VAL A CG2 1 
ATOM   473  N N   . SER A 1 68  ? 11.985  -2.819  -7.551  1.00 9.86  ? 107 SER A N   1 
ATOM   474  C CA  . SER A 1 68  ? 12.231  -2.633  -8.965  1.00 11.71 ? 107 SER A CA  1 
ATOM   475  C C   . SER A 1 68  ? 12.046  -3.995  -9.602  1.00 12.44 ? 107 SER A C   1 
ATOM   476  O O   . SER A 1 68  ? 12.491  -5.040  -9.112  1.00 12.62 ? 107 SER A O   1 
ATOM   477  C CB  . SER A 1 68  ? 13.636  -2.131  -9.264  1.00 12.82 ? 107 SER A CB  1 
ATOM   478  O OG  . SER A 1 68  ? 14.560  -2.716  -8.377  1.00 18.10 ? 107 SER A OG  1 
ATOM   479  N N   . LEU A 1 69  ? 11.306  -3.921  -10.682 1.00 11.78 ? 108 LEU A N   1 
ATOM   480  C CA  . LEU A 1 69  ? 10.828  -5.065  -11.402 1.00 13.25 ? 108 LEU A CA  1 
ATOM   481  C C   . LEU A 1 69  ? 11.699  -5.367  -12.598 1.00 15.22 ? 108 LEU A C   1 
ATOM   482  O O   . LEU A 1 69  ? 12.406  -4.478  -13.109 1.00 15.33 ? 108 LEU A O   1 
ATOM   483  C CB  . LEU A 1 69  ? 9.414   -4.730  -11.815 1.00 10.56 ? 108 LEU A CB  1 
ATOM   484  C CG  . LEU A 1 69  ? 8.491   -4.469  -10.654 1.00 10.84 ? 108 LEU A CG  1 
ATOM   485  C CD1 . LEU A 1 69  ? 7.214   -3.885  -11.186 1.00 8.27  ? 108 LEU A CD1 1 
ATOM   486  C CD2 . LEU A 1 69  ? 8.253   -5.758  -9.882  1.00 9.07  ? 108 LEU A CD2 1 
ATOM   487  N N   . THR A 1 70  ? 11.663  -6.596  -13.085 1.00 16.40 ? 109 THR A N   1 
ATOM   488  C CA  . THR A 1 70  ? 12.349  -6.887  -14.335 1.00 18.36 ? 109 THR A CA  1 
ATOM   489  C C   . THR A 1 70  ? 11.526  -6.317  -15.503 1.00 19.33 ? 109 THR A C   1 
ATOM   490  O O   . THR A 1 70  ? 10.346  -5.976  -15.396 1.00 18.42 ? 109 THR A O   1 
ATOM   491  C CB  . THR A 1 70  ? 12.529  -8.401  -14.495 1.00 19.07 ? 109 THR A CB  1 
ATOM   492  O OG1 . THR A 1 70  ? 11.250  -8.999  -14.615 1.00 20.84 ? 109 THR A OG1 1 
ATOM   493  C CG2 . THR A 1 70  ? 13.236  -8.992  -13.279 1.00 21.14 ? 109 THR A CG2 1 
ATOM   494  N N   . SER A 1 71  ? 12.125  -6.241  -16.666 1.00 20.63 ? 110 SER A N   1 
ATOM   495  C CA  . SER A 1 71  ? 11.513  -5.655  -17.838 1.00 22.66 ? 110 SER A CA  1 
ATOM   496  C C   . SER A 1 71  ? 10.318  -6.435  -18.289 1.00 22.26 ? 110 SER A C   1 
ATOM   497  O O   . SER A 1 71  ? 9.500   -5.919  -19.033 1.00 24.76 ? 110 SER A O   1 
ATOM   498  C CB  . SER A 1 71  ? 12.474  -5.647  -18.983 1.00 25.87 ? 110 SER A CB  1 
ATOM   499  O OG  . SER A 1 71  ? 13.751  -5.240  -18.521 1.00 33.04 ? 110 SER A OG  1 
ATOM   500  N N   . ALA A 1 72  ? 10.260  -7.693  -17.888 1.00 21.16 ? 111 ALA A N   1 
ATOM   501  C CA  . ALA A 1 72  ? 9.194   -8.577  -18.290 1.00 20.63 ? 111 ALA A CA  1 
ATOM   502  C C   . ALA A 1 72  ? 7.811   -8.255  -17.714 1.00 19.54 ? 111 ALA A C   1 
ATOM   503  O O   . ALA A 1 72  ? 6.781   -8.771  -18.166 1.00 20.03 ? 111 ALA A O   1 
ATOM   504  C CB  . ALA A 1 72  ? 9.587   -9.960  -17.868 1.00 20.53 ? 111 ALA A CB  1 
ATOM   505  N N   . GLN A 1 73  ? 7.787   -7.439  -16.664 1.00 17.55 ? 112 GLN A N   1 
ATOM   506  C CA  . GLN A 1 73  ? 6.562   -7.130  -15.956 1.00 14.60 ? 112 GLN A CA  1 
ATOM   507  C C   . GLN A 1 73  ? 5.814   -6.065  -16.709 1.00 13.64 ? 112 GLN A C   1 
ATOM   508  O O   . GLN A 1 73  ? 6.416   -5.280  -17.431 1.00 14.33 ? 112 GLN A O   1 
ATOM   509  C CB  . GLN A 1 73  ? 6.899   -6.647  -14.554 1.00 14.45 ? 112 GLN A CB  1 
ATOM   510  C CG  . GLN A 1 73  ? 7.841   -7.581  -13.802 1.00 11.61 ? 112 GLN A CG  1 
ATOM   511  C CD  . GLN A 1 73  ? 7.412   -9.033  -13.878 1.00 13.18 ? 112 GLN A CD  1 
ATOM   512  O OE1 . GLN A 1 73  ? 6.243   -9.427  -13.789 1.00 14.68 ? 112 GLN A OE1 1 
ATOM   513  N NE2 . GLN A 1 73  ? 8.350   -9.901  -14.161 1.00 13.31 ? 112 GLN A NE2 1 
ATOM   514  N N   . THR A 1 74  ? 4.496   -6.090  -16.612 1.00 13.19 ? 113 THR A N   1 
ATOM   515  C CA  . THR A 1 74  ? 3.608   -5.150  -17.278 1.00 11.72 ? 113 THR A CA  1 
ATOM   516  C C   . THR A 1 74  ? 3.004   -4.301  -16.187 1.00 10.63 ? 113 THR A C   1 
ATOM   517  O O   . THR A 1 74  ? 2.263   -4.810  -15.339 1.00 9.80  ? 113 THR A O   1 
ATOM   518  C CB  . THR A 1 74  ? 2.489   -5.897  -18.009 1.00 11.43 ? 113 THR A CB  1 
ATOM   519  O OG1 . THR A 1 74  ? 3.139   -6.830  -18.848 1.00 13.98 ? 113 THR A OG1 1 
ATOM   520  C CG2 . THR A 1 74  ? 1.608   -5.010  -18.844 1.00 11.30 ? 113 THR A CG2 1 
ATOM   521  N N   . LEU A 1 75  ? 3.342   -3.029  -16.212 1.00 10.31 ? 114 LEU A N   1 
ATOM   522  C CA  . LEU A 1 75  ? 2.870   -2.050  -15.258 1.00 9.75  ? 114 LEU A CA  1 
ATOM   523  C C   . LEU A 1 75  ? 1.521   -1.563  -15.702 1.00 8.90  ? 114 LEU A C   1 
ATOM   524  O O   . LEU A 1 75  ? 1.349   -1.189  -16.869 1.00 11.22 ? 114 LEU A O   1 
ATOM   525  C CB  . LEU A 1 75  ? 3.820   -0.860  -15.202 1.00 10.08 ? 114 LEU A CB  1 
ATOM   526  C CG  . LEU A 1 75  ? 5.251   -1.068  -14.758 1.00 10.86 ? 114 LEU A CG  1 
ATOM   527  C CD1 . LEU A 1 75  ? 5.913   0.287   -14.682 1.00 9.74  ? 114 LEU A CD1 1 
ATOM   528  C CD2 . LEU A 1 75  ? 5.320   -1.727  -13.405 1.00 9.22  ? 114 LEU A CD2 1 
ATOM   529  N N   . LEU A 1 76  ? 0.535   -1.498  -14.836 1.00 8.89  ? 119 LEU A N   1 
ATOM   530  C CA  . LEU A 1 76  ? -0.779  -1.054  -15.228 1.00 8.54  ? 119 LEU A CA  1 
ATOM   531  C C   . LEU A 1 76  ? -1.270  0.046   -14.316 1.00 7.21  ? 119 LEU A C   1 
ATOM   532  O O   . LEU A 1 76  ? -1.091  0.023   -13.101 1.00 8.43  ? 119 LEU A O   1 
ATOM   533  C CB  . LEU A 1 76  ? -1.719  -2.252  -15.190 1.00 9.25  ? 119 LEU A CB  1 
ATOM   534  C CG  . LEU A 1 76  ? -1.361  -3.355  -16.211 1.00 10.76 ? 119 LEU A CG  1 
ATOM   535  C CD1 . LEU A 1 76  ? -2.180  -4.584  -15.921 1.00 8.92  ? 119 LEU A CD1 1 
ATOM   536  C CD2 . LEU A 1 76  ? -1.587  -2.837  -17.632 1.00 7.27  ? 119 LEU A CD2 1 
ATOM   537  N N   . PRO A 1 77  ? -1.924  1.046   -14.861 1.00 6.18  ? 120 PRO A N   1 
ATOM   538  C CA  . PRO A 1 77  ? -2.479  2.147   -14.098 1.00 5.54  ? 120 PRO A CA  1 
ATOM   539  C C   . PRO A 1 77  ? -3.737  1.742   -13.338 1.00 7.66  ? 120 PRO A C   1 
ATOM   540  O O   . PRO A 1 77  ? -4.736  2.484   -13.422 1.00 7.56  ? 120 PRO A O   1 
ATOM   541  C CB  . PRO A 1 77  ? -2.710  3.165   -15.162 1.00 4.22  ? 120 PRO A CB  1 
ATOM   542  C CG  . PRO A 1 77  ? -3.198  2.314   -16.322 1.00 4.21  ? 120 PRO A CG  1 
ATOM   543  C CD  . PRO A 1 77  ? -2.149  1.212   -16.300 1.00 4.65  ? 120 PRO A CD  1 
ATOM   544  N N   . ARG A 1 78  A -3.786  0.628   -12.600 1.00 8.02  ? 120 ARG A N   1 
ATOM   545  C CA  . ARG A 1 78  A -5.072  0.154   -12.078 1.00 8.54  ? 120 ARG A CA  1 
ATOM   546  C C   . ARG A 1 78  A -4.899  -0.438  -10.709 1.00 8.99  ? 120 ARG A C   1 
ATOM   547  O O   . ARG A 1 78  A -3.817  -0.911  -10.372 1.00 9.00  ? 120 ARG A O   1 
ATOM   548  C CB  . ARG A 1 78  A -5.676  -0.955  -12.936 1.00 9.35  ? 120 ARG A CB  1 
ATOM   549  C CG  . ARG A 1 78  A -5.815  -0.615  -14.404 1.00 10.97 ? 120 ARG A CG  1 
ATOM   550  C CD  . ARG A 1 78  A -6.509  -1.676  -15.259 1.00 11.01 ? 120 ARG A CD  1 
ATOM   551  N NE  . ARG A 1 78  A -5.936  -1.616  -16.601 1.00 14.07 ? 120 ARG A NE  1 
ATOM   552  C CZ  . ARG A 1 78  A -6.184  -0.647  -17.488 1.00 14.96 ? 120 ARG A CZ  1 
ATOM   553  N NH1 . ARG A 1 78  A -6.983  0.387   -17.261 1.00 15.64 ? 120 ARG A NH1 1 
ATOM   554  N NH2 . ARG A 1 78  A -5.620  -0.733  -18.672 1.00 17.37 ? 120 ARG A NH2 1 
ATOM   555  N N   . VAL A 1 79  B -5.997  -0.451  -9.954  1.00 9.38  ? 120 VAL A N   1 
ATOM   556  C CA  . VAL A 1 79  B -6.103  -1.020  -8.617  1.00 7.73  ? 120 VAL A CA  1 
ATOM   557  C C   . VAL A 1 79  B -7.266  -2.028  -8.678  1.00 8.38  ? 120 VAL A C   1 
ATOM   558  O O   . VAL A 1 79  B -8.335  -1.732  -9.225  1.00 8.24  ? 120 VAL A O   1 
ATOM   559  C CB  . VAL A 1 79  B -6.391  0.125   -7.617  1.00 6.88  ? 120 VAL A CB  1 
ATOM   560  C CG1 . VAL A 1 79  B -6.760  -0.433  -6.251  1.00 4.84  ? 120 VAL A CG1 1 
ATOM   561  C CG2 . VAL A 1 79  B -5.131  0.996   -7.485  1.00 3.23  ? 120 VAL A CG2 1 
ATOM   562  N N   . ALA A 1 80  C -7.065  -3.218  -8.120  1.00 7.43  ? 120 ALA A N   1 
ATOM   563  C CA  . ALA A 1 80  C -8.034  -4.297  -8.121  1.00 8.71  ? 120 ALA A CA  1 
ATOM   564  C C   . ALA A 1 80  C -9.227  -3.956  -7.243  1.00 8.83  ? 120 ALA A C   1 
ATOM   565  O O   . ALA A 1 80  C -9.050  -3.426  -6.148  1.00 9.13  ? 120 ALA A O   1 
ATOM   566  C CB  . ALA A 1 80  C -7.367  -5.569  -7.605  1.00 5.62  ? 120 ALA A CB  1 
ATOM   567  N N   . ASN A 1 81  D -10.446 -4.152  -7.734  1.00 8.65  ? 120 ASN A N   1 
ATOM   568  C CA  . ASN A 1 81  D -11.655 -3.988  -6.944  1.00 9.77  ? 120 ASN A CA  1 
ATOM   569  C C   . ASN A 1 81  D -12.464 -5.208  -7.347  1.00 10.41 ? 120 ASN A C   1 
ATOM   570  O O   . ASN A 1 81  D -13.207 -5.201  -8.342  1.00 10.16 ? 120 ASN A O   1 
ATOM   571  C CB  . ASN A 1 81  D -12.414 -2.730  -7.328  1.00 8.13  ? 120 ASN A CB  1 
ATOM   572  C CG  . ASN A 1 81  D -13.844 -2.765  -6.803  1.00 11.81 ? 120 ASN A CG  1 
ATOM   573  O OD1 . ASN A 1 81  D -14.240 -3.534  -5.922  1.00 12.13 ? 120 ASN A OD1 1 
ATOM   574  N ND2 . ASN A 1 81  D -14.733 -1.941  -7.296  1.00 13.44 ? 120 ASN A ND2 1 
ATOM   575  N N   . GLY A 1 82  E -12.361 -6.273  -6.603  1.00 10.46 ? 120 GLY A N   1 
ATOM   576  C CA  . GLY A 1 82  E -12.981 -7.544  -6.961  1.00 13.56 ? 120 GLY A CA  1 
ATOM   577  C C   . GLY A 1 82  E -12.403 -7.977  -8.307  1.00 16.31 ? 120 GLY A C   1 
ATOM   578  O O   . GLY A 1 82  E -11.176 -7.984  -8.490  1.00 17.78 ? 120 GLY A O   1 
ATOM   579  N N   . SER A 1 83  G -13.265 -8.235  -9.285  1.00 17.34 ? 120 SER A N   1 
ATOM   580  C CA  . SER A 1 83  G -12.914 -8.615  -10.656 1.00 19.29 ? 120 SER A CA  1 
ATOM   581  C C   . SER A 1 83  G -12.827 -7.391  -11.555 1.00 18.28 ? 120 SER A C   1 
ATOM   582  O O   . SER A 1 83  G -12.548 -7.489  -12.746 1.00 20.81 ? 120 SER A O   1 
ATOM   583  C CB  . SER A 1 83  G -13.985 -9.601  -11.243 1.00 21.24 ? 120 SER A CB  1 
ATOM   584  O OG  . SER A 1 83  G -14.172 -10.722 -10.372 1.00 26.49 ? 120 SER A OG  1 
ATOM   585  N N   . SER A 1 84  H -13.074 -6.208  -11.015 1.00 17.81 ? 120 SER A N   1 
ATOM   586  C CA  . SER A 1 84  H -13.078 -4.974  -11.751 1.00 14.69 ? 120 SER A CA  1 
ATOM   587  C C   . SER A 1 84  H -11.818 -4.224  -11.351 1.00 11.93 ? 120 SER A C   1 
ATOM   588  O O   . SER A 1 84  H -10.978 -4.761  -10.614 1.00 9.95  ? 120 SER A O   1 
ATOM   589  C CB  . SER A 1 84  H -14.336 -4.310  -11.334 1.00 16.82 ? 120 SER A CB  1 
ATOM   590  O OG  . SER A 1 84  H -14.644 -3.205  -12.152 1.00 24.83 ? 120 SER A OG  1 
ATOM   591  N N   . PHE A 1 85  I -11.677 -2.979  -11.792 1.00 11.21 ? 120 PHE A N   1 
ATOM   592  C CA  . PHE A 1 85  I -10.480 -2.163  -11.589 1.00 11.36 ? 120 PHE A CA  1 
ATOM   593  C C   . PHE A 1 85  I -10.879 -0.711  -11.373 1.00 11.93 ? 120 PHE A C   1 
ATOM   594  O O   . PHE A 1 85  I -11.977 -0.332  -11.798 1.00 13.08 ? 120 PHE A O   1 
ATOM   595  C CB  . PHE A 1 85  I -9.568  -2.208  -12.819 1.00 9.77  ? 120 PHE A CB  1 
ATOM   596  C CG  . PHE A 1 85  I -9.251  -3.621  -13.303 1.00 9.83  ? 120 PHE A CG  1 
ATOM   597  C CD1 . PHE A 1 85  I -8.252  -4.384  -12.670 1.00 8.05  ? 120 PHE A CD1 1 
ATOM   598  C CD2 . PHE A 1 85  I -10.019 -4.170  -14.333 1.00 9.05  ? 120 PHE A CD2 1 
ATOM   599  C CE1 . PHE A 1 85  I -8.046  -5.700  -13.078 1.00 8.07  ? 120 PHE A CE1 1 
ATOM   600  C CE2 . PHE A 1 85  I -9.811  -5.488  -14.737 1.00 9.69  ? 120 PHE A CE2 1 
ATOM   601  C CZ  . PHE A 1 85  I -8.827  -6.255  -14.109 1.00 10.11 ? 120 PHE A CZ  1 
ATOM   602  N N   . VAL A 1 86  J -10.066 0.082   -10.640 1.00 12.26 ? 120 VAL A N   1 
ATOM   603  C CA  . VAL A 1 86  J -10.211 1.527   -10.490 1.00 10.91 ? 120 VAL A CA  1 
ATOM   604  C C   . VAL A 1 86  J -8.982  2.070   -11.231 1.00 11.23 ? 120 VAL A C   1 
ATOM   605  O O   . VAL A 1 86  J -7.858  1.601   -10.976 1.00 9.32  ? 120 VAL A O   1 
ATOM   606  C CB  . VAL A 1 86  J -10.130 1.993   -9.013  1.00 12.15 ? 120 VAL A CB  1 
ATOM   607  C CG1 . VAL A 1 86  J -10.273 3.516   -8.978  1.00 10.46 ? 120 VAL A CG1 1 
ATOM   608  C CG2 . VAL A 1 86  J -11.189 1.313   -8.164  1.00 11.27 ? 120 VAL A CG2 1 
ATOM   609  N N   . THR A 1 87  K -9.147  3.000   -12.172 1.00 11.26 ? 120 THR A N   1 
ATOM   610  C CA  . THR A 1 87  K -8.014  3.564   -12.904 1.00 12.09 ? 120 THR A CA  1 
ATOM   611  C C   . THR A 1 87  K -7.290  4.606   -12.067 1.00 10.98 ? 120 THR A C   1 
ATOM   612  O O   . THR A 1 87  K -7.932  5.416   -11.398 1.00 10.32 ? 120 THR A O   1 
ATOM   613  C CB  . THR A 1 87  K -8.466  4.237   -14.208 1.00 12.96 ? 120 THR A CB  1 
ATOM   614  O OG1 . THR A 1 87  K -9.342  3.307   -14.840 1.00 14.39 ? 120 THR A OG1 1 
ATOM   615  C CG2 . THR A 1 87  K -7.287  4.624   -15.126 1.00 12.39 ? 120 THR A CG2 1 
ATOM   616  N N   . VAL A 1 88  ? -5.965  4.593   -12.060 1.00 11.13 ? 121 VAL A N   1 
ATOM   617  C CA  . VAL A 1 88  ? -5.196  5.581   -11.326 1.00 10.35 ? 121 VAL A CA  1 
ATOM   618  C C   . VAL A 1 88  ? -5.077  6.751   -12.280 1.00 11.91 ? 121 VAL A C   1 
ATOM   619  O O   . VAL A 1 88  ? -4.540  6.642   -13.393 1.00 11.62 ? 121 VAL A O   1 
ATOM   620  C CB  . VAL A 1 88  ? -3.802  5.025   -10.988 1.00 9.96  ? 121 VAL A CB  1 
ATOM   621  C CG1 . VAL A 1 88  ? -2.995  6.052   -10.190 1.00 6.84  ? 121 VAL A CG1 1 
ATOM   622  C CG2 . VAL A 1 88  ? -3.974  3.709   -10.230 1.00 9.54  ? 121 VAL A CG2 1 
ATOM   623  N N   . ARG A 1 89  ? -5.548  7.879   -11.794 1.00 12.82 ? 122 ARG A N   1 
ATOM   624  C CA  . ARG A 1 89  ? -5.529  9.137   -12.523 1.00 14.96 ? 122 ARG A CA  1 
ATOM   625  C C   . ARG A 1 89  ? -4.500  10.149  -12.076 1.00 13.97 ? 122 ARG A C   1 
ATOM   626  O O   . ARG A 1 89  ? -4.136  11.001  -12.867 1.00 14.60 ? 122 ARG A O   1 
ATOM   627  C CB  . ARG A 1 89  ? -6.867  9.848   -12.438 1.00 17.75 ? 122 ARG A CB  1 
ATOM   628  C CG  . ARG A 1 89  ? -8.011  8.968   -12.821 1.00 22.60 ? 122 ARG A CG  1 
ATOM   629  C CD  . ARG A 1 89  ? -7.850  8.626   -14.265 1.00 27.59 ? 122 ARG A CD  1 
ATOM   630  N NE  . ARG A 1 89  ? -9.033  9.166   -14.844 1.00 31.65 ? 122 ARG A NE  1 
ATOM   631  C CZ  . ARG A 1 89  ? -9.614  8.635   -15.903 1.00 34.99 ? 122 ARG A CZ  1 
ATOM   632  N NH1 . ARG A 1 89  ? -9.175  7.575   -16.571 1.00 35.38 ? 122 ARG A NH1 1 
ATOM   633  N NH2 . ARG A 1 89  ? -10.782 9.138   -16.224 1.00 38.57 ? 122 ARG A NH2 1 
ATOM   634  N N   . GLY A 1 90  ? -4.056  10.133  -10.840 1.00 12.85 ? 123 GLY A N   1 
ATOM   635  C CA  . GLY A 1 90  ? -3.055  11.068  -10.367 1.00 13.22 ? 123 GLY A CA  1 
ATOM   636  C C   . GLY A 1 90  ? -2.873  10.847  -8.878  1.00 12.80 ? 123 GLY A C   1 
ATOM   637  O O   . GLY A 1 90  ? -3.312  9.812   -8.342  1.00 10.53 ? 123 GLY A O   1 
ATOM   638  N N   . SER A 1 91  ? -2.247  11.779  -8.171  1.00 13.20 ? 124 SER A N   1 
ATOM   639  C CA  . SER A 1 91  ? -2.075  11.633  -6.752  1.00 11.61 ? 124 SER A CA  1 
ATOM   640  C C   . SER A 1 91  ? -2.434  12.867  -5.945  1.00 11.13 ? 124 SER A C   1 
ATOM   641  O O   . SER A 1 91  ? -1.775  13.193  -4.944  1.00 11.00 ? 124 SER A O   1 
ATOM   642  C CB  . SER A 1 91  ? -0.644  11.201  -6.532  1.00 12.15 ? 124 SER A CB  1 
ATOM   643  O OG  . SER A 1 91  ? 0.286   12.136  -7.054  1.00 15.54 ? 124 SER A OG  1 
ATOM   644  N N   . THR A 1 92  ? -3.533  13.557  -6.267  1.00 10.49 ? 125 THR A N   1 
ATOM   645  C CA  . THR A 1 92  ? -3.998  14.665  -5.444  1.00 10.45 ? 125 THR A CA  1 
ATOM   646  C C   . THR A 1 92  ? -4.370  14.138  -4.077  1.00 9.98  ? 125 THR A C   1 
ATOM   647  O O   . THR A 1 92  ? -5.201  13.247  -3.918  1.00 9.32  ? 125 THR A O   1 
ATOM   648  C CB  . THR A 1 92  ? -5.245  15.329  -5.970  1.00 10.86 ? 125 THR A CB  1 
ATOM   649  O OG1 . THR A 1 92  ? -5.017  15.563  -7.356  1.00 14.75 ? 125 THR A OG1 1 
ATOM   650  C CG2 . THR A 1 92  ? -5.585  16.605  -5.219  1.00 10.46 ? 125 THR A CG2 1 
ATOM   651  N N   . GLU A 1 93  ? -3.792  14.716  -3.059  1.00 9.47  ? 129 GLU A N   1 
ATOM   652  C CA  . GLU A 1 93  ? -4.078  14.295  -1.717  1.00 10.25 ? 129 GLU A CA  1 
ATOM   653  C C   . GLU A 1 93  ? -5.464  14.813  -1.321  1.00 11.58 ? 129 GLU A C   1 
ATOM   654  O O   . GLU A 1 93  ? -5.810  15.981  -1.570  1.00 12.32 ? 129 GLU A O   1 
ATOM   655  C CB  . GLU A 1 93  ? -2.960  14.849  -0.882  1.00 10.85 ? 129 GLU A CB  1 
ATOM   656  C CG  . GLU A 1 93  ? -3.012  14.173  0.447   1.00 14.81 ? 129 GLU A CG  1 
ATOM   657  C CD  . GLU A 1 93  ? -1.834  14.423  1.368   1.00 16.36 ? 129 GLU A CD  1 
ATOM   658  O OE1 . GLU A 1 93  ? -0.689  14.496  0.898   1.00 17.74 ? 129 GLU A OE1 1 
ATOM   659  O OE2 . GLU A 1 93  ? -2.100  14.522  2.571   1.00 17.60 ? 129 GLU A OE2 1 
ATOM   660  N N   . ALA A 1 94  ? -6.296  13.912  -0.793  1.00 10.67 ? 130 ALA A N   1 
ATOM   661  C CA  . ALA A 1 94  ? -7.632  14.223  -0.363  1.00 9.47  ? 130 ALA A CA  1 
ATOM   662  C C   . ALA A 1 94  ? -7.558  14.744  1.045   1.00 10.55 ? 130 ALA A C   1 
ATOM   663  O O   . ALA A 1 94  ? -6.615  14.424  1.765   1.00 10.13 ? 130 ALA A O   1 
ATOM   664  C CB  . ALA A 1 94  ? -8.478  12.983  -0.354  1.00 9.65  ? 130 ALA A CB  1 
ATOM   665  N N   . ALA A 1 95  ? -8.545  15.514  1.451   1.00 11.26 ? 131 ALA A N   1 
ATOM   666  C CA  . ALA A 1 95  ? -8.605  16.092  2.774   1.00 12.03 ? 131 ALA A CA  1 
ATOM   667  C C   . ALA A 1 95  ? -9.283  15.200  3.793   1.00 11.92 ? 131 ALA A C   1 
ATOM   668  O O   . ALA A 1 95  ? -9.904  14.216  3.415   1.00 12.04 ? 131 ALA A O   1 
ATOM   669  C CB  . ALA A 1 95  ? -9.373  17.391  2.705   1.00 12.54 ? 131 ALA A CB  1 
ATOM   670  N N   . VAL A 1 96  ? -9.232  15.503  5.090   1.00 13.09 ? 132 VAL A N   1 
ATOM   671  C CA  . VAL A 1 96  ? -9.991  14.748  6.091   1.00 14.79 ? 132 VAL A CA  1 
ATOM   672  C C   . VAL A 1 96  ? -11.486 14.889  5.735   1.00 15.20 ? 132 VAL A C   1 
ATOM   673  O O   . VAL A 1 96  ? -11.927 15.933  5.229   1.00 15.19 ? 132 VAL A O   1 
ATOM   674  C CB  . VAL A 1 96  ? -9.708  15.301  7.546   1.00 15.38 ? 132 VAL A CB  1 
ATOM   675  C CG1 . VAL A 1 96  ? -10.567 14.631  8.616   1.00 16.17 ? 132 VAL A CG1 1 
ATOM   676  C CG2 . VAL A 1 96  ? -8.292  14.958  7.935   1.00 14.66 ? 132 VAL A CG2 1 
ATOM   677  N N   . GLY A 1 97  ? -12.274 13.843  5.964   1.00 13.77 ? 133 GLY A N   1 
ATOM   678  C CA  . GLY A 1 97  ? -13.661 13.856  5.622   1.00 12.85 ? 133 GLY A CA  1 
ATOM   679  C C   . GLY A 1 97  ? -13.850 13.225  4.258   1.00 13.46 ? 133 GLY A C   1 
ATOM   680  O O   . GLY A 1 97  ? -14.943 12.750  3.961   1.00 15.48 ? 133 GLY A O   1 
ATOM   681  N N   . ALA A 1 98  ? -12.846 13.199  3.387   1.00 12.53 ? 134 ALA A N   1 
ATOM   682  C CA  . ALA A 1 98  ? -12.997 12.585  2.088   1.00 9.93  ? 134 ALA A CA  1 
ATOM   683  C C   . ALA A 1 98  ? -13.127 11.091  2.200   1.00 10.25 ? 134 ALA A C   1 
ATOM   684  O O   . ALA A 1 98  ? -12.567 10.435  3.084   1.00 13.29 ? 134 ALA A O   1 
ATOM   685  C CB  . ALA A 1 98  ? -11.813 12.847  1.203   1.00 8.64  ? 134 ALA A CB  1 
ATOM   686  N N   . ALA A 1 99  ? -13.881 10.533  1.284   1.00 8.57  ? 135 ALA A N   1 
ATOM   687  C CA  . ALA A 1 99  ? -14.126 9.117   1.215   1.00 10.77 ? 135 ALA A CA  1 
ATOM   688  C C   . ALA A 1 99  ? -12.944 8.522   0.489   1.00 11.02 ? 135 ALA A C   1 
ATOM   689  O O   . ALA A 1 99  ? -12.460 9.097   -0.495  1.00 13.72 ? 135 ALA A O   1 
ATOM   690  C CB  . ALA A 1 99  ? -15.399 8.825   0.405   1.00 10.83 ? 135 ALA A CB  1 
ATOM   691  N N   . VAL A 1 100 ? -12.546 7.322   0.851   1.00 11.13 ? 136 VAL A N   1 
ATOM   692  C CA  . VAL A 1 100 ? -11.386 6.685   0.256   1.00 8.86  ? 136 VAL A CA  1 
ATOM   693  C C   . VAL A 1 100 ? -11.587 5.186   0.354   1.00 8.37  ? 136 VAL A C   1 
ATOM   694  O O   . VAL A 1 100 ? -12.316 4.719   1.223   1.00 7.93  ? 136 VAL A O   1 
ATOM   695  C CB  . VAL A 1 100 ? -10.163 7.162   1.037   1.00 7.88  ? 136 VAL A CB  1 
ATOM   696  C CG1 . VAL A 1 100 ? -10.217 6.658   2.497   1.00 6.75  ? 136 VAL A CG1 1 
ATOM   697  C CG2 . VAL A 1 100 ? -8.941  6.727   0.283   1.00 11.37 ? 136 VAL A CG2 1 
ATOM   698  N N   . CYS A 1 101 ? -10.966 4.422   -0.516  1.00 9.04  ? 137 CYS A N   1 
ATOM   699  C CA  . CYS A 1 101 ? -11.036 2.990   -0.478  1.00 10.03 ? 137 CYS A CA  1 
ATOM   700  C C   . CYS A 1 101 ? -9.601  2.499   -0.484  1.00 9.90  ? 137 CYS A C   1 
ATOM   701  O O   . CYS A 1 101 ? -8.659  3.248   -0.783  1.00 10.16 ? 137 CYS A O   1 
ATOM   702  C CB  . CYS A 1 101 ? -11.780 2.468   -1.702  1.00 10.57 ? 137 CYS A CB  1 
ATOM   703  S SG  . CYS A 1 101 ? -13.497 3.053   -1.902  1.00 11.88 ? 137 CYS A SG  1 
ATOM   704  N N   . ARG A 1 102 ? -9.438  1.231   -0.152  1.00 8.39  ? 138 ARG A N   1 
ATOM   705  C CA  . ARG A 1 102 ? -8.145  0.586   -0.096  1.00 7.12  ? 138 ARG A CA  1 
ATOM   706  C C   . ARG A 1 102 ? -8.288  -0.830  -0.644  1.00 6.62  ? 138 ARG A C   1 
ATOM   707  O O   . ARG A 1 102 ? -9.365  -1.432  -0.554  1.00 4.23  ? 138 ARG A O   1 
ATOM   708  C CB  . ARG A 1 102 ? -7.624  0.513   1.342   1.00 4.72  ? 138 ARG A CB  1 
ATOM   709  C CG  . ARG A 1 102 ? -8.612  -0.007  2.360   1.00 3.84  ? 138 ARG A CG  1 
ATOM   710  C CD  . ARG A 1 102 ? -7.819  -0.735  3.452   1.00 5.70  ? 138 ARG A CD  1 
ATOM   711  N NE  . ARG A 1 102 ? -7.102  -1.835  2.845   1.00 4.36  ? 138 ARG A NE  1 
ATOM   712  C CZ  . ARG A 1 102 ? -7.696  -3.004  2.632   1.00 4.76  ? 138 ARG A CZ  1 
ATOM   713  N NH1 . ARG A 1 102 ? -8.937  -3.190  3.006   1.00 6.22  ? 138 ARG A NH1 1 
ATOM   714  N NH2 . ARG A 1 102 ? -7.118  -3.950  1.905   1.00 4.63  ? 138 ARG A NH2 1 
ATOM   715  N N   . SER A 1 103 ? -7.222  -1.371  -1.220  1.00 5.73  ? 139 SER A N   1 
ATOM   716  C CA  . SER A 1 103 ? -7.262  -2.669  -1.847  1.00 6.07  ? 139 SER A CA  1 
ATOM   717  C C   . SER A 1 103 ? -6.109  -3.543  -1.366  1.00 6.97  ? 139 SER A C   1 
ATOM   718  O O   . SER A 1 103 ? -4.965  -3.078  -1.321  1.00 8.00  ? 139 SER A O   1 
ATOM   719  C CB  . SER A 1 103 ? -7.186  -2.414  -3.309  1.00 5.33  ? 139 SER A CB  1 
ATOM   720  O OG  . SER A 1 103 ? -7.334  -3.636  -3.984  1.00 6.60  ? 139 SER A OG  1 
ATOM   721  N N   . GLY A 1 104 ? -6.325  -4.792  -0.997  1.00 6.95  ? 140 GLY A N   1 
ATOM   722  C CA  . GLY A 1 104 ? -5.233  -5.643  -0.556  1.00 6.70  ? 140 GLY A CA  1 
ATOM   723  C C   . GLY A 1 104 ? -5.645  -7.110  -0.645  1.00 8.00  ? 140 GLY A C   1 
ATOM   724  O O   . GLY A 1 104 ? -6.828  -7.435  -0.745  1.00 5.97  ? 140 GLY A O   1 
ATOM   725  N N   . ARG A 1 105 ? -4.689  -8.016  -0.546  1.00 8.97  ? 141 ARG A N   1 
ATOM   726  C CA  . ARG A 1 105 ? -4.977  -9.406  -0.748  1.00 8.87  ? 141 ARG A CA  1 
ATOM   727  C C   . ARG A 1 105 ? -5.759  -10.070 0.361   1.00 9.26  ? 141 ARG A C   1 
ATOM   728  O O   . ARG A 1 105 ? -6.246  -11.160 0.145   1.00 9.66  ? 141 ARG A O   1 
ATOM   729  C CB  . ARG A 1 105 ? -3.645  -10.113 -1.006  1.00 8.71  ? 141 ARG A CB  1 
ATOM   730  C CG  . ARG A 1 105 ? -2.476  -9.956  -0.059  1.00 8.32  ? 141 ARG A CG  1 
ATOM   731  C CD  . ARG A 1 105 ? -2.633  -10.803 1.181   1.00 14.01 ? 141 ARG A CD  1 
ATOM   732  N NE  . ARG A 1 105 ? -2.778  -12.198 0.819   1.00 16.76 ? 141 ARG A NE  1 
ATOM   733  C CZ  . ARG A 1 105 ? -3.337  -13.114 1.623   1.00 18.37 ? 141 ARG A CZ  1 
ATOM   734  N NH1 . ARG A 1 105 ? -3.789  -12.813 2.841   1.00 17.41 ? 141 ARG A NH1 1 
ATOM   735  N NH2 . ARG A 1 105 ? -3.425  -14.375 1.191   1.00 18.09 ? 141 ARG A NH2 1 
ATOM   736  N N   . THR A 1 106 ? -5.887  -9.537  1.568   1.00 9.89  ? 142 THR A N   1 
ATOM   737  C CA  . THR A 1 106 ? -6.651  -10.188 2.622   1.00 9.22  ? 142 THR A CA  1 
ATOM   738  C C   . THR A 1 106 ? -8.114  -9.769  2.675   1.00 10.50 ? 142 THR A C   1 
ATOM   739  O O   . THR A 1 106 ? -9.002  -10.637 2.672   1.00 11.53 ? 142 THR A O   1 
ATOM   740  C CB  . THR A 1 106 ? -5.979  -9.902  3.962   1.00 7.75  ? 142 THR A CB  1 
ATOM   741  O OG1 . THR A 1 106 ? -4.640  -10.383 3.808   1.00 7.75  ? 142 THR A OG1 1 
ATOM   742  C CG2 . THR A 1 106 ? -6.684  -10.510 5.131   1.00 6.39  ? 142 THR A CG2 1 
ATOM   743  N N   . THR A 1 107 ? -8.423  -8.480  2.782   1.00 9.61  ? 143 THR A N   1 
ATOM   744  C CA  . THR A 1 107 ? -9.814  -8.124  2.850   1.00 9.22  ? 143 THR A CA  1 
ATOM   745  C C   . THR A 1 107 ? -10.363 -7.624  1.519   1.00 8.10  ? 143 THR A C   1 
ATOM   746  O O   . THR A 1 107 ? -11.514 -7.171  1.482   1.00 9.25  ? 143 THR A O   1 
ATOM   747  C CB  . THR A 1 107 ? -10.009 -7.062  3.994   1.00 10.15 ? 143 THR A CB  1 
ATOM   748  O OG1 . THR A 1 107 ? -9.230  -5.938  3.651   1.00 11.23 ? 143 THR A OG1 1 
ATOM   749  C CG2 . THR A 1 107 ? -9.546  -7.533  5.366   1.00 10.83 ? 143 THR A CG2 1 
ATOM   750  N N   . GLY A 1 108 ? -9.625  -7.611  0.407   1.00 7.78  ? 156 GLY A N   1 
ATOM   751  C CA  . GLY A 1 108 ? -10.173 -7.108  -0.826  1.00 5.52  ? 156 GLY A CA  1 
ATOM   752  C C   . GLY A 1 108 ? -10.252 -5.594  -0.796  1.00 6.46  ? 156 GLY A C   1 
ATOM   753  O O   . GLY A 1 108 ? -9.434  -4.908  -0.182  1.00 9.39  ? 156 GLY A O   1 
ATOM   754  N N   . TYR A 1 109 ? -11.259 -5.047  -1.424  1.00 7.47  ? 157 TYR A N   1 
ATOM   755  C CA  . TYR A 1 109 ? -11.464 -3.623  -1.623  1.00 8.00  ? 157 TYR A CA  1 
ATOM   756  C C   . TYR A 1 109 ? -12.437 -3.107  -0.582  1.00 8.77  ? 157 TYR A C   1 
ATOM   757  O O   . TYR A 1 109 ? -13.577 -3.576  -0.542  1.00 11.30 ? 157 TYR A O   1 
ATOM   758  C CB  . TYR A 1 109 ? -11.983 -3.459  -3.047  1.00 7.93  ? 157 TYR A CB  1 
ATOM   759  C CG  . TYR A 1 109 ? -12.070 -2.027  -3.541  1.00 7.91  ? 157 TYR A CG  1 
ATOM   760  C CD1 . TYR A 1 109 ? -10.951 -1.426  -4.106  1.00 8.99  ? 157 TYR A CD1 1 
ATOM   761  C CD2 . TYR A 1 109 ? -13.277 -1.330  -3.457  1.00 9.16  ? 157 TYR A CD2 1 
ATOM   762  C CE1 . TYR A 1 109 ? -11.035 -0.122  -4.597  1.00 9.60  ? 157 TYR A CE1 1 
ATOM   763  C CE2 . TYR A 1 109 ? -13.365 -0.027  -3.942  1.00 9.30  ? 157 TYR A CE2 1 
ATOM   764  C CZ  . TYR A 1 109 ? -12.243 0.562   -4.514  1.00 9.09  ? 157 TYR A CZ  1 
ATOM   765  O OH  . TYR A 1 109 ? -12.340 1.835   -5.038  1.00 12.82 ? 157 TYR A OH  1 
ATOM   766  N N   . GLN A 1 110 ? -12.058 -2.178  0.298   1.00 9.49  ? 158 GLN A N   1 
ATOM   767  C CA  . GLN A 1 110 ? -12.897 -1.663  1.386   1.00 8.98  ? 158 GLN A CA  1 
ATOM   768  C C   . GLN A 1 110 ? -12.881 -0.141  1.349   1.00 9.17  ? 158 GLN A C   1 
ATOM   769  O O   . GLN A 1 110 ? -11.848 0.450   1.055   1.00 9.75  ? 158 GLN A O   1 
ATOM   770  C CB  . GLN A 1 110 ? -12.365 -2.072  2.747   1.00 8.42  ? 158 GLN A CB  1 
ATOM   771  C CG  . GLN A 1 110 ? -12.326 -3.554  3.009   1.00 9.17  ? 158 GLN A CG  1 
ATOM   772  C CD  . GLN A 1 110 ? -13.698 -4.194  3.008   1.00 12.80 ? 158 GLN A CD  1 
ATOM   773  O OE1 . GLN A 1 110 ? -14.741 -3.591  3.292   1.00 13.53 ? 158 GLN A OE1 1 
ATOM   774  N NE2 . GLN A 1 110 ? -13.764 -5.456  2.643   1.00 14.96 ? 158 GLN A NE2 1 
ATOM   775  N N   . CYS A 1 111 ? -13.962 0.546   1.667   1.00 9.43  ? 159 CYS A N   1 
ATOM   776  C CA  . CYS A 1 111 ? -14.053 1.984   1.604   1.00 9.73  ? 159 CYS A CA  1 
ATOM   777  C C   . CYS A 1 111 ? -14.445 2.535   2.949   1.00 10.74 ? 159 CYS A C   1 
ATOM   778  O O   . CYS A 1 111 ? -15.005 1.834   3.794   1.00 11.58 ? 159 CYS A O   1 
ATOM   779  C CB  . CYS A 1 111 ? -15.090 2.386   0.605   1.00 11.11 ? 159 CYS A CB  1 
ATOM   780  S SG  . CYS A 1 111 ? -14.631 1.696   -0.992  1.00 12.43 ? 159 CYS A SG  1 
ATOM   781  N N   . GLY A 1 112 ? -14.127 3.797   3.158   1.00 11.02 ? 160 GLY A N   1 
ATOM   782  C CA  . GLY A 1 112 ? -14.376 4.498   4.400   1.00 10.82 ? 160 GLY A CA  1 
ATOM   783  C C   . GLY A 1 112 ? -14.018 5.952   4.169   1.00 11.21 ? 160 GLY A C   1 
ATOM   784  O O   . GLY A 1 112 ? -14.129 6.444   3.030   1.00 12.17 ? 160 GLY A O   1 
ATOM   785  N N   . THR A 1 113 ? -13.646 6.688   5.198   1.00 12.00 ? 161 THR A N   1 
ATOM   786  C CA  . THR A 1 113 ? -13.300 8.087   5.050   1.00 12.46 ? 161 THR A CA  1 
ATOM   787  C C   . THR A 1 113 ? -12.040 8.281   5.855   1.00 11.53 ? 161 THR A C   1 
ATOM   788  O O   . THR A 1 113 ? -11.656 7.455   6.700   1.00 12.39 ? 161 THR A O   1 
ATOM   789  C CB  . THR A 1 113 ? -14.418 9.043   5.578   1.00 13.60 ? 161 THR A CB  1 
ATOM   790  O OG1 . THR A 1 113 ? -14.584 8.749   6.929   1.00 16.56 ? 161 THR A OG1 1 
ATOM   791  C CG2 . THR A 1 113 ? -15.787 8.833   4.984   1.00 13.48 ? 161 THR A CG2 1 
ATOM   792  N N   . ILE A 1 114 ? -11.346 9.325   5.451   1.00 12.61 ? 162 ILE A N   1 
ATOM   793  C CA  . ILE A 1 114 ? -10.144 9.784   6.103   1.00 13.20 ? 162 ILE A CA  1 
ATOM   794  C C   . ILE A 1 114 ? -10.603 10.509  7.357   1.00 13.68 ? 162 ILE A C   1 
ATOM   795  O O   . ILE A 1 114 ? -11.429 11.423  7.327   1.00 14.33 ? 162 ILE A O   1 
ATOM   796  C CB  . ILE A 1 114 ? -9.379  10.724  5.142   1.00 13.47 ? 162 ILE A CB  1 
ATOM   797  C CG1 . ILE A 1 114 ? -8.869  9.940   3.926   1.00 12.29 ? 162 ILE A CG1 1 
ATOM   798  C CG2 . ILE A 1 114 ? -8.217  11.371  5.895   1.00 12.02 ? 162 ILE A CG2 1 
ATOM   799  C CD1 . ILE A 1 114 ? -8.455  10.805  2.733   1.00 12.23 ? 162 ILE A CD1 1 
ATOM   800  N N   . THR A 1 115 ? -10.059 10.107  8.475   1.00 14.16 ? 163 THR A N   1 
ATOM   801  C CA  . THR A 1 115 ? -10.454 10.686  9.737   1.00 16.26 ? 163 THR A CA  1 
ATOM   802  C C   . THR A 1 115 ? -9.448  11.593  10.414  1.00 15.41 ? 163 THR A C   1 
ATOM   803  O O   . THR A 1 115 ? -9.845  12.371  11.282  1.00 17.98 ? 163 THR A O   1 
ATOM   804  C CB  . THR A 1 115 ? -10.865 9.515   10.671  1.00 16.67 ? 163 THR A CB  1 
ATOM   805  O OG1 . THR A 1 115 ? -9.808  8.538   10.728  1.00 17.87 ? 163 THR A OG1 1 
ATOM   806  C CG2 . THR A 1 115 ? -12.150 8.879   10.151  1.00 17.23 ? 163 THR A CG2 1 
ATOM   807  N N   . ALA A 1 116 ? -8.172  11.522  10.056  1.00 14.54 ? 164 ALA A N   1 
ATOM   808  C CA  . ALA A 1 116 ? -7.115  12.300  10.692  1.00 13.63 ? 164 ALA A CA  1 
ATOM   809  C C   . ALA A 1 116 ? -5.833  12.108  9.928   1.00 12.81 ? 164 ALA A C   1 
ATOM   810  O O   . ALA A 1 116 ? -5.663  11.109  9.231   1.00 14.82 ? 164 ALA A O   1 
ATOM   811  C CB  . ALA A 1 116 ? -6.814  11.837  12.116  1.00 13.81 ? 164 ALA A CB  1 
ATOM   812  N N   . LYS A 1 117 ? -4.922  13.049  10.026  1.00 12.79 ? 165 LYS A N   1 
ATOM   813  C CA  . LYS A 1 117 ? -3.649  13.012  9.367   1.00 12.79 ? 165 LYS A CA  1 
ATOM   814  C C   . LYS A 1 117 ? -2.652  13.225  10.480  1.00 15.25 ? 165 LYS A C   1 
ATOM   815  O O   . LYS A 1 117 ? -3.000  13.692  11.578  1.00 13.95 ? 165 LYS A O   1 
ATOM   816  C CB  . LYS A 1 117 ? -3.506  14.145  8.360   1.00 12.91 ? 165 LYS A CB  1 
ATOM   817  C CG  . LYS A 1 117 ? -4.402  13.924  7.156   1.00 15.46 ? 165 LYS A CG  1 
ATOM   818  C CD  . LYS A 1 117 ? -4.154  14.905  6.036   1.00 15.15 ? 165 LYS A CD  1 
ATOM   819  C CE  . LYS A 1 117 ? -5.180  14.640  4.936   1.00 13.95 ? 165 LYS A CE  1 
ATOM   820  N NZ  . LYS A 1 117 ? -4.822  15.397  3.745   1.00 14.76 ? 165 LYS A NZ  1 
ATOM   821  N N   . ASN A 1 118 ? -1.413  12.879  10.116  1.00 16.28 ? 166 ASN A N   1 
ATOM   822  C CA  . ASN A 1 118 ? -0.226  12.950  10.937  1.00 18.91 ? 166 ASN A CA  1 
ATOM   823  C C   . ASN A 1 118 ? -0.325  12.233  12.282  1.00 18.12 ? 166 ASN A C   1 
ATOM   824  O O   . ASN A 1 118 ? 0.046   12.680  13.371  1.00 18.14 ? 166 ASN A O   1 
ATOM   825  C CB  . ASN A 1 118 ? 0.179   14.419  11.153  1.00 24.13 ? 166 ASN A CB  1 
ATOM   826  C CG  . ASN A 1 118 ? 1.706   14.555  10.983  1.00 31.64 ? 166 ASN A CG  1 
ATOM   827  O OD1 . ASN A 1 118 ? 2.513   14.338  11.897  1.00 33.93 ? 166 ASN A OD1 1 
ATOM   828  N ND2 . ASN A 1 118 ? 2.234   14.841  9.788   1.00 34.92 ? 166 ASN A ND2 1 
ATOM   829  N N   . VAL A 1 119 ? -0.773  10.995  12.158  1.00 17.06 ? 167 VAL A N   1 
ATOM   830  C CA  . VAL A 1 119 ? -0.882  10.086  13.268  1.00 16.12 ? 167 VAL A CA  1 
ATOM   831  C C   . VAL A 1 119 ? 0.442   9.338   13.426  1.00 16.01 ? 167 VAL A C   1 
ATOM   832  O O   . VAL A 1 119 ? 1.162   9.083   12.450  1.00 15.65 ? 167 VAL A O   1 
ATOM   833  C CB  . VAL A 1 119 ? -2.078  9.156   12.954  1.00 16.61 ? 167 VAL A CB  1 
ATOM   834  C CG1 . VAL A 1 119 ? -2.287  8.161   14.091  1.00 15.54 ? 167 VAL A CG1 1 
ATOM   835  C CG2 . VAL A 1 119 ? -3.349  10.007  12.755  1.00 14.36 ? 167 VAL A CG2 1 
ATOM   836  N N   . THR A 1 120 ? 0.804   9.045   14.674  1.00 16.94 ? 168 THR A N   1 
ATOM   837  C CA  . THR A 1 120 ? 1.934   8.185   14.994  1.00 17.17 ? 168 THR A CA  1 
ATOM   838  C C   . THR A 1 120 ? 1.423   6.786   15.333  1.00 16.61 ? 168 THR A C   1 
ATOM   839  O O   . THR A 1 120 ? 0.466   6.591   16.094  1.00 16.20 ? 168 THR A O   1 
ATOM   840  C CB  . THR A 1 120 ? 2.743   8.745   16.205  1.00 17.84 ? 168 THR A CB  1 
ATOM   841  O OG1 . THR A 1 120 ? 3.225   10.023  15.790  1.00 19.21 ? 168 THR A OG1 1 
ATOM   842  C CG2 . THR A 1 120 ? 3.943   7.877   16.630  1.00 15.50 ? 168 THR A CG2 1 
ATOM   843  N N   . ALA A 1 121 ? 2.040   5.779   14.744  1.00 16.82 ? 169 ALA A N   1 
ATOM   844  C CA  . ALA A 1 121 ? 1.707   4.405   15.049  1.00 17.33 ? 169 ALA A CA  1 
ATOM   845  C C   . ALA A 1 121 ? 2.902   3.936   15.858  1.00 19.08 ? 169 ALA A C   1 
ATOM   846  O O   . ALA A 1 121 ? 4.056   4.195   15.486  1.00 20.75 ? 169 ALA A O   1 
ATOM   847  C CB  . ALA A 1 121 ? 1.652   3.562   13.810  1.00 15.82 ? 169 ALA A CB  1 
ATOM   848  N N   . ASN A 1 122 ? 2.692   3.254   16.969  1.00 19.74 ? 170 ASN A N   1 
ATOM   849  C CA  . ASN A 1 122 ? 3.805   2.747   17.749  1.00 20.56 ? 170 ASN A CA  1 
ATOM   850  C C   . ASN A 1 122 ? 3.839   1.260   17.529  1.00 18.44 ? 170 ASN A C   1 
ATOM   851  O O   . ASN A 1 122 ? 3.056   0.529   18.128  1.00 19.24 ? 170 ASN A O   1 
ATOM   852  C CB  . ASN A 1 122 ? 3.619   3.030   19.237  1.00 24.35 ? 170 ASN A CB  1 
ATOM   853  C CG  . ASN A 1 122 ? 3.642   4.532   19.521  1.00 29.75 ? 170 ASN A CG  1 
ATOM   854  O OD1 . ASN A 1 122 ? 4.571   5.287   19.209  1.00 31.84 ? 170 ASN A OD1 1 
ATOM   855  N ND2 . ASN A 1 122 ? 2.565   5.056   20.090  1.00 31.86 ? 170 ASN A ND2 1 
ATOM   856  N N   . TYR A 1 123 ? 4.676   0.818   16.601  1.00 17.35 ? 171 TYR A N   1 
ATOM   857  C CA  . TYR A 1 123 ? 4.775   -0.601  16.316  1.00 16.54 ? 171 TYR A CA  1 
ATOM   858  C C   . TYR A 1 123 ? 5.887   -1.153  17.192  1.00 17.59 ? 171 TYR A C   1 
ATOM   859  O O   . TYR A 1 123 ? 6.703   -0.392  17.731  1.00 17.00 ? 171 TYR A O   1 
ATOM   860  C CB  . TYR A 1 123 ? 5.124   -0.826  14.862  1.00 14.92 ? 171 TYR A CB  1 
ATOM   861  C CG  . TYR A 1 123 ? 4.085   -0.307  13.881  1.00 13.91 ? 171 TYR A CG  1 
ATOM   862  C CD1 . TYR A 1 123 ? 2.724   -0.441  14.143  1.00 12.46 ? 171 TYR A CD1 1 
ATOM   863  C CD2 . TYR A 1 123 ? 4.503   0.265   12.683  1.00 15.05 ? 171 TYR A CD2 1 
ATOM   864  C CE1 . TYR A 1 123 ? 1.779   -0.012  13.214  1.00 13.11 ? 171 TYR A CE1 1 
ATOM   865  C CE2 . TYR A 1 123 ? 3.556   0.696   11.744  1.00 15.65 ? 171 TYR A CE2 1 
ATOM   866  C CZ  . TYR A 1 123 ? 2.207   0.545   12.020  1.00 13.79 ? 171 TYR A CZ  1 
ATOM   867  O OH  . TYR A 1 123 ? 1.271   0.919   11.096  1.00 16.19 ? 171 TYR A OH  1 
ATOM   868  N N   . ALA A 1 124 ? 5.987   -2.480  17.319  1.00 18.17 ? 173 ALA A N   1 
ATOM   869  C CA  . ALA A 1 124 ? 7.013   -3.129  18.132  1.00 18.39 ? 173 ALA A CA  1 
ATOM   870  C C   . ALA A 1 124 ? 8.400   -2.668  17.718  1.00 17.44 ? 173 ALA A C   1 
ATOM   871  O O   . ALA A 1 124 ? 9.292   -2.465  18.539  1.00 19.26 ? 173 ALA A O   1 
ATOM   872  C CB  . ALA A 1 124 ? 6.975   -4.654  17.979  1.00 17.99 ? 173 ALA A CB  1 
ATOM   873  N N   . GLU A 1 125 ? 8.591   -2.421  16.431  1.00 17.22 ? 174 GLU A N   1 
ATOM   874  C CA  . GLU A 1 125 ? 9.886   -1.996  15.935  1.00 17.31 ? 174 GLU A CA  1 
ATOM   875  C C   . GLU A 1 125 ? 10.262  -0.553  16.215  1.00 15.61 ? 174 GLU A C   1 
ATOM   876  O O   . GLU A 1 125 ? 11.437  -0.218  16.085  1.00 14.12 ? 174 GLU A O   1 
ATOM   877  C CB  . GLU A 1 125 ? 9.988   -2.163  14.435  1.00 19.16 ? 174 GLU A CB  1 
ATOM   878  C CG  . GLU A 1 125 ? 9.900   -3.609  14.008  1.00 21.71 ? 174 GLU A CG  1 
ATOM   879  C CD  . GLU A 1 125 ? 8.509   -4.083  13.631  1.00 23.47 ? 174 GLU A CD  1 
ATOM   880  O OE1 . GLU A 1 125 ? 7.513   -3.396  13.926  1.00 21.01 ? 174 GLU A OE1 1 
ATOM   881  O OE2 . GLU A 1 125 ? 8.456   -5.154  13.006  1.00 27.03 ? 174 GLU A OE2 1 
ATOM   882  N N   . GLY A 1 126 ? 9.316   0.302   16.549  1.00 14.60 ? 175 GLY A N   1 
ATOM   883  C CA  . GLY A 1 126 ? 9.563   1.715   16.678  1.00 14.08 ? 175 GLY A CA  1 
ATOM   884  C C   . GLY A 1 126 ? 8.355   2.434   16.137  1.00 13.75 ? 175 GLY A C   1 
ATOM   885  O O   . GLY A 1 126 ? 7.442   1.846   15.544  1.00 15.09 ? 175 GLY A O   1 
ATOM   886  N N   . ALA A 1 127 ? 8.344   3.725   16.392  1.00 13.68 ? 176 ALA A N   1 
ATOM   887  C CA  . ALA A 1 127 ? 7.286   4.598   15.955  1.00 12.80 ? 176 ALA A CA  1 
ATOM   888  C C   . ALA A 1 127 ? 7.368   4.892   14.471  1.00 11.04 ? 176 ALA A C   1 
ATOM   889  O O   . ALA A 1 127 ? 8.462   4.920   13.914  1.00 11.69 ? 176 ALA A O   1 
ATOM   890  C CB  . ALA A 1 127 ? 7.366   5.918   16.685  1.00 13.53 ? 176 ALA A CB  1 
ATOM   891  N N   . VAL A 1 128 ? 6.237   5.083   13.822  1.00 10.43 ? 177 VAL A N   1 
ATOM   892  C CA  . VAL A 1 128 ? 6.138   5.533   12.454  1.00 10.17 ? 177 VAL A CA  1 
ATOM   893  C C   . VAL A 1 128 ? 5.235   6.756   12.582  1.00 10.99 ? 177 VAL A C   1 
ATOM   894  O O   . VAL A 1 128 ? 4.143   6.739   13.165  1.00 11.25 ? 177 VAL A O   1 
ATOM   895  C CB  . VAL A 1 128 ? 5.495   4.452   11.559  1.00 11.35 ? 177 VAL A CB  1 
ATOM   896  C CG1 . VAL A 1 128 ? 5.219   5.003   10.149  1.00 10.38 ? 177 VAL A CG1 1 
ATOM   897  C CG2 . VAL A 1 128 ? 6.443   3.271   11.445  1.00 8.90  ? 177 VAL A CG2 1 
ATOM   898  N N   . ARG A 1 129 ? 5.708   7.852   12.057  1.00 11.46 ? 178 ARG A N   1 
ATOM   899  C CA  . ARG A 1 129 ? 5.045   9.114   12.194  1.00 12.53 ? 178 ARG A CA  1 
ATOM   900  C C   . ARG A 1 129 ? 4.473   9.546   10.873  1.00 11.73 ? 178 ARG A C   1 
ATOM   901  O O   . ARG A 1 129 ? 4.870   9.033   9.834   1.00 13.22 ? 178 ARG A O   1 
ATOM   902  C CB  . ARG A 1 129 ? 6.028   10.155  12.631  1.00 19.01 ? 178 ARG A CB  1 
ATOM   903  C CG  . ARG A 1 129 ? 6.654   9.768   13.924  1.00 28.39 ? 178 ARG A CG  1 
ATOM   904  C CD  . ARG A 1 129 ? 7.433   10.909  14.540  1.00 37.41 ? 178 ARG A CD  1 
ATOM   905  N NE  . ARG A 1 129 ? 7.484   10.580  15.953  1.00 45.14 ? 178 ARG A NE  1 
ATOM   906  C CZ  . ARG A 1 129 ? 8.490   9.881   16.517  1.00 48.94 ? 178 ARG A CZ  1 
ATOM   907  N NH1 . ARG A 1 129 ? 9.569   9.436   15.826  1.00 50.05 ? 178 ARG A NH1 1 
ATOM   908  N NH2 . ARG A 1 129 ? 8.321   9.538   17.805  1.00 50.40 ? 178 ARG A NH2 1 
ATOM   909  N N   . GLY A 1 130 ? 3.562   10.507  10.877  1.00 11.25 ? 179 GLY A N   1 
ATOM   910  C CA  . GLY A 1 130 ? 3.087   11.135  9.646   1.00 11.50 ? 179 GLY A CA  1 
ATOM   911  C C   . GLY A 1 130 ? 2.019   10.376  8.875   1.00 10.47 ? 179 GLY A C   1 
ATOM   912  O O   . GLY A 1 130 ? 1.698   10.732  7.742   1.00 9.87  ? 179 GLY A O   1 
ATOM   913  N N   . LEU A 1 131 ? 1.386   9.387   9.489   1.00 10.93 ? 180 LEU A N   1 
ATOM   914  C CA  . LEU A 1 131 ? 0.410   8.551   8.821   1.00 9.41  ? 180 LEU A CA  1 
ATOM   915  C C   . LEU A 1 131 ? -0.956  9.185   8.767   1.00 9.35  ? 180 LEU A C   1 
ATOM   916  O O   . LEU A 1 131 ? -1.323  9.994   9.615   1.00 7.29  ? 180 LEU A O   1 
ATOM   917  C CB  . LEU A 1 131 ? 0.334   7.217   9.547   1.00 8.37  ? 180 LEU A CB  1 
ATOM   918  C CG  . LEU A 1 131 ? 1.670   6.441   9.595   1.00 8.64  ? 180 LEU A CG  1 
ATOM   919  C CD1 . LEU A 1 131 ? 1.529   5.228   10.485  1.00 8.63  ? 180 LEU A CD1 1 
ATOM   920  C CD2 . LEU A 1 131 ? 2.063   5.963   8.207   1.00 7.42  ? 180 LEU A CD2 1 
ATOM   921  N N   . THR A 1 132 ? -1.700  8.864   7.729   1.00 9.83  ? 181 THR A N   1 
ATOM   922  C CA  . THR A 1 132 ? -3.085  9.277   7.650   1.00 9.63  ? 181 THR A CA  1 
ATOM   923  C C   . THR A 1 132 ? -3.913  8.065   8.100   1.00 11.67 ? 181 THR A C   1 
ATOM   924  O O   . THR A 1 132 ? -3.608  6.879   7.865   1.00 11.25 ? 181 THR A O   1 
ATOM   925  C CB  . THR A 1 132 ? -3.384  9.659   6.226   1.00 8.42  ? 181 THR A CB  1 
ATOM   926  O OG1 . THR A 1 132 ? -2.365  10.615  5.955   1.00 8.60  ? 181 THR A OG1 1 
ATOM   927  C CG2 . THR A 1 132 ? -4.807  10.190  5.961   1.00 5.57  ? 181 THR A CG2 1 
ATOM   928  N N   . GLN A 1 133 ? -5.005  8.386   8.765   1.00 12.38 ? 182 GLN A N   1 
ATOM   929  C CA  . GLN A 1 133 ? -5.918  7.411   9.294   1.00 12.23 ? 182 GLN A CA  1 
ATOM   930  C C   . GLN A 1 133 ? -7.227  7.512   8.546   1.00 11.52 ? 182 GLN A C   1 
ATOM   931  O O   . GLN A 1 133 ? -7.753  8.602   8.347   1.00 10.51 ? 182 GLN A O   1 
ATOM   932  C CB  . GLN A 1 133 ? -6.137  7.704   10.751  1.00 12.49 ? 182 GLN A CB  1 
ATOM   933  C CG  . GLN A 1 133 ? -7.157  6.827   11.399  1.00 13.31 ? 182 GLN A CG  1 
ATOM   934  C CD  . GLN A 1 133 ? -7.262  7.223   12.851  1.00 16.16 ? 182 GLN A CD  1 
ATOM   935  O OE1 . GLN A 1 133 ? -6.422  6.866   13.666  1.00 19.83 ? 182 GLN A OE1 1 
ATOM   936  N NE2 . GLN A 1 133 ? -8.245  7.998   13.248  1.00 16.61 ? 182 GLN A NE2 1 
ATOM   937  N N   . GLY A 1 134 ? -7.757  6.348   8.208   1.00 12.25 ? 183 GLY A N   1 
ATOM   938  C CA  . GLY A 1 134 ? -9.059  6.177   7.606   1.00 10.84 ? 183 GLY A CA  1 
ATOM   939  C C   . GLY A 1 134 ? -9.797  5.110   8.423   1.00 11.31 ? 183 GLY A C   1 
ATOM   940  O O   . GLY A 1 134 ? -9.221  4.427   9.286   1.00 10.89 ? 183 GLY A O   1 
ATOM   941  N N   . ASN A 1 135 ? -11.086 4.933   8.195   1.00 12.04 ? 184 ASN A N   1 
ATOM   942  C CA  . ASN A 1 135 ? -11.829 3.905   8.918   1.00 11.82 ? 184 ASN A CA  1 
ATOM   943  C C   . ASN A 1 135 ? -12.350 2.810   7.992   1.00 11.24 ? 184 ASN A C   1 
ATOM   944  O O   . ASN A 1 135 ? -13.336 2.142   8.302   1.00 11.48 ? 184 ASN A O   1 
ATOM   945  C CB  . ASN A 1 135 ? -13.003 4.527   9.674   1.00 11.79 ? 184 ASN A CB  1 
ATOM   946  C CG  . ASN A 1 135 ? -13.981 5.255   8.766   1.00 13.53 ? 184 ASN A CG  1 
ATOM   947  O OD1 . ASN A 1 135 ? -14.070 5.097   7.549   1.00 10.85 ? 184 ASN A OD1 1 
ATOM   948  N ND2 . ASN A 1 135 ? -14.710 6.188   9.311   1.00 15.05 ? 184 ASN A ND2 1 
ATOM   949  N N   . ALA A 1 136 ? -11.765 2.681   6.790   1.00 9.28  ? 185 ALA A N   1 
ATOM   950  C CA  . ALA A 1 136 ? -12.005 1.541   5.916   1.00 8.95  ? 185 ALA A CA  1 
ATOM   951  C C   . ALA A 1 136 ? -11.325 0.379   6.668   1.00 9.82  ? 185 ALA A C   1 
ATOM   952  O O   . ALA A 1 136 ? -10.291 0.609   7.319   1.00 9.63  ? 185 ALA A O   1 
ATOM   953  C CB  . ALA A 1 136 ? -11.318 1.748   4.576   1.00 5.48  ? 185 ALA A CB  1 
ATOM   954  N N   . CYS A 1 137 ? -11.837 -0.848  6.696   1.00 8.26  ? 189 CYS A N   1 
ATOM   955  C CA  . CYS A 1 137 ? -11.202 -1.885  7.452   1.00 7.29  ? 189 CYS A CA  1 
ATOM   956  C C   . CYS A 1 137 ? -10.120 -2.531  6.622   1.00 8.11  ? 189 CYS A C   1 
ATOM   957  O O   . CYS A 1 137 ? -9.991  -2.291  5.408   1.00 8.55  ? 189 CYS A O   1 
ATOM   958  C CB  . CYS A 1 137 ? -12.255 -2.888  7.881   1.00 7.81  ? 189 CYS A CB  1 
ATOM   959  S SG  . CYS A 1 137 ? -12.997 -4.032  6.687   1.00 9.32  ? 189 CYS A SG  1 
ATOM   960  N N   . ALA A 1 138 ? -9.328  -3.340  7.303   1.00 7.50  ? 190 ALA A N   1 
ATOM   961  C CA  . ALA A 1 138 ? -8.192  -3.989  6.698   1.00 7.95  ? 190 ALA A CA  1 
ATOM   962  C C   . ALA A 1 138 ? -7.738  -5.136  7.603   1.00 8.74  ? 190 ALA A C   1 
ATOM   963  O O   . ALA A 1 138 ? -8.109  -5.202  8.779   1.00 7.74  ? 190 ALA A O   1 
ATOM   964  C CB  . ALA A 1 138 ? -7.069  -2.984  6.567   1.00 5.68  ? 190 ALA A CB  1 
ATOM   965  N N   . GLY A 1 139 ? -6.893  -6.027  7.100   1.00 9.23  ? 191 GLY A N   1 
ATOM   966  C CA  . GLY A 1 139 ? -6.436  -7.205  7.820   1.00 9.61  ? 191 GLY A CA  1 
ATOM   967  C C   . GLY A 1 139 ? -4.971  -7.496  7.538   1.00 9.90  ? 191 GLY A C   1 
ATOM   968  O O   . GLY A 1 139 ? -4.395  -6.897  6.618   1.00 10.90 ? 191 GLY A O   1 
ATOM   969  N N   . ARG A 1 140 ? -4.332  -8.380  8.306   1.00 9.41  ? 192 ARG A N   1 
ATOM   970  C CA  . ARG A 1 140 ? -2.950  -8.775  8.109   1.00 8.90  ? 192 ARG A CA  1 
ATOM   971  C C   . ARG A 1 140 ? -2.842  -9.284  6.692   1.00 8.51  ? 192 ARG A C   1 
ATOM   972  O O   . ARG A 1 140 ? -3.686  -10.095 6.298   1.00 8.43  ? 192 ARG A O   1 
ATOM   973  C CB  . ARG A 1 140 ? -2.555  -9.903  9.023   1.00 11.56 ? 192 ARG A CB  1 
ATOM   974  C CG  . ARG A 1 140 ? -2.452  -9.468  10.443  1.00 17.06 ? 192 ARG A CG  1 
ATOM   975  C CD  . ARG A 1 140 ? -2.122  -10.704 11.226  1.00 22.72 ? 192 ARG A CD  1 
ATOM   976  N NE  . ARG A 1 140 ? -2.608  -10.468 12.561  1.00 27.93 ? 192 ARG A NE  1 
ATOM   977  C CZ  . ARG A 1 140 ? -3.292  -11.384 13.236  1.00 30.77 ? 192 ARG A CZ  1 
ATOM   978  N NH1 . ARG A 1 140 ? -3.536  -12.593 12.720  1.00 31.47 ? 192 ARG A NH1 1 
ATOM   979  N NH2 . ARG A 1 140 ? -3.726  -11.061 14.458  1.00 32.54 ? 192 ARG A NH2 1 
ATOM   980  N N   . GLY A 1 141 ? -1.864  -8.788  5.925   1.00 7.80  ? 193 GLY A N   1 
ATOM   981  C CA  . GLY A 1 141 ? -1.665  -9.180  4.537   1.00 8.01  ? 193 GLY A CA  1 
ATOM   982  C C   . GLY A 1 141 ? -1.983  -8.017  3.601   1.00 8.36  ? 193 GLY A C   1 
ATOM   983  O O   . GLY A 1 141 ? -1.544  -7.963  2.441   1.00 8.30  ? 193 GLY A O   1 
ATOM   984  N N   . ASP A 1 142 ? -2.784  -7.054  4.066   1.00 8.05  ? 194 ASP A N   1 
ATOM   985  C CA  . ASP A 1 142 ? -3.140  -5.902  3.269   1.00 8.63  ? 194 ASP A CA  1 
ATOM   986  C C   . ASP A 1 142 ? -2.052  -4.841  3.176   1.00 9.34  ? 194 ASP A C   1 
ATOM   987  O O   . ASP A 1 142 ? -2.164  -3.969  2.315   1.00 9.00  ? 194 ASP A O   1 
ATOM   988  C CB  . ASP A 1 142 ? -4.425  -5.273  3.829   1.00 7.25  ? 194 ASP A CB  1 
ATOM   989  C CG  . ASP A 1 142 ? -5.673  -6.087  3.516   1.00 8.89  ? 194 ASP A CG  1 
ATOM   990  O OD1 . ASP A 1 142 ? -5.741  -6.822  2.520   1.00 9.35  ? 194 ASP A OD1 1 
ATOM   991  O OD2 . ASP A 1 142 ? -6.609  -5.955  4.279   1.00 7.02  ? 194 ASP A OD2 1 
ATOM   992  N N   . SER A 1 143 ? -1.038  -4.870  4.044   1.00 9.93  ? 195 SER A N   1 
ATOM   993  C CA  . SER A 1 143 ? 0.103   -3.942  4.064   1.00 10.34 ? 195 SER A CA  1 
ATOM   994  C C   . SER A 1 143 ? 0.671   -3.771  2.699   1.00 9.32  ? 195 SER A C   1 
ATOM   995  O O   . SER A 1 143 ? 0.809   -4.737  1.952   1.00 8.83  ? 195 SER A O   1 
ATOM   996  C CB  . SER A 1 143 ? 1.268   -4.436  4.836   1.00 10.40 ? 195 SER A CB  1 
ATOM   997  O OG  . SER A 1 143 ? 0.842   -4.560  6.159   1.00 13.25 ? 195 SER A OG  1 
ATOM   998  N N   . GLY A 1 144 ? 0.961   -2.525  2.398   1.00 9.35  ? 196 GLY A N   1 
ATOM   999  C CA  . GLY A 1 144 ? 1.551   -2.172  1.135   1.00 7.98  ? 196 GLY A CA  1 
ATOM   1000 C C   . GLY A 1 144 ? 0.497   -1.813  0.113   1.00 8.84  ? 196 GLY A C   1 
ATOM   1001 O O   . GLY A 1 144 ? 0.815   -1.145  -0.870  1.00 9.91  ? 196 GLY A O   1 
ATOM   1002 N N   . GLY A 1 145 ? -0.756  -2.220  0.332   1.00 7.86  ? 197 GLY A N   1 
ATOM   1003 C CA  . GLY A 1 145 ? -1.804  -2.042  -0.655  1.00 8.18  ? 197 GLY A CA  1 
ATOM   1004 C C   . GLY A 1 145 ? -2.226  -0.597  -0.817  1.00 8.06  ? 197 GLY A C   1 
ATOM   1005 O O   . GLY A 1 145 ? -2.015  0.253   0.045   1.00 7.11  ? 197 GLY A O   1 
ATOM   1006 N N   . SER A 1 146 ? -2.911  -0.384  -1.917  1.00 7.88  ? 198 SER A N   1 
ATOM   1007 C CA  . SER A 1 146 ? -3.360  0.908   -2.365  1.00 8.07  ? 198 SER A CA  1 
ATOM   1008 C C   . SER A 1 146 ? -4.460  1.532   -1.538  1.00 8.25  ? 198 SER A C   1 
ATOM   1009 O O   . SER A 1 146 ? -5.378  0.833   -1.137  1.00 8.21  ? 198 SER A O   1 
ATOM   1010 C CB  . SER A 1 146 ? -3.896  0.812   -3.793  1.00 6.39  ? 198 SER A CB  1 
ATOM   1011 O OG  . SER A 1 146 ? -3.417  -0.287  -4.553  1.00 6.22  ? 198 SER A OG  1 
ATOM   1012 N N   . TRP A 1 147 ? -4.403  2.842   -1.342  1.00 6.96  ? 199 TRP A N   1 
ATOM   1013 C CA  . TRP A 1 147 ? -5.484  3.611   -0.792  1.00 6.71  ? 199 TRP A CA  1 
ATOM   1014 C C   . TRP A 1 147 ? -5.685  4.592   -1.932  1.00 6.39  ? 199 TRP A C   1 
ATOM   1015 O O   . TRP A 1 147 ? -4.723  5.204   -2.427  1.00 6.34  ? 199 TRP A O   1 
ATOM   1016 C CB  . TRP A 1 147 ? -5.061  4.313   0.473   1.00 5.26  ? 199 TRP A CB  1 
ATOM   1017 C CG  . TRP A 1 147 ? -5.130  3.416   1.710   1.00 4.93  ? 199 TRP A CG  1 
ATOM   1018 C CD1 . TRP A 1 147 ? -4.212  2.430   1.978   1.00 4.89  ? 199 TRP A CD1 1 
ATOM   1019 C CD2 . TRP A 1 147 ? -6.054  3.534   2.710   1.00 5.46  ? 199 TRP A CD2 1 
ATOM   1020 N NE1 . TRP A 1 147 ? -4.539  1.928   3.154   1.00 4.73  ? 199 TRP A NE1 1 
ATOM   1021 C CE2 . TRP A 1 147 ? -5.630  2.562   3.621   1.00 4.83  ? 199 TRP A CE2 1 
ATOM   1022 C CE3 . TRP A 1 147 ? -7.168  4.329   2.972   1.00 5.90  ? 199 TRP A CE3 1 
ATOM   1023 C CZ2 . TRP A 1 147 ? -6.326  2.372   4.816   1.00 7.14  ? 199 TRP A CZ2 1 
ATOM   1024 C CZ3 . TRP A 1 147 ? -7.870  4.138   4.176   1.00 6.72  ? 199 TRP A CZ3 1 
ATOM   1025 C CH2 . TRP A 1 147 ? -7.454  3.169   5.093   1.00 6.41  ? 199 TRP A CH2 1 
ATOM   1026 N N   . ILE A 1 148 ? -6.911  4.729   -2.409  1.00 8.18  ? 200 ILE A N   1 
ATOM   1027 C CA  . ILE A 1 148 ? -7.254  5.502   -3.606  1.00 8.13  ? 200 ILE A CA  1 
ATOM   1028 C C   . ILE A 1 148 ? -8.699  5.963   -3.472  1.00 9.35  ? 200 ILE A C   1 
ATOM   1029 O O   . ILE A 1 148 ? -9.485  5.309   -2.779  1.00 10.15 ? 200 ILE A O   1 
ATOM   1030 C CB  . ILE A 1 148 ? -7.058  4.602   -4.871  1.00 6.97  ? 200 ILE A CB  1 
ATOM   1031 C CG1 . ILE A 1 148 ? -7.231  5.443   -6.126  1.00 8.00  ? 200 ILE A CG1 1 
ATOM   1032 C CG2 . ILE A 1 148 ? -8.042  3.432   -4.872  1.00 6.46  ? 200 ILE A CG2 1 
ATOM   1033 C CD1 . ILE A 1 148 ? -6.776  4.680   -7.385  1.00 8.48  ? 200 ILE A CD1 1 
ATOM   1034 N N   . THR A 1 149 ? -9.040  7.120   -4.032  1.00 10.06 ? 201 THR A N   1 
ATOM   1035 C CA  . THR A 1 149 ? -10.390 7.609   -4.026  1.00 10.87 ? 201 THR A CA  1 
ATOM   1036 C C   . THR A 1 149 ? -11.061 6.990   -5.244  1.00 13.07 ? 201 THR A C   1 
ATOM   1037 O O   . THR A 1 149 ? -10.420 6.488   -6.175  1.00 10.42 ? 201 THR A O   1 
ATOM   1038 C CB  . THR A 1 149 ? -10.397 9.150   -4.113  1.00 11.32 ? 201 THR A CB  1 
ATOM   1039 O OG1 . THR A 1 149 ? -9.794  9.476   -5.350  1.00 11.64 ? 201 THR A OG1 1 
ATOM   1040 C CG2 . THR A 1 149 ? -9.575  9.851   -3.030  1.00 9.14  ? 201 THR A CG2 1 
ATOM   1041 N N   . SER A 1 150 A -12.386 7.037   -5.274  1.00 16.84 ? 201 SER A N   1 
ATOM   1042 C CA  . SER A 1 150 A -13.194 6.507   -6.376  1.00 18.60 ? 201 SER A CA  1 
ATOM   1043 C C   . SER A 1 150 A -12.910 7.265   -7.656  1.00 17.98 ? 201 SER A C   1 
ATOM   1044 O O   . SER A 1 150 A -12.972 6.717   -8.757  1.00 19.16 ? 201 SER A O   1 
ATOM   1045 C CB  . SER A 1 150 A -14.668 6.613   -5.998  1.00 21.94 ? 201 SER A CB  1 
ATOM   1046 O OG  . SER A 1 150 A -15.070 7.925   -5.544  1.00 29.65 ? 201 SER A OG  1 
ATOM   1047 N N   . ALA A 1 151 ? -12.514 8.529   -7.509  1.00 16.74 ? 202 ALA A N   1 
ATOM   1048 C CA  . ALA A 1 151 ? -12.121 9.323   -8.641  1.00 16.21 ? 202 ALA A CA  1 
ATOM   1049 C C   . ALA A 1 151 ? -10.741 8.947   -9.149  1.00 15.44 ? 202 ALA A C   1 
ATOM   1050 O O   . ALA A 1 151 ? -10.221 9.602   -10.057 1.00 17.69 ? 202 ALA A O   1 
ATOM   1051 C CB  . ALA A 1 151 ? -12.121 10.792  -8.256  1.00 17.82 ? 202 ALA A CB  1 
ATOM   1052 N N   . GLY A 1 152 ? -10.065 7.969   -8.560  1.00 13.98 ? 207 GLY A N   1 
ATOM   1053 C CA  . GLY A 1 152 ? -8.797  7.521   -9.087  1.00 11.44 ? 207 GLY A CA  1 
ATOM   1054 C C   . GLY A 1 152 ? -7.602  8.293   -8.581  1.00 9.17  ? 207 GLY A C   1 
ATOM   1055 O O   . GLY A 1 152 ? -6.528  8.193   -9.193  1.00 7.41  ? 207 GLY A O   1 
ATOM   1056 N N   . GLN A 1 153 ? -7.690  9.056   -7.484  1.00 8.12  ? 208 GLN A N   1 
ATOM   1057 C CA  . GLN A 1 153 ? -6.497  9.754   -6.971  1.00 6.90  ? 208 GLN A CA  1 
ATOM   1058 C C   . GLN A 1 153 ? -5.839  8.892   -5.907  1.00 7.29  ? 208 GLN A C   1 
ATOM   1059 O O   . GLN A 1 153 ? -6.433  8.602   -4.865  1.00 6.66  ? 208 GLN A O   1 
ATOM   1060 C CB  . GLN A 1 153 ? -6.844  11.089  -6.335  1.00 5.64  ? 208 GLN A CB  1 
ATOM   1061 C CG  . GLN A 1 153 ? -7.470  12.082  -7.338  1.00 7.42  ? 208 GLN A CG  1 
ATOM   1062 C CD  . GLN A 1 153 ? -6.538  12.394  -8.496  1.00 8.14  ? 208 GLN A CD  1 
ATOM   1063 O OE1 . GLN A 1 153 ? -5.334  12.558  -8.337  1.00 7.04  ? 208 GLN A OE1 1 
ATOM   1064 N NE2 . GLN A 1 153 ? -7.011  12.432  -9.722  1.00 9.94  ? 208 GLN A NE2 1 
ATOM   1065 N N   . ALA A 1 154 ? -4.625  8.432   -6.192  1.00 6.95  ? 209 ALA A N   1 
ATOM   1066 C CA  . ALA A 1 154 ? -3.817  7.603   -5.320  1.00 7.72  ? 209 ALA A CA  1 
ATOM   1067 C C   . ALA A 1 154 ? -3.426  8.355   -4.044  1.00 8.33  ? 209 ALA A C   1 
ATOM   1068 O O   . ALA A 1 154 ? -2.842  9.444   -4.101  1.00 11.28 ? 209 ALA A O   1 
ATOM   1069 C CB  . ALA A 1 154 ? -2.602  7.222   -6.122  1.00 4.81  ? 209 ALA A CB  1 
ATOM   1070 N N   . GLN A 1 155 ? -3.768  7.843   -2.879  1.00 7.88  ? 210 GLN A N   1 
ATOM   1071 C CA  . GLN A 1 155 ? -3.507  8.477   -1.582  1.00 7.69  ? 210 GLN A CA  1 
ATOM   1072 C C   . GLN A 1 155 ? -2.274  7.971   -0.851  1.00 8.32  ? 210 GLN A C   1 
ATOM   1073 O O   . GLN A 1 155 ? -1.532  8.746   -0.234  1.00 6.92  ? 210 GLN A O   1 
ATOM   1074 C CB  . GLN A 1 155 ? -4.670  8.272   -0.627  1.00 8.44  ? 210 GLN A CB  1 
ATOM   1075 C CG  . GLN A 1 155 ? -5.940  8.835   -1.181  1.00 9.05  ? 210 GLN A CG  1 
ATOM   1076 C CD  . GLN A 1 155 ? -5.759  10.308  -1.523  1.00 11.64 ? 210 GLN A CD  1 
ATOM   1077 O OE1 . GLN A 1 155 ? -5.503  11.141  -0.660  1.00 13.14 ? 210 GLN A OE1 1 
ATOM   1078 N NE2 . GLN A 1 155 ? -5.893  10.691  -2.779  1.00 13.14 ? 210 GLN A NE2 1 
ATOM   1079 N N   . GLY A 1 156 ? -2.017  6.671   -0.878  1.00 7.99  ? 211 GLY A N   1 
ATOM   1080 C CA  . GLY A 1 156 ? -0.874  6.131   -0.170  1.00 6.88  ? 211 GLY A CA  1 
ATOM   1081 C C   . GLY A 1 156 ? -0.970  4.609   -0.076  1.00 7.73  ? 211 GLY A C   1 
ATOM   1082 O O   . GLY A 1 156 ? -1.785  4.023   -0.808  1.00 4.97  ? 211 GLY A O   1 
ATOM   1083 N N   . VAL A 1 157 ? -0.146  4.011   0.803   1.00 6.37  ? 212 VAL A N   1 
ATOM   1084 C CA  . VAL A 1 157 ? -0.030  2.565   0.926   1.00 5.11  ? 212 VAL A CA  1 
ATOM   1085 C C   . VAL A 1 157 ? -0.291  2.171   2.361   1.00 5.33  ? 212 VAL A C   1 
ATOM   1086 O O   . VAL A 1 157 ? 0.073   2.869   3.303   1.00 4.76  ? 212 VAL A O   1 
ATOM   1087 C CB  . VAL A 1 157 ? 1.385   2.064   0.497   1.00 5.78  ? 212 VAL A CB  1 
ATOM   1088 C CG1 . VAL A 1 157 ? 1.622   2.387   -0.967  1.00 2.73  ? 212 VAL A CG1 1 
ATOM   1089 C CG2 . VAL A 1 157 ? 2.489   2.725   1.348   1.00 4.45  ? 212 VAL A CG2 1 
ATOM   1090 N N   . MET A 1 158 ? -1.019  1.080   2.549   1.00 6.02  ? 213 MET A N   1 
ATOM   1091 C CA  . MET A 1 158 ? -1.370  0.502   3.839   1.00 5.93  ? 213 MET A CA  1 
ATOM   1092 C C   . MET A 1 158 ? -0.163  0.250   4.739   1.00 5.59  ? 213 MET A C   1 
ATOM   1093 O O   . MET A 1 158 ? 0.783   -0.454  4.379   1.00 5.78  ? 213 MET A O   1 
ATOM   1094 C CB  . MET A 1 158 ? -2.078  -0.831  3.627   1.00 4.00  ? 213 MET A CB  1 
ATOM   1095 C CG  . MET A 1 158 ? -2.577  -1.481  4.925   1.00 6.28  ? 213 MET A CG  1 
ATOM   1096 S SD  . MET A 1 158 ? -4.186  -0.760  5.342   1.00 12.39 ? 213 MET A SD  1 
ATOM   1097 C CE  . MET A 1 158 ? -4.040  -0.655  7.095   1.00 8.99  ? 213 MET A CE  1 
ATOM   1098 N N   . SER A 1 159 ? -0.216  0.742   5.948   1.00 6.89  ? 214 SER A N   1 
ATOM   1099 C CA  . SER A 1 159 ? 0.823   0.498   6.908   1.00 7.07  ? 214 SER A CA  1 
ATOM   1100 C C   . SER A 1 159 ? 0.374   -0.427  8.014   1.00 6.67  ? 214 SER A C   1 
ATOM   1101 O O   . SER A 1 159 ? 1.017   -1.458  8.222   1.00 7.02  ? 214 SER A O   1 
ATOM   1102 C CB  . SER A 1 159 ? 1.292   1.821   7.530   1.00 7.93  ? 214 SER A CB  1 
ATOM   1103 O OG  . SER A 1 159 ? 2.310   1.590   8.523   1.00 8.11  ? 214 SER A OG  1 
ATOM   1104 N N   . GLY A 1 160 ? -0.680  -0.101  8.758   1.00 8.25  ? 215 GLY A N   1 
ATOM   1105 C CA  . GLY A 1 160 ? -1.103  -0.913  9.900   1.00 8.10  ? 215 GLY A CA  1 
ATOM   1106 C C   . GLY A 1 160 ? -2.519  -0.551  10.345  1.00 8.88  ? 215 GLY A C   1 
ATOM   1107 O O   . GLY A 1 160 ? -3.164  0.349   9.788   1.00 7.82  ? 215 GLY A O   1 
ATOM   1108 N N   . ALA A 1 161 ? -3.063  -1.276  11.311  1.00 8.59  ? 216 ALA A N   1 
ATOM   1109 C CA  . ALA A 1 161 ? -4.397  -1.026  11.812  1.00 10.31 ? 216 ALA A CA  1 
ATOM   1110 C C   . ALA A 1 161 ? -4.578  -1.698  13.160  1.00 9.12  ? 216 ALA A C   1 
ATOM   1111 O O   . ALA A 1 161 ? -3.706  -2.448  13.618  1.00 8.67  ? 216 ALA A O   1 
ATOM   1112 C CB  . ALA A 1 161 ? -5.475  -1.568  10.860  1.00 8.86  ? 216 ALA A CB  1 
ATOM   1113 N N   . ASN A 1 162 ? -5.619  -1.329  13.886  1.00 10.26 ? 217 ASN A N   1 
ATOM   1114 C CA  . ASN A 1 162 ? -5.974  -1.957  15.155  1.00 12.46 ? 217 ASN A CA  1 
ATOM   1115 C C   . ASN A 1 162 ? -6.768  -3.249  14.935  1.00 14.91 ? 217 ASN A C   1 
ATOM   1116 O O   . ASN A 1 162 ? -7.989  -3.381  15.009  1.00 17.48 ? 217 ASN A O   1 
ATOM   1117 C CB  . ASN A 1 162 ? -6.780  -0.969  15.987  1.00 12.40 ? 217 ASN A CB  1 
ATOM   1118 C CG  . ASN A 1 162 ? -8.100  -0.515  15.391  1.00 13.17 ? 217 ASN A CG  1 
ATOM   1119 O OD1 . ASN A 1 162 ? -8.265  -0.316  14.192  1.00 12.31 ? 217 ASN A OD1 1 
ATOM   1120 N ND2 . ASN A 1 162 ? -9.110  -0.363  16.215  1.00 15.30 ? 217 ASN A ND2 1 
ATOM   1121 N N   . VAL A 1 163 ? -5.991  -4.240  14.579  1.00 17.11 ? 218 VAL A N   1 
ATOM   1122 C CA  . VAL A 1 163 ? -6.419  -5.602  14.300  1.00 19.79 ? 218 VAL A CA  1 
ATOM   1123 C C   . VAL A 1 163 ? -7.004  -6.246  15.551  1.00 19.89 ? 218 VAL A C   1 
ATOM   1124 O O   . VAL A 1 163 ? -6.604  -5.928  16.666  1.00 21.73 ? 218 VAL A O   1 
ATOM   1125 C CB  . VAL A 1 163 ? -5.157  -6.344  13.767  1.00 20.35 ? 218 VAL A CB  1 
ATOM   1126 C CG1 . VAL A 1 163 ? -4.056  -6.328  14.821  1.00 22.76 ? 218 VAL A CG1 1 
ATOM   1127 C CG2 . VAL A 1 163 ? -5.429  -7.771  13.508  1.00 21.36 ? 218 VAL A CG2 1 
ATOM   1128 N N   . GLN A 1 164 ? -7.962  -7.144  15.410  1.00 20.16 ? 219 GLN A N   1 
ATOM   1129 C CA  . GLN A 1 164 ? -8.551  -7.841  16.543  1.00 18.69 ? 219 GLN A CA  1 
ATOM   1130 C C   . GLN A 1 164 ? -8.061  -9.278  16.404  1.00 17.77 ? 219 GLN A C   1 
ATOM   1131 O O   . GLN A 1 164 ? -7.287  -9.588  15.492  1.00 15.38 ? 219 GLN A O   1 
ATOM   1132 C CB  . GLN A 1 164 ? -10.059 -7.740  16.422  1.00 19.79 ? 219 GLN A CB  1 
ATOM   1133 C CG  . GLN A 1 164 ? -10.526 -6.305  16.202  1.00 24.71 ? 219 GLN A CG  1 
ATOM   1134 C CD  . GLN A 1 164 ? -10.248 -5.414  17.405  1.00 29.92 ? 219 GLN A CD  1 
ATOM   1135 O OE1 . GLN A 1 164 ? -10.773 -5.709  18.478  1.00 33.76 ? 219 GLN A OE1 1 
ATOM   1136 N NE2 . GLN A 1 164 ? -9.471  -4.325  17.355  1.00 31.00 ? 219 GLN A NE2 1 
ATOM   1137 N N   . SER A 1 165 A -8.502  -10.232 17.212  1.00 18.98 ? 219 SER A N   1 
ATOM   1138 C CA  . SER A 1 165 A -7.988  -11.602 17.129  1.00 19.97 ? 219 SER A CA  1 
ATOM   1139 C C   . SER A 1 165 A -8.253  -12.334 15.827  1.00 17.79 ? 219 SER A C   1 
ATOM   1140 O O   . SER A 1 165 A -7.595  -13.333 15.534  1.00 19.19 ? 219 SER A O   1 
ATOM   1141 C CB  . SER A 1 165 A -8.548  -12.414 18.276  1.00 20.92 ? 219 SER A CB  1 
ATOM   1142 O OG  . SER A 1 165 A -9.966  -12.380 18.323  1.00 26.20 ? 219 SER A OG  1 
ATOM   1143 N N   . ASN A 1 166 B -9.181  -11.839 15.010  1.00 16.17 ? 219 ASN A N   1 
ATOM   1144 C CA  . ASN A 1 166 B -9.461  -12.451 13.735  1.00 14.10 ? 219 ASN A CA  1 
ATOM   1145 C C   . ASN A 1 166 B -8.528  -11.932 12.648  1.00 12.59 ? 219 ASN A C   1 
ATOM   1146 O O   . ASN A 1 166 B -8.689  -12.307 11.491  1.00 12.55 ? 219 ASN A O   1 
ATOM   1147 C CB  . ASN A 1 166 B -10.914 -12.188 13.382  1.00 12.55 ? 219 ASN A CB  1 
ATOM   1148 C CG  . ASN A 1 166 B -11.235 -10.763 12.984  1.00 15.23 ? 219 ASN A CG  1 
ATOM   1149 O OD1 . ASN A 1 166 B -10.507 -9.805  13.284  1.00 12.94 ? 219 ASN A OD1 1 
ATOM   1150 N ND2 . ASN A 1 166 B -12.386 -10.632 12.329  1.00 14.95 ? 219 ASN A ND2 1 
ATOM   1151 N N   . GLY A 1 167 C -7.533  -11.099 12.930  1.00 12.13 ? 219 GLY A N   1 
ATOM   1152 C CA  . GLY A 1 167 C -6.599  -10.694 11.888  1.00 10.24 ? 219 GLY A CA  1 
ATOM   1153 C C   . GLY A 1 167 C -7.055  -9.447  11.150  1.00 9.76  ? 219 GLY A C   1 
ATOM   1154 O O   . GLY A 1 167 C -6.311  -8.948  10.314  1.00 10.25 ? 219 GLY A O   1 
ATOM   1155 N N   . ASN A 1 168 D -8.196  -8.834  11.450  1.00 8.10  ? 219 ASN A N   1 
ATOM   1156 C CA  . ASN A 1 168 D -8.602  -7.630  10.749  1.00 8.17  ? 219 ASN A CA  1 
ATOM   1157 C C   . ASN A 1 168 D -9.411  -6.748  11.695  1.00 8.32  ? 219 ASN A C   1 
ATOM   1158 O O   . ASN A 1 168 D -9.633  -7.094  12.868  1.00 7.96  ? 219 ASN A O   1 
ATOM   1159 C CB  . ASN A 1 168 D -9.457  -7.982  9.495   1.00 6.95  ? 219 ASN A CB  1 
ATOM   1160 C CG  . ASN A 1 168 D -10.744 -8.733  9.808   1.00 9.31  ? 219 ASN A CG  1 
ATOM   1161 O OD1 . ASN A 1 168 D -11.666 -8.188  10.427  1.00 9.77  ? 219 ASN A OD1 1 
ATOM   1162 N ND2 . ASN A 1 168 D -10.863 -9.993  9.443   1.00 9.26  ? 219 ASN A ND2 1 
ATOM   1163 N N   . ASN A 1 169 ? -9.846  -5.578  11.255  1.00 7.91  ? 220 ASN A N   1 
ATOM   1164 C CA  . ASN A 1 169 ? -10.686 -4.730  12.071  1.00 8.54  ? 220 ASN A CA  1 
ATOM   1165 C C   . ASN A 1 169 ? -12.007 -4.519  11.362  1.00 9.46  ? 220 ASN A C   1 
ATOM   1166 O O   . ASN A 1 169 ? -12.723 -3.550  11.616  1.00 9.20  ? 220 ASN A O   1 
ATOM   1167 C CB  . ASN A 1 169 ? -9.994  -3.359  12.359  1.00 9.14  ? 220 ASN A CB  1 
ATOM   1168 C CG  . ASN A 1 169 ? -9.639  -2.488  11.149  1.00 9.16  ? 220 ASN A CG  1 
ATOM   1169 O OD1 . ASN A 1 169 ? -9.931  -2.782  9.989   1.00 10.21 ? 220 ASN A OD1 1 
ATOM   1170 N ND2 . ASN A 1 169 ? -8.982  -1.366  11.380  1.00 9.48  ? 220 ASN A ND2 1 
ATOM   1171 N N   . CYS A 1 170 A -12.415 -5.469  10.513  1.00 9.93  ? 220 CYS A N   1 
ATOM   1172 C CA  . CYS A 1 170 A -13.692 -5.387  9.826   1.00 10.69 ? 220 CYS A CA  1 
ATOM   1173 C C   . CYS A 1 170 A -14.870 -5.775  10.709  1.00 12.29 ? 220 CYS A C   1 
ATOM   1174 O O   . CYS A 1 170 A -15.986 -5.437  10.348  1.00 15.20 ? 220 CYS A O   1 
ATOM   1175 C CB  . CYS A 1 170 A -13.678 -6.282  8.592   1.00 8.99  ? 220 CYS A CB  1 
ATOM   1176 S SG  . CYS A 1 170 A -12.398 -5.808  7.392   1.00 10.75 ? 220 CYS A SG  1 
ATOM   1177 N N   . GLY A 1 171 ? -14.733 -6.456  11.847  1.00 13.35 ? 221 GLY A N   1 
ATOM   1178 C CA  . GLY A 1 171 ? -15.844 -6.846  12.687  1.00 14.62 ? 221 GLY A CA  1 
ATOM   1179 C C   . GLY A 1 171 ? -16.122 -5.833  13.798  1.00 17.88 ? 221 GLY A C   1 
ATOM   1180 O O   . GLY A 1 171 ? -16.841 -6.155  14.749  1.00 20.20 ? 221 GLY A O   1 
ATOM   1181 N N   . ILE A 1 172 ? -15.548 -4.629  13.794  1.00 17.79 ? 222 ILE A N   1 
ATOM   1182 C CA  . ILE A 1 172 ? -15.813 -3.625  14.809  1.00 18.27 ? 222 ILE A CA  1 
ATOM   1183 C C   . ILE A 1 172 ? -16.349 -2.433  14.032  1.00 19.51 ? 222 ILE A C   1 
ATOM   1184 O O   . ILE A 1 172 ? -16.035 -2.329  12.843  1.00 18.85 ? 222 ILE A O   1 
ATOM   1185 C CB  . ILE A 1 172 ? -14.541 -3.178  15.586  1.00 18.06 ? 222 ILE A CB  1 
ATOM   1186 C CG1 . ILE A 1 172 ? -13.423 -2.625  14.716  1.00 17.72 ? 222 ILE A CG1 1 
ATOM   1187 C CG2 . ILE A 1 172 ? -14.122 -4.395  16.376  1.00 18.02 ? 222 ILE A CG2 1 
ATOM   1188 C CD1 . ILE A 1 172 ? -12.250 -2.034  15.535  1.00 16.13 ? 222 ILE A CD1 1 
ATOM   1189 N N   . PRO A 1 173 A -17.160 -1.505  14.571  1.00 19.83 ? 222 PRO A N   1 
ATOM   1190 C CA  . PRO A 1 173 A -17.804 -0.459  13.779  1.00 19.50 ? 222 PRO A CA  1 
ATOM   1191 C C   . PRO A 1 173 A -16.733 0.481   13.242  1.00 18.88 ? 222 PRO A C   1 
ATOM   1192 O O   . PRO A 1 173 A -15.700 0.660   13.888  1.00 18.09 ? 222 PRO A O   1 
ATOM   1193 C CB  . PRO A 1 173 A -18.760 0.218   14.741  1.00 19.09 ? 222 PRO A CB  1 
ATOM   1194 C CG  . PRO A 1 173 A -18.860 -0.748  15.910  1.00 19.78 ? 222 PRO A CG  1 
ATOM   1195 C CD  . PRO A 1 173 A -17.473 -1.338  15.989  1.00 18.95 ? 222 PRO A CD  1 
ATOM   1196 N N   . ALA A 1 174 B -17.019 1.143   12.122  1.00 18.24 ? 222 ALA A N   1 
ATOM   1197 C CA  . ALA A 1 174 B -16.121 2.079   11.478  1.00 17.66 ? 222 ALA A CA  1 
ATOM   1198 C C   . ALA A 1 174 B -15.604 3.093   12.452  1.00 18.34 ? 222 ALA A C   1 
ATOM   1199 O O   . ALA A 1 174 B -14.446 3.485   12.415  1.00 18.92 ? 222 ALA A O   1 
ATOM   1200 C CB  . ALA A 1 174 B -16.835 2.830   10.391  1.00 16.30 ? 222 ALA A CB  1 
ATOM   1201 N N   . SER A 1 175 C -16.471 3.524   13.350  1.00 19.42 ? 222 SER A N   1 
ATOM   1202 C CA  . SER A 1 175 C -16.134 4.484   14.377  1.00 22.10 ? 222 SER A CA  1 
ATOM   1203 C C   . SER A 1 175 C -14.955 4.078   15.241  1.00 21.85 ? 222 SER A C   1 
ATOM   1204 O O   . SER A 1 175 C -14.259 4.939   15.775  1.00 22.49 ? 222 SER A O   1 
ATOM   1205 C CB  . SER A 1 175 C -17.328 4.726   15.299  1.00 24.90 ? 222 SER A CB  1 
ATOM   1206 O OG  . SER A 1 175 C -17.932 3.523   15.816  1.00 30.36 ? 222 SER A OG  1 
ATOM   1207 N N   . GLN A 1 176 ? -14.712 2.786   15.382  1.00 21.28 ? 223 GLN A N   1 
ATOM   1208 C CA  . GLN A 1 176 ? -13.644 2.289   16.207  1.00 21.77 ? 223 GLN A CA  1 
ATOM   1209 C C   . GLN A 1 176 ? -12.427 1.839   15.448  1.00 19.56 ? 223 GLN A C   1 
ATOM   1210 O O   . GLN A 1 176 ? -11.491 1.318   16.050  1.00 19.31 ? 223 GLN A O   1 
ATOM   1211 C CB  . GLN A 1 176 ? -14.129 1.150   16.999  1.00 25.93 ? 223 GLN A CB  1 
ATOM   1212 C CG  . GLN A 1 176 ? -14.948 1.573   18.186  1.00 33.43 ? 223 GLN A CG  1 
ATOM   1213 C CD  . GLN A 1 176 ? -15.521 0.312   18.813  1.00 39.57 ? 223 GLN A CD  1 
ATOM   1214 O OE1 . GLN A 1 176 ? -14.846 -0.713  18.996  1.00 42.79 ? 223 GLN A OE1 1 
ATOM   1215 N NE2 . GLN A 1 176 ? -16.811 0.318   19.125  1.00 41.36 ? 223 GLN A NE2 1 
ATOM   1216 N N   . ARG A 1 177 ? -12.390 2.009   14.136  1.00 17.33 ? 224 ARG A N   1 
ATOM   1217 C CA  . ARG A 1 177 ? -11.241 1.576   13.343  1.00 15.66 ? 224 ARG A CA  1 
ATOM   1218 C C   . ARG A 1 177 ? -10.195 2.654   13.151  1.00 14.76 ? 224 ARG A C   1 
ATOM   1219 O O   . ARG A 1 177 ? -10.506 3.845   13.002  1.00 15.35 ? 224 ARG A O   1 
ATOM   1220 C CB  . ARG A 1 177 ? -11.701 1.136   11.986  1.00 14.55 ? 224 ARG A CB  1 
ATOM   1221 C CG  . ARG A 1 177 ? -12.674 0.004   12.114  1.00 12.69 ? 224 ARG A CG  1 
ATOM   1222 C CD  . ARG A 1 177 ? -13.113 -0.214  10.714  1.00 13.10 ? 224 ARG A CD  1 
ATOM   1223 N NE  . ARG A 1 177 ? -14.222 -1.121  10.747  1.00 12.74 ? 224 ARG A NE  1 
ATOM   1224 C CZ  . ARG A 1 177 ? -15.136 -1.094  9.786   1.00 15.10 ? 224 ARG A CZ  1 
ATOM   1225 N NH1 . ARG A 1 177 ? -15.069 -0.244  8.765   1.00 15.77 ? 224 ARG A NH1 1 
ATOM   1226 N NH2 . ARG A 1 177 ? -16.171 -1.924  9.845   1.00 16.25 ? 224 ARG A NH2 1 
ATOM   1227 N N   . SER A 1 178 ? -8.960  2.213   13.164  1.00 13.91 ? 225 SER A N   1 
ATOM   1228 C CA  . SER A 1 178 ? -7.828  3.072   12.901  1.00 15.61 ? 225 SER A CA  1 
ATOM   1229 C C   . SER A 1 178 ? -6.966  2.252   11.965  1.00 13.85 ? 225 SER A C   1 
ATOM   1230 O O   . SER A 1 178 ? -6.308  1.273   12.377  1.00 14.43 ? 225 SER A O   1 
ATOM   1231 C CB  . SER A 1 178 ? -7.075  3.355   14.182  1.00 17.58 ? 225 SER A CB  1 
ATOM   1232 O OG  . SER A 1 178 ? -5.848  4.007   13.863  1.00 22.66 ? 225 SER A OG  1 
ATOM   1233 N N   . SER A 1 179 ? -7.112  2.606   10.705  1.00 11.39 ? 226 SER A N   1 
ATOM   1234 C CA  . SER A 1 179 ? -6.399  1.950   9.657   1.00 11.62 ? 226 SER A CA  1 
ATOM   1235 C C   . SER A 1 179 ? -5.493  3.038   9.125   1.00 11.16 ? 226 SER A C   1 
ATOM   1236 O O   . SER A 1 179 ? -5.963  4.091   8.709   1.00 14.03 ? 226 SER A O   1 
ATOM   1237 C CB  . SER A 1 179 ? -7.400  1.471   8.615   1.00 12.54 ? 226 SER A CB  1 
ATOM   1238 O OG  . SER A 1 179 ? -8.264  0.465   9.116   1.00 13.09 ? 226 SER A OG  1 
ATOM   1239 N N   . LEU A 1 180 ? -4.199  2.815   9.073   1.00 10.93 ? 227 LEU A N   1 
ATOM   1240 C CA  . LEU A 1 180 ? -3.240  3.845   8.760   1.00 9.99  ? 227 LEU A CA  1 
ATOM   1241 C C   . LEU A 1 180 ? -2.521  3.551   7.466   1.00 8.69  ? 227 LEU A C   1 
ATOM   1242 O O   . LEU A 1 180 ? -2.183  2.400   7.161   1.00 8.04  ? 227 LEU A O   1 
ATOM   1243 C CB  . LEU A 1 180 ? -2.238  3.941   9.903   1.00 9.14  ? 227 LEU A CB  1 
ATOM   1244 C CG  . LEU A 1 180 ? -2.821  3.975   11.330  1.00 10.69 ? 227 LEU A CG  1 
ATOM   1245 C CD1 . LEU A 1 180 ? -1.725  3.762   12.388  1.00 10.85 ? 227 LEU A CD1 1 
ATOM   1246 C CD2 . LEU A 1 180 ? -3.532  5.297   11.520  1.00 10.65 ? 227 LEU A CD2 1 
ATOM   1247 N N   . PHE A 1 181 ? -2.281  4.597   6.694   1.00 7.87  ? 228 PHE A N   1 
ATOM   1248 C CA  . PHE A 1 181 ? -1.495  4.500   5.488   1.00 7.90  ? 228 PHE A CA  1 
ATOM   1249 C C   . PHE A 1 181 ? -0.470  5.629   5.441   1.00 7.98  ? 228 PHE A C   1 
ATOM   1250 O O   . PHE A 1 181 ? -0.631  6.715   6.036   1.00 7.84  ? 228 PHE A O   1 
ATOM   1251 C CB  . PHE A 1 181 ? -2.406  4.555   4.244   1.00 7.57  ? 228 PHE A CB  1 
ATOM   1252 C CG  . PHE A 1 181 ? -3.195  5.839   3.955   1.00 7.62  ? 228 PHE A CG  1 
ATOM   1253 C CD1 . PHE A 1 181 ? -2.634  6.845   3.154   1.00 8.24  ? 228 PHE A CD1 1 
ATOM   1254 C CD2 . PHE A 1 181 ? -4.502  5.985   4.439   1.00 6.35  ? 228 PHE A CD2 1 
ATOM   1255 C CE1 . PHE A 1 181 ? -3.389  7.980   2.835   1.00 10.07 ? 228 PHE A CE1 1 
ATOM   1256 C CE2 . PHE A 1 181 ? -5.260  7.114   4.119   1.00 3.97  ? 228 PHE A CE2 1 
ATOM   1257 C CZ  . PHE A 1 181 ? -4.703  8.107   3.319   1.00 8.74  ? 228 PHE A CZ  1 
ATOM   1258 N N   . GLU A 1 182 ? 0.611   5.265   4.744   1.00 7.54  ? 229 GLU A N   1 
ATOM   1259 C CA  . GLU A 1 182 ? 1.760   6.118   4.415   1.00 7.69  ? 229 GLU A CA  1 
ATOM   1260 C C   . GLU A 1 182 ? 1.404   6.902   3.160   1.00 7.65  ? 229 GLU A C   1 
ATOM   1261 O O   . GLU A 1 182 ? 0.982   6.313   2.156   1.00 7.50  ? 229 GLU A O   1 
ATOM   1262 C CB  . GLU A 1 182 ? 2.985   5.213   4.178   1.00 6.82  ? 229 GLU A CB  1 
ATOM   1263 C CG  . GLU A 1 182 ? 4.238   5.881   3.659   1.00 7.59  ? 229 GLU A CG  1 
ATOM   1264 C CD  . GLU A 1 182 ? 5.006   6.619   4.741   1.00 10.01 ? 229 GLU A CD  1 
ATOM   1265 O OE1 . GLU A 1 182 ? 4.423   7.323   5.568   1.00 11.67 ? 229 GLU A OE1 1 
ATOM   1266 O OE2 . GLU A 1 182 ? 6.211   6.458   4.785   1.00 8.39  ? 229 GLU A OE2 1 
ATOM   1267 N N   . ARG A 1 183 ? 1.497   8.218   3.195   1.00 8.01  ? 230 ARG A N   1 
ATOM   1268 C CA  . ARG A 1 183 ? 1.142   9.111   2.092   1.00 8.80  ? 230 ARG A CA  1 
ATOM   1269 C C   . ARG A 1 183 ? 1.993   8.826   0.868   1.00 8.61  ? 230 ARG A C   1 
ATOM   1270 O O   . ARG A 1 183 ? 3.188   8.555   0.989   1.00 9.09  ? 230 ARG A O   1 
ATOM   1271 C CB  . ARG A 1 183 ? 1.357   10.555  2.498   1.00 8.77  ? 230 ARG A CB  1 
ATOM   1272 C CG  . ARG A 1 183 ? 0.486   11.008  3.668   1.00 12.58 ? 230 ARG A CG  1 
ATOM   1273 C CD  . ARG A 1 183 ? 0.992   12.312  4.280   1.00 13.79 ? 230 ARG A CD  1 
ATOM   1274 N NE  . ARG A 1 183 ? 1.054   13.319  3.246   1.00 16.06 ? 230 ARG A NE  1 
ATOM   1275 C CZ  . ARG A 1 183 ? 2.152   14.022  3.010   1.00 18.79 ? 230 ARG A CZ  1 
ATOM   1276 N NH1 . ARG A 1 183 ? 3.266   13.855  3.716   1.00 20.07 ? 230 ARG A NH1 1 
ATOM   1277 N NH2 . ARG A 1 183 ? 2.148   14.875  2.000   1.00 20.31 ? 230 ARG A NH2 1 
ATOM   1278 N N   . LEU A 1 184 ? 1.417   8.889   -0.324  1.00 8.09  ? 231 LEU A N   1 
ATOM   1279 C CA  . LEU A 1 184 ? 2.151   8.554   -1.529  1.00 7.90  ? 231 LEU A CA  1 
ATOM   1280 C C   . LEU A 1 184 ? 3.169   9.600   -1.938  1.00 8.30  ? 231 LEU A C   1 
ATOM   1281 O O   . LEU A 1 184 ? 4.291   9.270   -2.324  1.00 9.05  ? 231 LEU A O   1 
ATOM   1282 C CB  . LEU A 1 184 ? 1.143   8.310   -2.694  1.00 8.23  ? 231 LEU A CB  1 
ATOM   1283 C CG  . LEU A 1 184 ? 1.748   7.879   -4.052  1.00 9.02  ? 231 LEU A CG  1 
ATOM   1284 C CD1 . LEU A 1 184 ? 2.623   6.633   -3.873  1.00 5.81  ? 231 LEU A CD1 1 
ATOM   1285 C CD2 . LEU A 1 184 ? 0.639   7.610   -5.046  1.00 7.11  ? 231 LEU A CD2 1 
ATOM   1286 N N   . GLN A 1 185 ? 2.818   10.882  -1.859  1.00 9.39  ? 232 GLN A N   1 
ATOM   1287 C CA  . GLN A 1 185 ? 3.670   11.956  -2.323  1.00 10.89 ? 232 GLN A CA  1 
ATOM   1288 C C   . GLN A 1 185 ? 5.073   12.001  -1.781  1.00 9.91  ? 232 GLN A C   1 
ATOM   1289 O O   . GLN A 1 185 ? 5.964   12.064  -2.624  1.00 9.43  ? 232 GLN A O   1 
ATOM   1290 C CB  . GLN A 1 185 ? 3.024   13.297  -2.051  1.00 14.86 ? 232 GLN A CB  1 
ATOM   1291 C CG  . GLN A 1 185 ? 1.925   13.560  -3.071  1.00 23.16 ? 232 GLN A CG  1 
ATOM   1292 C CD  . GLN A 1 185 ? 1.118   14.803  -2.729  1.00 28.67 ? 232 GLN A CD  1 
ATOM   1293 O OE1 . GLN A 1 185 ? 1.482   15.631  -1.875  1.00 32.23 ? 232 GLN A OE1 1 
ATOM   1294 N NE2 . GLN A 1 185 ? -0.023  14.962  -3.392  1.00 30.43 ? 232 GLN A NE2 1 
ATOM   1295 N N   . PRO A 1 186 ? 5.379   11.909  -0.495  1.00 9.22  ? 233 PRO A N   1 
ATOM   1296 C CA  . PRO A 1 186 ? 6.745   11.807  -0.023  1.00 8.65  ? 233 PRO A CA  1 
ATOM   1297 C C   . PRO A 1 186 ? 7.498   10.597  -0.565  1.00 8.32  ? 233 PRO A C   1 
ATOM   1298 O O   . PRO A 1 186 ? 8.716   10.674  -0.769  1.00 9.06  ? 233 PRO A O   1 
ATOM   1299 C CB  . PRO A 1 186 ? 6.582   11.811  1.467   1.00 8.98  ? 233 PRO A CB  1 
ATOM   1300 C CG  . PRO A 1 186 ? 5.236   11.189  1.675   1.00 10.59 ? 233 PRO A CG  1 
ATOM   1301 C CD  . PRO A 1 186 ? 4.432   11.897  0.618   1.00 9.03  ? 233 PRO A CD  1 
ATOM   1302 N N   . ILE A 1 187 ? 6.839   9.474   -0.838  1.00 5.61  ? 234 ILE A N   1 
ATOM   1303 C CA  . ILE A 1 187 ? 7.525   8.303   -1.386  1.00 6.72  ? 234 ILE A CA  1 
ATOM   1304 C C   . ILE A 1 187 ? 7.937   8.600   -2.843  1.00 7.16  ? 234 ILE A C   1 
ATOM   1305 O O   . ILE A 1 187 ? 9.045   8.267   -3.295  1.00 7.61  ? 234 ILE A O   1 
ATOM   1306 C CB  . ILE A 1 187 ? 6.606   7.046   -1.388  1.00 5.86  ? 234 ILE A CB  1 
ATOM   1307 C CG1 . ILE A 1 187 ? 6.001   6.825   -0.011  1.00 4.67  ? 234 ILE A CG1 1 
ATOM   1308 C CG2 . ILE A 1 187 ? 7.418   5.842   -1.878  1.00 4.05  ? 234 ILE A CG2 1 
ATOM   1309 C CD1 . ILE A 1 187 ? 5.007   5.632   -0.018  1.00 2.62  ? 234 ILE A CD1 1 
ATOM   1310 N N   . LEU A 1 188 ? 7.052   9.227   -3.614  1.00 5.93  ? 235 LEU A N   1 
ATOM   1311 C CA  . LEU A 1 188 ? 7.360   9.525   -5.002  1.00 6.84  ? 235 LEU A CA  1 
ATOM   1312 C C   . LEU A 1 188 ? 8.504   10.507  -5.107  1.00 6.80  ? 235 LEU A C   1 
ATOM   1313 O O   . LEU A 1 188 ? 9.401   10.315  -5.933  1.00 7.76  ? 235 LEU A O   1 
ATOM   1314 C CB  . LEU A 1 188 ? 6.149   10.132  -5.736  1.00 8.24  ? 235 LEU A CB  1 
ATOM   1315 C CG  . LEU A 1 188 ? 4.858   9.316   -5.838  1.00 10.08 ? 235 LEU A CG  1 
ATOM   1316 C CD1 . LEU A 1 188 ? 3.798   10.089  -6.603  1.00 9.62  ? 235 LEU A CD1 1 
ATOM   1317 C CD2 . LEU A 1 188 ? 5.123   8.037   -6.595  1.00 10.32 ? 235 LEU A CD2 1 
ATOM   1318 N N   . SER A 1 189 ? 8.561   11.557  -4.286  1.00 6.89  ? 236 SER A N   1 
ATOM   1319 C CA  . SER A 1 189 ? 9.647   12.496  -4.440  1.00 8.09  ? 236 SER A CA  1 
ATOM   1320 C C   . SER A 1 189 ? 10.935  11.961  -3.826  1.00 9.07  ? 236 SER A C   1 
ATOM   1321 O O   . SER A 1 189 ? 12.005  12.120  -4.436  1.00 9.65  ? 236 SER A O   1 
ATOM   1322 C CB  . SER A 1 189 ? 9.214   13.820  -3.831  1.00 5.78  ? 236 SER A CB  1 
ATOM   1323 O OG  . SER A 1 189 ? 8.882   13.670  -2.478  1.00 8.71  ? 236 SER A OG  1 
ATOM   1324 N N   . GLN A 1 190 ? 10.859  11.275  -2.677  1.00 8.14  ? 237 GLN A N   1 
ATOM   1325 C CA  . GLN A 1 190 ? 12.037  10.656  -2.096  1.00 9.64  ? 237 GLN A CA  1 
ATOM   1326 C C   . GLN A 1 190 ? 12.739  9.715   -3.076  1.00 10.29 ? 237 GLN A C   1 
ATOM   1327 O O   . GLN A 1 190 ? 13.981  9.696   -3.116  1.00 10.31 ? 237 GLN A O   1 
ATOM   1328 C CB  . GLN A 1 190 ? 11.676  9.868   -0.838  1.00 9.91  ? 237 GLN A CB  1 
ATOM   1329 C CG  . GLN A 1 190 ? 12.976  9.291   -0.300  1.00 13.58 ? 237 GLN A CG  1 
ATOM   1330 C CD  . GLN A 1 190 ? 13.005  8.718   1.096   1.00 14.97 ? 237 GLN A CD  1 
ATOM   1331 O OE1 . GLN A 1 190 ? 12.060  8.687   1.880   1.00 15.47 ? 237 GLN A OE1 1 
ATOM   1332 N NE2 . GLN A 1 190 ? 14.200  8.241   1.400   1.00 17.26 ? 237 GLN A NE2 1 
ATOM   1333 N N   . TYR A 1 191 ? 12.032  8.918   -3.884  1.00 8.40  ? 238 TYR A N   1 
ATOM   1334 C CA  . TYR A 1 191 ? 12.750  8.048   -4.812  1.00 7.34  ? 238 TYR A CA  1 
ATOM   1335 C C   . TYR A 1 191 ? 12.737  8.506   -6.255  1.00 7.13  ? 238 TYR A C   1 
ATOM   1336 O O   . TYR A 1 191 ? 13.263  7.793   -7.105  1.00 7.08  ? 238 TYR A O   1 
ATOM   1337 C CB  . TYR A 1 191 ? 12.177  6.657   -4.726  1.00 7.79  ? 238 TYR A CB  1 
ATOM   1338 C CG  . TYR A 1 191 ? 12.353  6.086   -3.332  1.00 8.39  ? 238 TYR A CG  1 
ATOM   1339 C CD1 . TYR A 1 191 ? 13.622  6.024   -2.773  1.00 7.79  ? 238 TYR A CD1 1 
ATOM   1340 C CD2 . TYR A 1 191 ? 11.246  5.633   -2.621  1.00 11.52 ? 238 TYR A CD2 1 
ATOM   1341 C CE1 . TYR A 1 191 ? 13.781  5.505   -1.494  1.00 10.24 ? 238 TYR A CE1 1 
ATOM   1342 C CE2 . TYR A 1 191 ? 11.404  5.106   -1.332  1.00 12.15 ? 238 TYR A CE2 1 
ATOM   1343 C CZ  . TYR A 1 191 ? 12.677  5.053   -0.782  1.00 11.37 ? 238 TYR A CZ  1 
ATOM   1344 O OH  . TYR A 1 191 ? 12.855  4.574   0.500   1.00 13.72 ? 238 TYR A OH  1 
ATOM   1345 N N   . GLY A 1 192 ? 12.172  9.675   -6.594  1.00 6.13  ? 239 GLY A N   1 
ATOM   1346 C CA  . GLY A 1 192 ? 12.169  10.174  -7.964  1.00 5.47  ? 239 GLY A CA  1 
ATOM   1347 C C   . GLY A 1 192 ? 11.307  9.290   -8.842  1.00 6.82  ? 239 GLY A C   1 
ATOM   1348 O O   . GLY A 1 192 ? 11.679  9.033   -9.987  1.00 8.56  ? 239 GLY A O   1 
ATOM   1349 N N   . LEU A 1 193 ? 10.150  8.823   -8.358  1.00 7.60  ? 240 LEU A N   1 
ATOM   1350 C CA  . LEU A 1 193 ? 9.300   7.867   -9.061  1.00 8.44  ? 240 LEU A CA  1 
ATOM   1351 C C   . LEU A 1 193 ? 8.169   8.591   -9.772  1.00 9.43  ? 240 LEU A C   1 
ATOM   1352 O O   . LEU A 1 193 ? 7.736   9.646   -9.310  1.00 11.39 ? 240 LEU A O   1 
ATOM   1353 C CB  . LEU A 1 193 ? 8.706   6.888   -8.074  1.00 5.42  ? 240 LEU A CB  1 
ATOM   1354 C CG  . LEU A 1 193 ? 9.738   6.197   -7.210  1.00 6.17  ? 240 LEU A CG  1 
ATOM   1355 C CD1 . LEU A 1 193 ? 9.039   5.373   -6.167  1.00 4.35  ? 240 LEU A CD1 1 
ATOM   1356 C CD2 . LEU A 1 193 ? 10.662  5.374   -8.075  1.00 5.17  ? 240 LEU A CD2 1 
ATOM   1357 N N   . SER A 1 194 ? 7.694   8.139   -10.904 1.00 9.57  ? 241 SER A N   1 
ATOM   1358 C CA  . SER A 1 194 ? 6.522   8.745   -11.498 1.00 11.27 ? 241 SER A CA  1 
ATOM   1359 C C   . SER A 1 194 ? 5.450   7.684   -11.518 1.00 10.31 ? 241 SER A C   1 
ATOM   1360 O O   . SER A 1 194 ? 5.685   6.518   -11.826 1.00 11.66 ? 241 SER A O   1 
ATOM   1361 C CB  . SER A 1 194 ? 6.872   9.202   -12.890 1.00 14.65 ? 241 SER A CB  1 
ATOM   1362 O OG  . SER A 1 194 ? 7.925   10.178  -12.769 1.00 19.02 ? 241 SER A OG  1 
ATOM   1363 N N   . LEU A 1 195 ? 4.263   8.043   -11.101 1.00 10.41 ? 242 LEU A N   1 
ATOM   1364 C CA  . LEU A 1 195 ? 3.133   7.147   -11.039 1.00 9.56  ? 242 LEU A CA  1 
ATOM   1365 C C   . LEU A 1 195 ? 2.669   6.793   -12.439 1.00 9.66  ? 242 LEU A C   1 
ATOM   1366 O O   . LEU A 1 195 ? 2.582   7.669   -13.294 1.00 10.01 ? 242 LEU A O   1 
ATOM   1367 C CB  . LEU A 1 195 ? 2.056   7.870   -10.265 1.00 8.95  ? 242 LEU A CB  1 
ATOM   1368 C CG  . LEU A 1 195 ? 0.846   7.161   -9.691  1.00 9.65  ? 242 LEU A CG  1 
ATOM   1369 C CD1 . LEU A 1 195 ? 1.232   6.106   -8.646  1.00 6.68  ? 242 LEU A CD1 1 
ATOM   1370 C CD2 . LEU A 1 195 ? -0.013  8.244   -9.044  1.00 8.80  ? 242 LEU A CD2 1 
ATOM   1371 N N   . VAL A 1 196 ? 2.370   5.530   -12.714 1.00 10.66 ? 243 VAL A N   1 
ATOM   1372 C CA  . VAL A 1 196 ? 1.800   5.111   -14.002 1.00 10.38 ? 243 VAL A CA  1 
ATOM   1373 C C   . VAL A 1 196 ? 0.308   5.466   -13.946 1.00 11.94 ? 243 VAL A C   1 
ATOM   1374 O O   . VAL A 1 196 ? -0.350  5.005   -13.000 1.00 11.07 ? 243 VAL A O   1 
ATOM   1375 C CB  . VAL A 1 196 ? 2.023   3.586   -14.163 1.00 8.89  ? 243 VAL A CB  1 
ATOM   1376 C CG1 . VAL A 1 196 ? 1.333   3.127   -15.436 1.00 10.03 ? 243 VAL A CG1 1 
ATOM   1377 C CG2 . VAL A 1 196 ? 3.515   3.249   -14.291 1.00 5.22  ? 243 VAL A CG2 1 
ATOM   1378 N N   . THR A 1 197 ? -0.278  6.253   -14.865 1.00 12.26 ? 244 THR A N   1 
ATOM   1379 C CA  . THR A 1 197 ? -1.686  6.664   -14.812 1.00 12.08 ? 244 THR A CA  1 
ATOM   1380 C C   . THR A 1 197 ? -2.438  6.334   -16.098 1.00 11.59 ? 244 THR A C   1 
ATOM   1381 O O   . THR A 1 197 ? -1.812  5.975   -17.101 1.00 10.18 ? 244 THR A O   1 
ATOM   1382 C CB  . THR A 1 197 ? -1.802  8.189   -14.540 1.00 12.69 ? 244 THR A CB  1 
ATOM   1383 O OG1 . THR A 1 197 ? -1.144  8.861   -15.611 1.00 12.55 ? 244 THR A OG1 1 
ATOM   1384 C CG2 . THR A 1 197 ? -1.176  8.601   -13.217 1.00 11.57 ? 244 THR A CG2 1 
ATOM   1385 N N   . GLY A 1 198 ? -3.755  6.351   -16.127 1.00 12.27 ? 245 GLY A N   1 
ATOM   1386 C CA  . GLY A 1 198 ? -4.448  5.990   -17.331 1.00 13.70 ? 245 GLY A CA  1 
ATOM   1387 C C   . GLY A 1 198 ? -5.740  6.750   -17.482 1.00 16.35 ? 245 GLY A C   1 
ATOM   1388 O O   . GLY A 1 198 ? -6.641  6.229   -18.128 1.00 19.78 ? 245 GLY A O   1 
ATOM   1389 O OXT . GLY A 1 198 ? -5.873  7.850   -16.963 1.00 17.74 ? 245 GLY A OXT 1 
ATOM   1390 N N   . ALA B 2 2   ? -2.186  -0.515  17.313  0.80 27.61 ? 4   ALA P N   1 
ATOM   1391 C CA  . ALA B 2 2   ? -2.187  -0.702  15.874  0.80 27.46 ? 4   ALA P CA  1 
ATOM   1392 C C   . ALA B 2 2   ? -0.929  -1.517  15.651  0.80 25.82 ? 4   ALA P C   1 
ATOM   1393 O O   . ALA B 2 2   ? 0.009   -1.346  16.434  0.80 26.45 ? 4   ALA P O   1 
ATOM   1394 C CB  . ALA B 2 2   ? -2.048  0.612   15.101  0.80 27.66 ? 4   ALA P CB  1 
ATOM   1395 N N   . ALA B 2 3   ? -0.923  -2.411  14.679  0.80 24.39 ? 3   ALA P N   1 
ATOM   1396 C CA  . ALA B 2 3   ? 0.224   -3.263  14.418  0.80 22.55 ? 3   ALA P CA  1 
ATOM   1397 C C   . ALA B 2 3   ? 0.432   -3.259  12.908  0.80 21.42 ? 3   ALA P C   1 
ATOM   1398 O O   . ALA B 2 3   ? -0.572  -3.048  12.209  0.80 19.36 ? 3   ALA P O   1 
ATOM   1399 C CB  . ALA B 2 3   ? -0.094  -4.654  14.892  0.80 22.66 ? 3   ALA P CB  1 
ATOM   1400 N N   . PRO B 2 4   ? 1.657   -3.420  12.349  0.80 21.12 ? 2   PRO P N   1 
ATOM   1401 C CA  . PRO B 2 4   ? 1.933   -3.433  10.906  0.80 20.48 ? 2   PRO P CA  1 
ATOM   1402 C C   . PRO B 2 4   ? 1.169   -4.558  10.204  0.80 21.12 ? 2   PRO P C   1 
ATOM   1403 O O   . PRO B 2 4   ? 0.993   -5.645  10.774  0.80 21.89 ? 2   PRO P O   1 
ATOM   1404 C CB  . PRO B 2 4   ? 3.424   -3.625  10.780  0.80 20.35 ? 2   PRO P CB  1 
ATOM   1405 C CG  . PRO B 2 4   ? 3.973   -3.304  12.128  0.80 20.40 ? 2   PRO P CG  1 
ATOM   1406 C CD  . PRO B 2 4   ? 2.871   -3.816  13.059  0.80 20.24 ? 2   PRO P CD  1 
HETATM 1407 N N   . B2F B 2 5   ? 0.726   -4.322  8.969   0.80 20.70 ? 1   B2F P N   1 
HETATM 1408 C CA  . B2F B 2 5   ? -0.009  -5.279  8.176   0.80 19.07 ? 1   B2F P CA  1 
HETATM 1409 C CB  . B2F B 2 5   ? -1.359  -4.626  7.809   0.80 22.90 ? 1   B2F P CB  1 
HETATM 1410 C CG  . B2F B 2 5   ? -2.389  -4.695  8.910   0.80 24.29 ? 1   B2F P CG  1 
HETATM 1411 C CD1 . B2F B 2 5   ? -3.713  -4.505  8.563   0.80 25.65 ? 1   B2F P CD1 1 
HETATM 1412 C CD2 . B2F B 2 5   ? -2.044  -4.948  10.244  0.80 25.41 ? 1   B2F P CD2 1 
HETATM 1413 C CE1 . B2F B 2 5   ? -4.694  -4.577  9.558   0.80 27.96 ? 1   B2F P CE1 1 
HETATM 1414 C CE2 . B2F B 2 5   ? -3.018  -5.018  11.231  0.80 26.69 ? 1   B2F P CE2 1 
HETATM 1415 C CZ  . B2F B 2 5   ? -4.353  -4.834  10.887  0.80 27.12 ? 1   B2F P CZ  1 
HETATM 1416 B B   . B2F B 2 5   ? 0.817   -5.711  6.925   0.80 15.79 ? 1   B2F P B   1 
HETATM 1417 O O1  . B2F B 2 5   ? 0.057   -6.742  6.269   0.80 17.12 ? 1   B2F P O1  1 
HETATM 1418 O O2  . B2F B 2 5   ? 1.929   -6.424  7.441   0.80 15.61 ? 1   B2F P O2  1 
HETATM 1419 S S   . SO4 C 3 .   ? -2.623  -14.667 9.706   1.00 39.06 ? 1   SO4 A S   1 
HETATM 1420 O O1  . SO4 C 3 .   ? -3.696  -15.330 9.033   1.00 39.06 ? 1   SO4 A O1  1 
HETATM 1421 O O2  . SO4 C 3 .   ? -2.734  -13.274 9.461   1.00 39.06 ? 1   SO4 A O2  1 
HETATM 1422 O O3  . SO4 C 3 .   ? -1.379  -15.155 9.211   1.00 39.06 ? 1   SO4 A O3  1 
HETATM 1423 O O4  . SO4 C 3 .   ? -2.745  -14.893 11.090  1.00 39.06 ? 1   SO4 A O4  1 
HETATM 1424 S S   . SO4 D 3 .   ? 6.072   16.086  1.756   1.00 52.13 ? 2   SO4 A S   1 
HETATM 1425 O O1  . SO4 D 3 .   ? 6.856   17.275  1.887   1.00 51.97 ? 2   SO4 A O1  1 
HETATM 1426 O O2  . SO4 D 3 .   ? 5.641   15.692  3.035   1.00 52.11 ? 2   SO4 A O2  1 
HETATM 1427 O O3  . SO4 D 3 .   ? 4.962   16.265  0.889   1.00 52.71 ? 2   SO4 A O3  1 
HETATM 1428 O O4  . SO4 D 3 .   ? 6.898   15.081  1.184   1.00 53.52 ? 2   SO4 A O4  1 
HETATM 1429 O O   . HOH E 4 .   ? -6.004  13.465  -12.468 1.00 36.31 ? 246 HOH A O   1 
HETATM 1430 O O   . HOH E 4 .   ? 4.835   -2.087  -18.635 0.99 34.75 ? 247 HOH A O   1 
HETATM 1431 O O   . HOH E 4 .   ? -7.976  13.496  -4.327  1.00 33.18 ? 248 HOH A O   1 
HETATM 1432 O O   . HOH E 4 .   ? -7.693  15.746  -8.437  1.00 27.42 ? 249 HOH A O   1 
HETATM 1433 O O   . HOH E 4 .   ? -4.458  -2.441  1.451   0.99 22.88 ? 250 HOH A O   1 
HETATM 1434 O O   . HOH E 4 .   ? 14.186  -15.970 -1.652  1.00 42.55 ? 251 HOH A O   1 
HETATM 1435 O O   . HOH E 4 .   ? 4.321   -17.413 2.022   1.00 32.73 ? 252 HOH A O   1 
HETATM 1436 O O   . HOH E 4 .   ? 12.697  -2.508  -14.968 1.00 32.72 ? 253 HOH A O   1 
HETATM 1437 O O   . HOH E 4 .   ? 1.225   11.682  -9.589  1.00 39.64 ? 254 HOH A O   1 
HETATM 1438 O O   . HOH E 4 .   ? -3.105  12.034  3.594   1.00 25.31 ? 255 HOH A O   1 
HETATM 1439 O O   . HOH E 4 .   ? -10.842 6.279   -11.801 0.73 30.73 ? 256 HOH A O   1 
HETATM 1440 O O   . HOH E 4 .   ? 3.688   10.897  -10.720 1.00 30.53 ? 257 HOH A O   1 
HETATM 1441 O O   . HOH E 4 .   ? 1.190   -13.965 -5.657  0.73 35.30 ? 258 HOH A O   1 
HETATM 1442 O O   . HOH E 4 .   ? -16.458 5.621   1.547   1.00 44.07 ? 259 HOH A O   1 
HETATM 1443 O O   . HOH E 4 .   ? -15.717 2.488   6.731   0.93 48.11 ? 260 HOH A O   1 
HETATM 1444 O O   . HOH E 4 .   ? 13.084  5.276   13.002  0.80 38.65 ? 261 HOH A O   1 
HETATM 1445 O O   . HOH E 4 .   ? 3.821   -14.327 -12.364 0.90 46.71 ? 262 HOH A O   1 
HETATM 1446 O O   . HOH E 4 .   ? -2.173  17.180  -3.648  0.81 34.80 ? 263 HOH A O   1 
HETATM 1447 O O   . HOH E 4 .   ? -14.350 -1.073  5.290   1.00 29.67 ? 264 HOH A O   1 
HETATM 1448 O O   . HOH E 4 .   ? 10.015  7.823   -14.676 0.65 27.27 ? 265 HOH A O   1 
HETATM 1449 O O   . HOH E 4 .   ? -8.006  -6.340  -3.546  0.85 29.85 ? 266 HOH A O   1 
HETATM 1450 O O   . HOH E 4 .   ? 11.106  5.158   15.128  0.97 39.24 ? 267 HOH A O   1 
HETATM 1451 O O   . HOH E 4 .   ? 14.804  2.197   7.502   0.67 33.07 ? 268 HOH A O   1 
HETATM 1452 O O   . HOH E 4 .   ? 15.240  4.491   1.578   0.79 28.42 ? 269 HOH A O   1 
HETATM 1453 O O   . HOH E 4 .   ? 0.929   -11.312 -17.085 1.00 46.29 ? 270 HOH A O   1 
HETATM 1454 O O   . HOH E 4 .   ? -9.265  0.517   -15.038 0.68 26.40 ? 271 HOH A O   1 
HETATM 1455 O O   . HOH E 4 .   ? 2.763   9.522   5.540   1.00 25.05 ? 272 HOH A O   1 
HETATM 1456 O O   . HOH E 4 .   ? -14.724 2.987   -5.534  1.00 50.20 ? 273 HOH A O   1 
HETATM 1457 O O   . HOH E 4 .   ? 16.908  2.116   1.348   0.63 27.29 ? 274 HOH A O   1 
HETATM 1458 O O   . HOH E 4 .   ? -0.455  15.787  4.468   0.55 42.45 ? 275 HOH A O   1 
HETATM 1459 O O   . HOH E 4 .   ? -16.255 -1.300  2.118   0.66 30.50 ? 276 HOH A O   1 
HETATM 1460 O O   . HOH E 4 .   ? 10.439  9.041   -12.383 0.75 32.03 ? 277 HOH A O   1 
HETATM 1461 O O   . HOH E 4 .   ? 13.856  -1.323  15.000  0.74 43.00 ? 278 HOH A O   1 
HETATM 1462 O O   . HOH E 4 .   ? 2.765   11.824  13.513  0.96 37.95 ? 279 HOH A O   1 
HETATM 1463 O O   . HOH E 4 .   ? 17.210  -3.112  4.785   1.00 44.39 ? 280 HOH A O   1 
HETATM 1464 O O   . HOH E 4 .   ? 6.862   15.554  -1.627  0.90 34.21 ? 281 HOH A O   1 
HETATM 1465 O O   . HOH E 4 .   ? -10.485 -6.887  -4.612  1.00 27.76 ? 282 HOH A O   1 
HETATM 1466 O O   . HOH E 4 .   ? 5.755   14.465  -4.636  0.83 34.56 ? 283 HOH A O   1 
HETATM 1467 O O   . HOH E 4 .   ? -14.667 -5.574  -4.406  1.00 32.07 ? 284 HOH A O   1 
HETATM 1468 O O   . HOH E 4 .   ? 15.970  4.243   -4.650  0.94 33.44 ? 285 HOH A O   1 
HETATM 1469 O O   . HOH E 4 .   ? -9.350  -7.217  -10.149 0.89 33.79 ? 286 HOH A O   1 
HETATM 1470 O O   . HOH E 4 .   ? 6.010   8.338   7.547   1.00 27.90 ? 287 HOH A O   1 
HETATM 1471 O O   . HOH E 4 .   ? -14.035 -0.179  -9.804  0.64 42.90 ? 288 HOH A O   1 
HETATM 1472 O O   . HOH E 4 .   ? -9.410  -8.915  -6.506  0.95 43.02 ? 289 HOH A O   1 
HETATM 1473 O O   . HOH E 4 .   ? -13.122 -7.095  -2.825  0.69 30.12 ? 290 HOH A O   1 
HETATM 1474 O O   . HOH E 4 .   ? -10.776 5.783   15.599  0.81 47.06 ? 291 HOH A O   1 
HETATM 1475 O O   . HOH E 4 .   ? -10.475 12.267  -5.719  1.00 33.10 ? 292 HOH A O   1 
HETATM 1476 O O   . HOH E 4 .   ? -13.931 6.219   12.598  0.97 50.41 ? 293 HOH A O   1 
HETATM 1477 O O   . HOH E 4 .   ? -4.378  14.801  -10.252 0.84 35.83 ? 294 HOH A O   1 
HETATM 1478 O O   . HOH E 4 .   ? -12.427 13.190  11.211  0.88 48.59 ? 295 HOH A O   1 
HETATM 1479 O O   . HOH E 4 .   ? 13.067  -16.177 3.723   0.87 32.57 ? 296 HOH A O   1 
HETATM 1480 O O   . HOH E 4 .   ? -5.424  12.023  2.021   0.68 29.31 ? 297 HOH A O   1 
HETATM 1481 O O   . HOH E 4 .   ? -4.975  -13.750 15.668  1.00 38.99 ? 298 HOH A O   1 
HETATM 1482 O O   . HOH E 4 .   ? -16.733 -6.066  2.077   0.89 50.44 ? 299 HOH A O   1 
HETATM 1483 O O   . HOH E 4 .   ? -11.496 18.477  5.493   0.54 33.85 ? 300 HOH A O   1 
HETATM 1484 O O   . HOH E 4 .   ? 5.031   -18.506 -0.325  0.76 47.03 ? 301 HOH A O   1 
HETATM 1485 O O   . HOH E 4 .   ? 4.123   -15.346 -5.150  1.00 45.82 ? 302 HOH A O   1 
HETATM 1486 O O   . HOH E 4 .   ? -16.717 -4.124  -3.409  0.86 36.16 ? 303 HOH A O   1 
HETATM 1487 O O   . HOH E 4 .   ? 11.311  -4.610  18.997  0.53 36.16 ? 304 HOH A O   1 
HETATM 1488 O O   . HOH E 4 .   ? -8.463  -11.232 8.096   0.79 40.16 ? 305 HOH A O   1 
HETATM 1489 O O   . HOH E 4 .   ? 13.534  -9.471  4.136   0.88 48.70 ? 306 HOH A O   1 
HETATM 1490 O O   . HOH E 4 .   ? -19.475 3.182   13.077  0.72 47.63 ? 307 HOH A O   1 
HETATM 1491 O O   . HOH E 4 .   ? 14.055  4.528   10.345  1.00 52.70 ? 308 HOH A O   1 
HETATM 1492 O O   . HOH E 4 .   ? 16.265  9.194   -1.983  0.87 46.83 ? 309 HOH A O   1 
HETATM 1493 O O   . HOH E 4 .   ? 5.845   11.618  -9.261  0.75 28.64 ? 310 HOH A O   1 
HETATM 1494 O O   . HOH E 4 .   ? -12.595 -11.088 16.236  1.00 50.00 ? 311 HOH A O   1 
HETATM 1495 O O   . HOH E 4 .   ? 16.176  -0.236  -15.878 0.93 40.44 ? 312 HOH A O   1 
HETATM 1496 O O   . HOH E 4 .   ? 0.929   -9.266  -19.796 0.96 46.97 ? 313 HOH A O   1 
HETATM 1497 O O   . HOH E 4 .   ? -5.921  15.542  11.359  0.52 30.13 ? 314 HOH A O   1 
HETATM 1498 O O   . HOH E 4 .   ? -4.139  -10.919 -4.967  0.78 35.54 ? 315 HOH A O   1 
HETATM 1499 O O   . HOH E 4 .   ? -5.934  -8.881  -4.257  0.62 39.47 ? 316 HOH A O   1 
HETATM 1500 O O   . HOH E 4 .   ? -11.783 3.194   -13.950 1.00 42.59 ? 317 HOH A O   1 
HETATM 1501 O O   . HOH E 4 .   ? -16.710 -1.564  -10.944 0.69 53.11 ? 318 HOH A O   1 
HETATM 1502 O O   . HOH E 4 .   ? 7.599   12.124  4.913   0.64 30.34 ? 319 HOH A O   1 
HETATM 1503 O O   . HOH E 4 .   ? -16.414 -3.091  -14.035 0.68 39.57 ? 320 HOH A O   1 
HETATM 1504 O O   . HOH E 4 .   ? 17.288  -8.402  2.236   0.78 41.70 ? 321 HOH A O   1 
HETATM 1505 O O   . HOH E 4 .   ? -8.437  -9.634  -2.023  0.64 34.46 ? 322 HOH A O   1 
HETATM 1506 O O   . HOH E 4 .   ? 0.406   14.663  6.909   1.00 41.41 ? 323 HOH A O   1 
HETATM 1507 O O   . HOH E 4 .   ? -6.869  -8.376  -9.949  0.66 33.40 ? 324 HOH A O   1 
HETATM 1508 O O   . HOH E 4 .   ? -15.124 -6.261  -0.810  1.00 62.08 ? 325 HOH A O   1 
HETATM 1509 O O   . HOH E 4 .   ? -5.732  17.094  -10.335 1.00 57.85 ? 326 HOH A O   1 
HETATM 1510 O O   . HOH E 4 .   ? 15.607  -6.855  -16.676 1.00 49.44 ? 327 HOH A O   1 
HETATM 1511 O O   . HOH E 4 .   ? 5.503   -13.238 -14.165 0.89 46.53 ? 328 HOH A O   1 
HETATM 1512 O O   . HOH E 4 .   ? 8.409   -7.120  15.218  0.74 50.29 ? 329 HOH A O   1 
HETATM 1513 O O   . HOH E 4 .   ? 10.852  -6.619  7.269   0.62 50.45 ? 330 HOH A O   1 
HETATM 1514 O O   . HOH E 4 .   ? -11.158 0.229   -17.048 0.50 38.00 ? 331 HOH A O   1 
HETATM 1515 O O   . HOH E 4 .   ? -1.014  -12.060 -7.019  0.79 29.30 ? 332 HOH A O   1 
HETATM 1516 O O   . HOH E 4 .   ? -12.432 -7.537  13.336  0.96 25.65 ? 333 HOH A O   1 
HETATM 1517 O O   . HOH E 4 .   ? -0.600  12.184  7.379   1.00 24.92 ? 334 HOH A O   1 
HETATM 1518 O O   . HOH E 4 .   ? -14.074 12.308  8.962   0.81 44.22 ? 335 HOH A O   1 
HETATM 1519 O O   . HOH E 4 .   ? 6.401   -17.477 -2.644  0.65 39.75 ? 336 HOH A O   1 
HETATM 1520 O O   . HOH E 4 .   ? 0.184   11.797  -0.733  1.00 27.41 ? 337 HOH A O   1 
HETATM 1521 O O   . HOH E 4 .   ? -2.580  18.199  -7.094  0.81 52.83 ? 338 HOH A O   1 
HETATM 1522 O O   . HOH E 4 .   ? -17.112 5.210   7.172   0.76 45.39 ? 339 HOH A O   1 
HETATM 1523 O O   . HOH E 4 .   ? 11.115  -8.866  5.615   0.63 40.70 ? 340 HOH A O   1 
HETATM 1524 O O   . HOH E 4 .   ? -1.076  0.867   -10.014 0.92 25.69 ? 341 HOH A O   1 
HETATM 1525 O O   . HOH E 4 .   ? 5.372   6.818   -15.606 0.97 56.03 ? 342 HOH A O   1 
HETATM 1526 O O   . HOH E 4 .   ? 4.170   -9.738  -17.547 0.67 42.09 ? 343 HOH A O   1 
HETATM 1527 O O   . HOH E 4 .   ? -6.796  -9.061  -7.352  0.79 47.83 ? 344 HOH A O   1 
HETATM 1528 O O   . HOH E 4 .   ? -9.989  12.507  -10.020 0.79 48.13 ? 345 HOH A O   1 
HETATM 1529 O O   . HOH E 4 .   ? 15.056  -9.201  -10.157 0.78 52.69 ? 346 HOH A O   1 
HETATM 1530 O O   . HOH E 4 .   ? -17.392 0.245   -3.503  0.70 49.89 ? 347 HOH A O   1 
HETATM 1531 O O   . HOH E 4 .   ? -13.718 8.012   -2.868  0.76 39.14 ? 348 HOH A O   1 
HETATM 1532 O O   . HOH E 4 .   ? -6.831  18.162  5.686   1.00 45.98 ? 349 HOH A O   1 
HETATM 1533 O O   . HOH E 4 .   ? 16.503  3.538   -12.164 1.00 41.07 ? 350 HOH A O   1 
HETATM 1534 O O   . HOH E 4 .   ? 3.898   16.882  -2.321  0.87 54.01 ? 351 HOH A O   1 
HETATM 1535 O O   . HOH E 4 .   ? -16.155 -3.007  -0.875  1.00 59.05 ? 352 HOH A O   1 
HETATM 1536 O O   . HOH E 4 .   ? 5.653   11.187  6.631   0.45 34.18 ? 353 HOH A O   1 
HETATM 1537 O O   . HOH E 4 .   ? 8.389   -12.929 -13.726 0.61 35.86 ? 354 HOH A O   1 
HETATM 1538 O O   . HOH E 4 .   ? -6.482  10.351  -16.480 0.54 36.19 ? 355 HOH A O   1 
HETATM 1539 O O   . HOH E 4 .   ? -1.604  11.481  -2.616  1.00 32.16 ? 356 HOH A O   1 
HETATM 1540 O O   . HOH E 4 .   ? -13.504 10.500  -5.128  0.88 52.61 ? 357 HOH A O   1 
HETATM 1541 O O   . HOH E 4 .   ? -2.453  11.055  0.983   0.79 44.00 ? 358 HOH A O   1 
HETATM 1542 O O   . HOH E 4 .   ? -10.437 -9.545  19.755  0.91 63.75 ? 359 HOH A O   1 
HETATM 1543 O O   . HOH E 4 .   ? 2.491   -15.899 -3.059  0.63 42.59 ? 360 HOH A O   1 
HETATM 1544 O O   . HOH E 4 .   ? -4.950  1.723   -20.621 0.96 55.66 ? 361 HOH A O   1 
HETATM 1545 O O   . HOH E 4 .   ? -6.359  3.957   -19.617 0.80 50.50 ? 362 HOH A O   1 
HETATM 1546 O O   . HOH E 4 .   ? -4.658  18.559  -2.101  0.74 47.61 ? 363 HOH A O   1 
HETATM 1547 O O   . HOH E 4 .   ? -13.990 -8.681  15.943  0.93 37.47 ? 364 HOH A O   1 
HETATM 1548 O O   . HOH E 4 .   ? 16.302  2.944   5.197   0.51 37.01 ? 365 HOH A O   1 
HETATM 1549 O O   . HOH E 4 .   ? -1.442  -9.948  -11.953 0.64 38.13 ? 366 HOH A O   1 
HETATM 1550 O O   . HOH E 4 .   ? 14.743  -0.973  10.598  0.66 49.53 ? 367 HOH A O   1 
HETATM 1551 O O   . HOH E 4 .   ? -1.356  -11.913 -9.967  0.65 33.90 ? 368 HOH A O   1 
HETATM 1552 O O   . HOH E 4 .   ? 18.339  1.733   -1.172  0.63 47.84 ? 369 HOH A O   1 
HETATM 1553 O O   . HOH E 4 .   ? 18.751  -5.027  3.521   0.67 54.54 ? 370 HOH A O   1 
HETATM 1554 O O   . HOH E 4 .   ? -16.972 -1.945  -5.045  0.82 45.20 ? 371 HOH A O   1 
HETATM 1555 O O   . HOH E 4 .   ? 8.608   -3.754  -21.601 0.64 63.54 ? 372 HOH A O   1 
HETATM 1556 O O   . HOH E 4 .   ? 15.652  8.729   -9.158  0.73 50.69 ? 373 HOH A O   1 
HETATM 1557 O O   . HOH E 4 .   ? -15.972 15.460  3.046   0.59 46.58 ? 374 HOH A O   1 
HETATM 1558 O O   . HOH E 4 .   ? -13.325 17.431  7.378   0.65 58.69 ? 375 HOH A O   1 
HETATM 1559 O O   . HOH E 4 .   ? 11.513  -20.447 -5.057  0.71 49.86 ? 376 HOH A O   1 
HETATM 1560 O O   . HOH E 4 .   ? 1.775   -0.824  -19.442 0.66 52.49 ? 377 HOH A O   1 
HETATM 1561 O O   . HOH E 4 .   ? -1.507  4.124   -18.981 0.59 46.68 ? 378 HOH A O   1 
HETATM 1562 O O   . HOH E 4 .   ? 10.081  -12.356 4.359   0.55 31.84 ? 379 HOH A O   1 
HETATM 1563 O O   . HOH E 4 .   ? 15.641  -3.102  -15.580 1.00 66.21 ? 380 HOH A O   1 
HETATM 1564 O O   . HOH E 4 .   ? 13.799  -12.332 5.667   0.70 51.46 ? 381 HOH A O   1 
HETATM 1565 O O   . HOH E 4 .   ? 14.847  -4.052  -11.758 0.79 50.15 ? 382 HOH A O   1 
HETATM 1566 O O   . HOH E 4 .   ? 15.445  3.078   12.306  0.66 52.17 ? 383 HOH A O   1 
HETATM 1567 O O   . HOH E 4 .   ? 17.757  4.295   -2.533  0.58 45.50 ? 384 HOH A O   1 
HETATM 1568 O O   . HOH E 4 .   ? -0.135  3.302   -10.925 1.00 13.21 ? 385 HOH A O   1 
HETATM 1569 O O   . HOH E 4 .   ? 1.922   -9.344  6.003   1.00 48.31 ? 386 HOH A O   1 
HETATM 1570 O O   . HOH E 4 .   ? 4.446   -8.913  6.744   1.00 77.03 ? 387 HOH A O   1 
HETATM 1571 O O   . HOH E 4 .   ? -0.860  -8.653  14.226  1.00 37.62 ? 388 HOH A O   1 
HETATM 1572 O O   . HOH E 4 .   ? -3.075  -13.173 6.494   1.00 47.48 ? 389 HOH A O   1 
HETATM 1573 O O   . HOH E 4 .   ? -5.676  -12.484 8.228   1.00 50.66 ? 390 HOH A O   1 
HETATM 1574 O O   . HOH E 4 .   ? -5.000  -14.986 5.456   1.00 38.55 ? 391 HOH A O   1 
HETATM 1575 O O   . HOH E 4 .   ? 3.523   -3.924  16.517  1.00 35.62 ? 392 HOH A O   1 
HETATM 1576 O O   . HOH E 4 .   ? 9.068   -14.076 -2.488  1.00 23.47 ? 393 HOH A O   1 
HETATM 1577 O O   . HOH E 4 .   ? -1.135  -17.293 -0.878  1.00 67.93 ? 394 HOH A O   1 
HETATM 1578 O O   . HOH E 4 .   ? -1.300  -15.432 -6.322  1.00 60.80 ? 395 HOH A O   1 
HETATM 1579 O O   . HOH E 4 .   ? -11.935 -11.210 -5.228  1.00 63.61 ? 396 HOH A O   1 
HETATM 1580 O O   . HOH E 4 .   ? -12.999 -9.990  -0.283  1.00 81.05 ? 397 HOH A O   1 
HETATM 1581 O O   . HOH E 4 .   ? 10.821  11.763  -12.436 1.00 61.60 ? 398 HOH A O   1 
HETATM 1582 O O   . HOH F 4 .   ? 0.300   -7.996  11.528  1.00 45.35 ? 145 HOH P O   1 
HETATM 1583 O O   . HOH F 4 .   ? 4.860   -7.355  10.230  1.00 46.98 ? 147 HOH P O   1 
HETATM 1584 O O   . HOH F 4 .   ? 0.400   -8.242  8.433   1.00 81.00 ? 152 HOH P O   1 
# 
